data_2DWK
# 
_entry.id   2DWK 
# 
_audit_conform.dict_name       mmcif_pdbx.dic 
_audit_conform.dict_version    5.397 
_audit_conform.dict_location   http://mmcif.pdb.org/dictionaries/ascii/mmcif_pdbx.dic 
# 
loop_
_database_2.database_id 
_database_2.database_code 
_database_2.pdbx_database_accession 
_database_2.pdbx_DOI 
PDB   2DWK         pdb_00002dwk 10.2210/pdb2dwk/pdb 
RCSB  RCSB025931   ?            ?                   
WWPDB D_1000025931 ?            ?                   
# 
loop_
_pdbx_audit_revision_history.ordinal 
_pdbx_audit_revision_history.data_content_type 
_pdbx_audit_revision_history.major_revision 
_pdbx_audit_revision_history.minor_revision 
_pdbx_audit_revision_history.revision_date 
1 'Structure model' 1 0 2006-08-29 
2 'Structure model' 1 1 2008-04-30 
3 'Structure model' 1 2 2011-07-13 
4 'Structure model' 1 3 2024-10-23 
# 
_pdbx_audit_revision_details.ordinal             1 
_pdbx_audit_revision_details.revision_ordinal    1 
_pdbx_audit_revision_details.data_content_type   'Structure model' 
_pdbx_audit_revision_details.provider            repository 
_pdbx_audit_revision_details.type                'Initial release' 
_pdbx_audit_revision_details.description         ? 
_pdbx_audit_revision_details.details             ? 
# 
loop_
_pdbx_audit_revision_group.ordinal 
_pdbx_audit_revision_group.revision_ordinal 
_pdbx_audit_revision_group.data_content_type 
_pdbx_audit_revision_group.group 
1 2 'Structure model' 'Version format compliance' 
2 3 'Structure model' 'Version format compliance' 
3 4 'Structure model' 'Data collection'           
4 4 'Structure model' 'Database references'       
5 4 'Structure model' 'Derived calculations'      
6 4 'Structure model' 'Structure summary'         
# 
loop_
_pdbx_audit_revision_category.ordinal 
_pdbx_audit_revision_category.revision_ordinal 
_pdbx_audit_revision_category.data_content_type 
_pdbx_audit_revision_category.category 
1 4 'Structure model' chem_comp_atom            
2 4 'Structure model' chem_comp_bond            
3 4 'Structure model' database_2                
4 4 'Structure model' pdbx_entry_details        
5 4 'Structure model' pdbx_modification_feature 
6 4 'Structure model' struct_conn               
7 4 'Structure model' struct_ref_seq_dif        
# 
loop_
_pdbx_audit_revision_item.ordinal 
_pdbx_audit_revision_item.revision_ordinal 
_pdbx_audit_revision_item.data_content_type 
_pdbx_audit_revision_item.item 
1 4 'Structure model' '_database_2.pdbx_DOI'                
2 4 'Structure model' '_database_2.pdbx_database_accession' 
3 4 'Structure model' '_struct_conn.pdbx_leaving_atom_flag' 
4 4 'Structure model' '_struct_ref_seq_dif.details'         
# 
_pdbx_database_PDB_obs_spr.id               SPRSDE 
_pdbx_database_PDB_obs_spr.date             2006-08-29 
_pdbx_database_PDB_obs_spr.pdb_id           2DWK 
_pdbx_database_PDB_obs_spr.replace_pdb_id   1WUS 
_pdbx_database_PDB_obs_spr.details          ? 
# 
_pdbx_database_status.status_code                     REL 
_pdbx_database_status.entry_id                        2DWK 
_pdbx_database_status.recvd_initial_deposition_date   2006-08-15 
_pdbx_database_status.deposit_site                    PDBJ 
_pdbx_database_status.process_site                    PDBJ 
_pdbx_database_status.status_code_sf                  REL 
_pdbx_database_status.status_code_mr                  ? 
_pdbx_database_status.SG_entry                        Y 
_pdbx_database_status.pdb_format_compatible           Y 
_pdbx_database_status.status_code_cs                  ? 
_pdbx_database_status.status_code_nmr_data            ? 
_pdbx_database_status.methods_development_category    ? 
# 
loop_
_pdbx_database_related.db_name 
_pdbx_database_related.db_id 
_pdbx_database_related.details 
_pdbx_database_related.content_type 
PDB      2CXF           'the same protein in C2 space group'              unspecified 
PDB      2CXL           'the same protein in I422 space group'            unspecified 
PDB      2DWG           'the same protein in P2(1)P2(1)P2(1) space group' unspecified 
TargetDB mmk001003772.1 .                                                 unspecified 
# 
loop_
_audit_author.name 
_audit_author.pdbx_ordinal 
'Kukimoto-Niino, M.'                                     1 
'Murayama, K.'                                           2 
'Shirouzu, M.'                                           3 
'Yokoyama, S.'                                           4 
'RIKEN Structural Genomics/Proteomics Initiative (RSGI)' 5 
# 
_citation.id                        primary 
_citation.title                     'Crystal Structure of the RUN Domain of the RAP2-interacting Protein x' 
_citation.journal_abbrev            J.Biol.Chem. 
_citation.journal_volume            281 
_citation.page_first                31843 
_citation.page_last                 31853 
_citation.year                      2006 
_citation.journal_id_ASTM           JBCHA3 
_citation.country                   US 
_citation.journal_id_ISSN           0021-9258 
_citation.journal_id_CSD            0071 
_citation.book_publisher            ? 
_citation.pdbx_database_id_PubMed   16928684 
_citation.pdbx_database_id_DOI      10.1074/jbc.M604960200 
# 
loop_
_citation_author.citation_id 
_citation_author.name 
_citation_author.ordinal 
_citation_author.identifier_ORCID 
primary 'Kukimoto-Niino, M.' 1  ? 
primary 'Takagi, T.'         2  ? 
primary 'Akasaka, R.'        3  ? 
primary 'Murayama, K.'       4  ? 
primary 'Uchikubo-Kamo, T.'  5  ? 
primary 'Terada, T.'         6  ? 
primary 'Inoue, M.'          7  ? 
primary 'Watanabe, S.'       8  ? 
primary 'Tanaka, A.'         9  ? 
primary 'Hayashizaki, Y.'    10 ? 
primary 'Kigawa, T.'         11 ? 
primary 'Shirouzu, M.'       12 ? 
primary 'Yokoyama, S.'       13 ? 
# 
loop_
_entity.id 
_entity.type 
_entity.src_method 
_entity.pdbx_description 
_entity.formula_weight 
_entity.pdbx_number_of_molecules 
_entity.pdbx_ec 
_entity.pdbx_mutation 
_entity.pdbx_fragment 
_entity.details 
1 polymer man 'Protein RUFY3' 20254.117 1  ? ? 'RUN domain' ? 
2 water   nat water           18.015    68 ? ? ?            ? 
# 
_entity_name_com.entity_id   1 
_entity_name_com.name        'Rap2-interacting protein x, RIPx' 
# 
_entity_poly.entity_id                      1 
_entity_poly.type                           'polypeptide(L)' 
_entity_poly.nstd_linkage                   no 
_entity_poly.nstd_monomer                   yes 
_entity_poly.pdbx_seq_one_letter_code       
;GSSGSSG(MSE)ANER(MSE)NL(MSE)N(MSE)AKLSIKGLIESALNLGRTLDSDYAPLQQFFVV(MSE)EHCLKHGLK
AKKTFLGQNKSFWGPLELVEKLVPEAAEITASVKDLPGLKTPVGRGRAWLRLAL(MSE)QKKLSEY(MSE)KALINKKEL
LSEFYEVNAL(MSE)(MSE)EEEGAIIAGLLVGLNVIDANFC(MSE)KGEDLDSQVGVID
;
_entity_poly.pdbx_seq_one_letter_code_can   
;GSSGSSGMANERMNLMNMAKLSIKGLIESALNLGRTLDSDYAPLQQFFVVMEHCLKHGLKAKKTFLGQNKSFWGPLELVE
KLVPEAAEITASVKDLPGLKTPVGRGRAWLRLALMQKKLSEYMKALINKKELLSEFYEVNALMMEEEGAIIAGLLVGLNV
IDANFCMKGEDLDSQVGVID
;
_entity_poly.pdbx_strand_id                 A 
_entity_poly.pdbx_target_identifier         mmk001003772.1 
# 
_pdbx_entity_nonpoly.entity_id   2 
_pdbx_entity_nonpoly.name        water 
_pdbx_entity_nonpoly.comp_id     HOH 
# 
loop_
_entity_poly_seq.entity_id 
_entity_poly_seq.num 
_entity_poly_seq.mon_id 
_entity_poly_seq.hetero 
1 1   GLY n 
1 2   SER n 
1 3   SER n 
1 4   GLY n 
1 5   SER n 
1 6   SER n 
1 7   GLY n 
1 8   MSE n 
1 9   ALA n 
1 10  ASN n 
1 11  GLU n 
1 12  ARG n 
1 13  MSE n 
1 14  ASN n 
1 15  LEU n 
1 16  MSE n 
1 17  ASN n 
1 18  MSE n 
1 19  ALA n 
1 20  LYS n 
1 21  LEU n 
1 22  SER n 
1 23  ILE n 
1 24  LYS n 
1 25  GLY n 
1 26  LEU n 
1 27  ILE n 
1 28  GLU n 
1 29  SER n 
1 30  ALA n 
1 31  LEU n 
1 32  ASN n 
1 33  LEU n 
1 34  GLY n 
1 35  ARG n 
1 36  THR n 
1 37  LEU n 
1 38  ASP n 
1 39  SER n 
1 40  ASP n 
1 41  TYR n 
1 42  ALA n 
1 43  PRO n 
1 44  LEU n 
1 45  GLN n 
1 46  GLN n 
1 47  PHE n 
1 48  PHE n 
1 49  VAL n 
1 50  VAL n 
1 51  MSE n 
1 52  GLU n 
1 53  HIS n 
1 54  CYS n 
1 55  LEU n 
1 56  LYS n 
1 57  HIS n 
1 58  GLY n 
1 59  LEU n 
1 60  LYS n 
1 61  ALA n 
1 62  LYS n 
1 63  LYS n 
1 64  THR n 
1 65  PHE n 
1 66  LEU n 
1 67  GLY n 
1 68  GLN n 
1 69  ASN n 
1 70  LYS n 
1 71  SER n 
1 72  PHE n 
1 73  TRP n 
1 74  GLY n 
1 75  PRO n 
1 76  LEU n 
1 77  GLU n 
1 78  LEU n 
1 79  VAL n 
1 80  GLU n 
1 81  LYS n 
1 82  LEU n 
1 83  VAL n 
1 84  PRO n 
1 85  GLU n 
1 86  ALA n 
1 87  ALA n 
1 88  GLU n 
1 89  ILE n 
1 90  THR n 
1 91  ALA n 
1 92  SER n 
1 93  VAL n 
1 94  LYS n 
1 95  ASP n 
1 96  LEU n 
1 97  PRO n 
1 98  GLY n 
1 99  LEU n 
1 100 LYS n 
1 101 THR n 
1 102 PRO n 
1 103 VAL n 
1 104 GLY n 
1 105 ARG n 
1 106 GLY n 
1 107 ARG n 
1 108 ALA n 
1 109 TRP n 
1 110 LEU n 
1 111 ARG n 
1 112 LEU n 
1 113 ALA n 
1 114 LEU n 
1 115 MSE n 
1 116 GLN n 
1 117 LYS n 
1 118 LYS n 
1 119 LEU n 
1 120 SER n 
1 121 GLU n 
1 122 TYR n 
1 123 MSE n 
1 124 LYS n 
1 125 ALA n 
1 126 LEU n 
1 127 ILE n 
1 128 ASN n 
1 129 LYS n 
1 130 LYS n 
1 131 GLU n 
1 132 LEU n 
1 133 LEU n 
1 134 SER n 
1 135 GLU n 
1 136 PHE n 
1 137 TYR n 
1 138 GLU n 
1 139 VAL n 
1 140 ASN n 
1 141 ALA n 
1 142 LEU n 
1 143 MSE n 
1 144 MSE n 
1 145 GLU n 
1 146 GLU n 
1 147 GLU n 
1 148 GLY n 
1 149 ALA n 
1 150 ILE n 
1 151 ILE n 
1 152 ALA n 
1 153 GLY n 
1 154 LEU n 
1 155 LEU n 
1 156 VAL n 
1 157 GLY n 
1 158 LEU n 
1 159 ASN n 
1 160 VAL n 
1 161 ILE n 
1 162 ASP n 
1 163 ALA n 
1 164 ASN n 
1 165 PHE n 
1 166 CYS n 
1 167 MSE n 
1 168 LYS n 
1 169 GLY n 
1 170 GLU n 
1 171 ASP n 
1 172 LEU n 
1 173 ASP n 
1 174 SER n 
1 175 GLN n 
1 176 VAL n 
1 177 GLY n 
1 178 VAL n 
1 179 ILE n 
1 180 ASP n 
# 
_entity_src_gen.entity_id                          1 
_entity_src_gen.pdbx_src_id                        1 
_entity_src_gen.pdbx_alt_source_flag               sample 
_entity_src_gen.pdbx_seq_type                      ? 
_entity_src_gen.pdbx_beg_seq_num                   ? 
_entity_src_gen.pdbx_end_seq_num                   ? 
_entity_src_gen.gene_src_common_name               'house mouse' 
_entity_src_gen.gene_src_genus                     Mus 
_entity_src_gen.pdbx_gene_src_gene                 'Rufy3, D5Bwg0860e, Ripx' 
_entity_src_gen.gene_src_species                   ? 
_entity_src_gen.gene_src_strain                    ? 
_entity_src_gen.gene_src_tissue                    ? 
_entity_src_gen.gene_src_tissue_fraction           ? 
_entity_src_gen.gene_src_details                   ? 
_entity_src_gen.pdbx_gene_src_fragment             ? 
_entity_src_gen.pdbx_gene_src_scientific_name      'Mus musculus' 
_entity_src_gen.pdbx_gene_src_ncbi_taxonomy_id     10090 
_entity_src_gen.pdbx_gene_src_variant              ? 
_entity_src_gen.pdbx_gene_src_cell_line            ? 
_entity_src_gen.pdbx_gene_src_atcc                 ? 
_entity_src_gen.pdbx_gene_src_organ                ? 
_entity_src_gen.pdbx_gene_src_organelle            ? 
_entity_src_gen.pdbx_gene_src_cell                 ? 
_entity_src_gen.pdbx_gene_src_cellular_location    ? 
_entity_src_gen.host_org_common_name               ? 
_entity_src_gen.pdbx_host_org_scientific_name      'Cell free synthesis' 
_entity_src_gen.pdbx_host_org_ncbi_taxonomy_id     ? 
_entity_src_gen.host_org_genus                     ? 
_entity_src_gen.pdbx_host_org_gene                 ? 
_entity_src_gen.pdbx_host_org_organ                ? 
_entity_src_gen.host_org_species                   ? 
_entity_src_gen.pdbx_host_org_tissue               ? 
_entity_src_gen.pdbx_host_org_tissue_fraction      ? 
_entity_src_gen.pdbx_host_org_strain               ? 
_entity_src_gen.pdbx_host_org_variant              ? 
_entity_src_gen.pdbx_host_org_cell_line            ? 
_entity_src_gen.pdbx_host_org_atcc                 ? 
_entity_src_gen.pdbx_host_org_culture_collection   ? 
_entity_src_gen.pdbx_host_org_cell                 ? 
_entity_src_gen.pdbx_host_org_organelle            ? 
_entity_src_gen.pdbx_host_org_cellular_location    ? 
_entity_src_gen.pdbx_host_org_vector_type          plasmid 
_entity_src_gen.pdbx_host_org_vector               ? 
_entity_src_gen.host_org_details                   ? 
_entity_src_gen.expression_system_id               ? 
_entity_src_gen.plasmid_name                       PK011025-09 
_entity_src_gen.plasmid_details                    ? 
_entity_src_gen.pdbx_description                   'Cell free protein synthesis' 
# 
loop_
_chem_comp.id 
_chem_comp.type 
_chem_comp.mon_nstd_flag 
_chem_comp.name 
_chem_comp.pdbx_synonyms 
_chem_comp.formula 
_chem_comp.formula_weight 
ALA 'L-peptide linking' y ALANINE          ? 'C3 H7 N O2'     89.093  
ARG 'L-peptide linking' y ARGININE         ? 'C6 H15 N4 O2 1' 175.209 
ASN 'L-peptide linking' y ASPARAGINE       ? 'C4 H8 N2 O3'    132.118 
ASP 'L-peptide linking' y 'ASPARTIC ACID'  ? 'C4 H7 N O4'     133.103 
CYS 'L-peptide linking' y CYSTEINE         ? 'C3 H7 N O2 S'   121.158 
GLN 'L-peptide linking' y GLUTAMINE        ? 'C5 H10 N2 O3'   146.144 
GLU 'L-peptide linking' y 'GLUTAMIC ACID'  ? 'C5 H9 N O4'     147.129 
GLY 'peptide linking'   y GLYCINE          ? 'C2 H5 N O2'     75.067  
HIS 'L-peptide linking' y HISTIDINE        ? 'C6 H10 N3 O2 1' 156.162 
HOH non-polymer         . WATER            ? 'H2 O'           18.015  
ILE 'L-peptide linking' y ISOLEUCINE       ? 'C6 H13 N O2'    131.173 
LEU 'L-peptide linking' y LEUCINE          ? 'C6 H13 N O2'    131.173 
LYS 'L-peptide linking' y LYSINE           ? 'C6 H15 N2 O2 1' 147.195 
MET 'L-peptide linking' y METHIONINE       ? 'C5 H11 N O2 S'  149.211 
MSE 'L-peptide linking' n SELENOMETHIONINE ? 'C5 H11 N O2 Se' 196.106 
PHE 'L-peptide linking' y PHENYLALANINE    ? 'C9 H11 N O2'    165.189 
PRO 'L-peptide linking' y PROLINE          ? 'C5 H9 N O2'     115.130 
SER 'L-peptide linking' y SERINE           ? 'C3 H7 N O3'     105.093 
THR 'L-peptide linking' y THREONINE        ? 'C4 H9 N O3'     119.119 
TRP 'L-peptide linking' y TRYPTOPHAN       ? 'C11 H12 N2 O2'  204.225 
TYR 'L-peptide linking' y TYROSINE         ? 'C9 H11 N O3'    181.189 
VAL 'L-peptide linking' y VALINE           ? 'C5 H11 N O2'    117.146 
# 
loop_
_pdbx_poly_seq_scheme.asym_id 
_pdbx_poly_seq_scheme.entity_id 
_pdbx_poly_seq_scheme.seq_id 
_pdbx_poly_seq_scheme.mon_id 
_pdbx_poly_seq_scheme.ndb_seq_num 
_pdbx_poly_seq_scheme.pdb_seq_num 
_pdbx_poly_seq_scheme.auth_seq_num 
_pdbx_poly_seq_scheme.pdb_mon_id 
_pdbx_poly_seq_scheme.auth_mon_id 
_pdbx_poly_seq_scheme.pdb_strand_id 
_pdbx_poly_seq_scheme.pdb_ins_code 
_pdbx_poly_seq_scheme.hetero 
A 1 1   GLY 1   76  ?   ?   ?   A . n 
A 1 2   SER 2   77  ?   ?   ?   A . n 
A 1 3   SER 3   78  ?   ?   ?   A . n 
A 1 4   GLY 4   79  ?   ?   ?   A . n 
A 1 5   SER 5   80  ?   ?   ?   A . n 
A 1 6   SER 6   81  ?   ?   ?   A . n 
A 1 7   GLY 7   82  ?   ?   ?   A . n 
A 1 8   MSE 8   83  83  MSE MSE A . n 
A 1 9   ALA 9   84  84  ALA ALA A . n 
A 1 10  ASN 10  85  85  ASN ASN A . n 
A 1 11  GLU 11  86  86  GLU GLU A . n 
A 1 12  ARG 12  87  87  ARG ARG A . n 
A 1 13  MSE 13  88  88  MSE MSE A . n 
A 1 14  ASN 14  89  89  ASN ASN A . n 
A 1 15  LEU 15  90  90  LEU LEU A . n 
A 1 16  MSE 16  91  91  MSE MSE A . n 
A 1 17  ASN 17  92  92  ASN ASN A . n 
A 1 18  MSE 18  93  93  MSE MSE A . n 
A 1 19  ALA 19  94  94  ALA ALA A . n 
A 1 20  LYS 20  95  95  LYS LYS A . n 
A 1 21  LEU 21  96  96  LEU LEU A . n 
A 1 22  SER 22  97  97  SER SER A . n 
A 1 23  ILE 23  98  98  ILE ILE A . n 
A 1 24  LYS 24  99  99  LYS LYS A . n 
A 1 25  GLY 25  100 100 GLY GLY A . n 
A 1 26  LEU 26  101 101 LEU LEU A . n 
A 1 27  ILE 27  102 102 ILE ILE A . n 
A 1 28  GLU 28  103 103 GLU GLU A . n 
A 1 29  SER 29  104 104 SER SER A . n 
A 1 30  ALA 30  105 105 ALA ALA A . n 
A 1 31  LEU 31  106 106 LEU LEU A . n 
A 1 32  ASN 32  107 107 ASN ASN A . n 
A 1 33  LEU 33  108 108 LEU LEU A . n 
A 1 34  GLY 34  109 109 GLY GLY A . n 
A 1 35  ARG 35  110 110 ARG ARG A . n 
A 1 36  THR 36  111 111 THR THR A . n 
A 1 37  LEU 37  112 112 LEU LEU A . n 
A 1 38  ASP 38  113 113 ASP ASP A . n 
A 1 39  SER 39  114 114 SER SER A . n 
A 1 40  ASP 40  115 115 ASP ASP A . n 
A 1 41  TYR 41  116 116 TYR TYR A . n 
A 1 42  ALA 42  117 117 ALA ALA A . n 
A 1 43  PRO 43  118 118 PRO PRO A . n 
A 1 44  LEU 44  119 119 LEU LEU A . n 
A 1 45  GLN 45  120 120 GLN GLN A . n 
A 1 46  GLN 46  121 121 GLN GLN A . n 
A 1 47  PHE 47  122 122 PHE PHE A . n 
A 1 48  PHE 48  123 123 PHE PHE A . n 
A 1 49  VAL 49  124 124 VAL VAL A . n 
A 1 50  VAL 50  125 125 VAL VAL A . n 
A 1 51  MSE 51  126 126 MSE MSE A . n 
A 1 52  GLU 52  127 127 GLU GLU A . n 
A 1 53  HIS 53  128 128 HIS HIS A . n 
A 1 54  CYS 54  129 129 CYS CYS A . n 
A 1 55  LEU 55  130 130 LEU LEU A . n 
A 1 56  LYS 56  131 131 LYS LYS A . n 
A 1 57  HIS 57  132 132 HIS HIS A . n 
A 1 58  GLY 58  133 133 GLY GLY A . n 
A 1 59  LEU 59  134 134 LEU LEU A . n 
A 1 60  LYS 60  135 135 LYS LYS A . n 
A 1 61  ALA 61  136 136 ALA ALA A . n 
A 1 62  LYS 62  137 ?   ?   ?   A . n 
A 1 63  LYS 63  138 ?   ?   ?   A . n 
A 1 64  THR 64  139 ?   ?   ?   A . n 
A 1 65  PHE 65  140 ?   ?   ?   A . n 
A 1 66  LEU 66  141 ?   ?   ?   A . n 
A 1 67  GLY 67  142 ?   ?   ?   A . n 
A 1 68  GLN 68  143 ?   ?   ?   A . n 
A 1 69  ASN 69  144 144 ASN ASN A . n 
A 1 70  LYS 70  145 145 LYS LYS A . n 
A 1 71  SER 71  146 146 SER SER A . n 
A 1 72  PHE 72  147 147 PHE PHE A . n 
A 1 73  TRP 73  148 148 TRP TRP A . n 
A 1 74  GLY 74  149 149 GLY GLY A . n 
A 1 75  PRO 75  150 150 PRO PRO A . n 
A 1 76  LEU 76  151 151 LEU LEU A . n 
A 1 77  GLU 77  152 152 GLU GLU A . n 
A 1 78  LEU 78  153 153 LEU LEU A . n 
A 1 79  VAL 79  154 154 VAL VAL A . n 
A 1 80  GLU 80  155 155 GLU GLU A . n 
A 1 81  LYS 81  156 156 LYS LYS A . n 
A 1 82  LEU 82  157 157 LEU LEU A . n 
A 1 83  VAL 83  158 158 VAL VAL A . n 
A 1 84  PRO 84  159 159 PRO PRO A . n 
A 1 85  GLU 85  160 160 GLU GLU A . n 
A 1 86  ALA 86  161 161 ALA ALA A . n 
A 1 87  ALA 87  162 162 ALA ALA A . n 
A 1 88  GLU 88  163 163 GLU GLU A . n 
A 1 89  ILE 89  164 164 ILE ILE A . n 
A 1 90  THR 90  165 165 THR THR A . n 
A 1 91  ALA 91  166 166 ALA ALA A . n 
A 1 92  SER 92  167 167 SER SER A . n 
A 1 93  VAL 93  168 168 VAL VAL A . n 
A 1 94  LYS 94  169 169 LYS LYS A . n 
A 1 95  ASP 95  170 170 ASP ASP A . n 
A 1 96  LEU 96  171 171 LEU LEU A . n 
A 1 97  PRO 97  172 172 PRO PRO A . n 
A 1 98  GLY 98  173 173 GLY GLY A . n 
A 1 99  LEU 99  174 174 LEU LEU A . n 
A 1 100 LYS 100 175 175 LYS LYS A . n 
A 1 101 THR 101 176 176 THR THR A . n 
A 1 102 PRO 102 177 177 PRO PRO A . n 
A 1 103 VAL 103 178 178 VAL VAL A . n 
A 1 104 GLY 104 179 179 GLY GLY A . n 
A 1 105 ARG 105 180 180 ARG ARG A . n 
A 1 106 GLY 106 181 181 GLY GLY A . n 
A 1 107 ARG 107 182 182 ARG ARG A . n 
A 1 108 ALA 108 183 183 ALA ALA A . n 
A 1 109 TRP 109 184 184 TRP TRP A . n 
A 1 110 LEU 110 185 185 LEU LEU A . n 
A 1 111 ARG 111 186 186 ARG ARG A . n 
A 1 112 LEU 112 187 187 LEU LEU A . n 
A 1 113 ALA 113 188 188 ALA ALA A . n 
A 1 114 LEU 114 189 189 LEU LEU A . n 
A 1 115 MSE 115 190 190 MSE MSE A . n 
A 1 116 GLN 116 191 191 GLN GLN A . n 
A 1 117 LYS 117 192 192 LYS LYS A . n 
A 1 118 LYS 118 193 193 LYS LYS A . n 
A 1 119 LEU 119 194 194 LEU LEU A . n 
A 1 120 SER 120 195 195 SER SER A . n 
A 1 121 GLU 121 196 196 GLU GLU A . n 
A 1 122 TYR 122 197 197 TYR TYR A . n 
A 1 123 MSE 123 198 198 MSE MSE A . n 
A 1 124 LYS 124 199 199 LYS LYS A . n 
A 1 125 ALA 125 200 200 ALA ALA A . n 
A 1 126 LEU 126 201 201 LEU LEU A . n 
A 1 127 ILE 127 202 202 ILE ILE A . n 
A 1 128 ASN 128 203 203 ASN ASN A . n 
A 1 129 LYS 129 204 204 LYS LYS A . n 
A 1 130 LYS 130 205 205 LYS LYS A . n 
A 1 131 GLU 131 206 206 GLU GLU A . n 
A 1 132 LEU 132 207 207 LEU LEU A . n 
A 1 133 LEU 133 208 208 LEU LEU A . n 
A 1 134 SER 134 209 209 SER SER A . n 
A 1 135 GLU 135 210 210 GLU GLU A . n 
A 1 136 PHE 136 211 211 PHE PHE A . n 
A 1 137 TYR 137 212 212 TYR TYR A . n 
A 1 138 GLU 138 213 213 GLU GLU A . n 
A 1 139 VAL 139 214 214 VAL VAL A . n 
A 1 140 ASN 140 215 215 ASN ASN A . n 
A 1 141 ALA 141 216 216 ALA ALA A . n 
A 1 142 LEU 142 217 217 LEU LEU A . n 
A 1 143 MSE 143 218 218 MSE MSE A . n 
A 1 144 MSE 144 219 219 MSE MSE A . n 
A 1 145 GLU 145 220 220 GLU GLU A . n 
A 1 146 GLU 146 221 221 GLU GLU A . n 
A 1 147 GLU 147 222 222 GLU GLU A . n 
A 1 148 GLY 148 223 223 GLY GLY A . n 
A 1 149 ALA 149 224 224 ALA ALA A . n 
A 1 150 ILE 150 225 225 ILE ILE A . n 
A 1 151 ILE 151 226 226 ILE ILE A . n 
A 1 152 ALA 152 227 227 ALA ALA A . n 
A 1 153 GLY 153 228 228 GLY GLY A . n 
A 1 154 LEU 154 229 229 LEU LEU A . n 
A 1 155 LEU 155 230 230 LEU LEU A . n 
A 1 156 VAL 156 231 231 VAL VAL A . n 
A 1 157 GLY 157 232 232 GLY GLY A . n 
A 1 158 LEU 158 233 233 LEU LEU A . n 
A 1 159 ASN 159 234 234 ASN ASN A . n 
A 1 160 VAL 160 235 235 VAL VAL A . n 
A 1 161 ILE 161 236 236 ILE ILE A . n 
A 1 162 ASP 162 237 237 ASP ASP A . n 
A 1 163 ALA 163 238 238 ALA ALA A . n 
A 1 164 ASN 164 239 239 ASN ASN A . n 
A 1 165 PHE 165 240 240 PHE PHE A . n 
A 1 166 CYS 166 241 241 CYS CYS A . n 
A 1 167 MSE 167 242 242 MSE MSE A . n 
A 1 168 LYS 168 243 243 LYS LYS A . n 
A 1 169 GLY 169 244 244 GLY GLY A . n 
A 1 170 GLU 170 245 245 GLU GLU A . n 
A 1 171 ASP 171 246 246 ASP ASP A . n 
A 1 172 LEU 172 247 247 LEU LEU A . n 
A 1 173 ASP 173 248 248 ASP ASP A . n 
A 1 174 SER 174 249 249 SER SER A . n 
A 1 175 GLN 175 250 250 GLN GLN A . n 
A 1 176 VAL 176 251 251 VAL VAL A . n 
A 1 177 GLY 177 252 ?   ?   ?   A . n 
A 1 178 VAL 178 253 ?   ?   ?   A . n 
A 1 179 ILE 179 254 ?   ?   ?   A . n 
A 1 180 ASP 180 255 ?   ?   ?   A . n 
# 
loop_
_pdbx_nonpoly_scheme.asym_id 
_pdbx_nonpoly_scheme.entity_id 
_pdbx_nonpoly_scheme.mon_id 
_pdbx_nonpoly_scheme.ndb_seq_num 
_pdbx_nonpoly_scheme.pdb_seq_num 
_pdbx_nonpoly_scheme.auth_seq_num 
_pdbx_nonpoly_scheme.pdb_mon_id 
_pdbx_nonpoly_scheme.auth_mon_id 
_pdbx_nonpoly_scheme.pdb_strand_id 
_pdbx_nonpoly_scheme.pdb_ins_code 
B 2 HOH 1  1  1  HOH TIP A . 
B 2 HOH 2  2  2  HOH TIP A . 
B 2 HOH 3  3  3  HOH TIP A . 
B 2 HOH 4  4  4  HOH TIP A . 
B 2 HOH 5  5  5  HOH TIP A . 
B 2 HOH 6  6  6  HOH TIP A . 
B 2 HOH 7  7  7  HOH TIP A . 
B 2 HOH 8  8  8  HOH TIP A . 
B 2 HOH 9  9  9  HOH TIP A . 
B 2 HOH 10 10 10 HOH TIP A . 
B 2 HOH 11 11 11 HOH TIP A . 
B 2 HOH 12 12 12 HOH TIP A . 
B 2 HOH 13 13 13 HOH TIP A . 
B 2 HOH 14 14 14 HOH TIP A . 
B 2 HOH 15 15 15 HOH TIP A . 
B 2 HOH 16 16 16 HOH TIP A . 
B 2 HOH 17 17 17 HOH TIP A . 
B 2 HOH 18 18 18 HOH TIP A . 
B 2 HOH 19 19 19 HOH TIP A . 
B 2 HOH 20 20 20 HOH TIP A . 
B 2 HOH 21 21 21 HOH TIP A . 
B 2 HOH 22 22 22 HOH TIP A . 
B 2 HOH 23 23 23 HOH TIP A . 
B 2 HOH 24 24 24 HOH TIP A . 
B 2 HOH 25 25 25 HOH TIP A . 
B 2 HOH 26 26 26 HOH TIP A . 
B 2 HOH 27 27 27 HOH TIP A . 
B 2 HOH 28 28 28 HOH TIP A . 
B 2 HOH 29 29 29 HOH TIP A . 
B 2 HOH 30 30 30 HOH TIP A . 
B 2 HOH 31 31 31 HOH TIP A . 
B 2 HOH 32 32 32 HOH TIP A . 
B 2 HOH 33 33 33 HOH TIP A . 
B 2 HOH 34 34 34 HOH TIP A . 
B 2 HOH 35 35 35 HOH TIP A . 
B 2 HOH 36 36 36 HOH TIP A . 
B 2 HOH 37 37 37 HOH TIP A . 
B 2 HOH 38 38 38 HOH TIP A . 
B 2 HOH 39 39 39 HOH TIP A . 
B 2 HOH 40 40 40 HOH TIP A . 
B 2 HOH 41 41 41 HOH TIP A . 
B 2 HOH 42 42 42 HOH TIP A . 
B 2 HOH 43 43 43 HOH TIP A . 
B 2 HOH 44 44 44 HOH TIP A . 
B 2 HOH 45 45 45 HOH TIP A . 
B 2 HOH 46 46 46 HOH TIP A . 
B 2 HOH 47 47 47 HOH TIP A . 
B 2 HOH 48 48 48 HOH TIP A . 
B 2 HOH 49 49 49 HOH TIP A . 
B 2 HOH 50 50 50 HOH TIP A . 
B 2 HOH 51 51 51 HOH TIP A . 
B 2 HOH 52 52 52 HOH TIP A . 
B 2 HOH 53 53 53 HOH TIP A . 
B 2 HOH 54 54 54 HOH TIP A . 
B 2 HOH 55 55 55 HOH TIP A . 
B 2 HOH 56 56 56 HOH TIP A . 
B 2 HOH 57 57 57 HOH TIP A . 
B 2 HOH 58 58 58 HOH TIP A . 
B 2 HOH 59 59 59 HOH TIP A . 
B 2 HOH 60 60 60 HOH TIP A . 
B 2 HOH 61 61 61 HOH TIP A . 
B 2 HOH 62 62 62 HOH TIP A . 
B 2 HOH 63 63 63 HOH TIP A . 
B 2 HOH 64 64 64 HOH TIP A . 
B 2 HOH 65 65 65 HOH TIP A . 
B 2 HOH 66 66 66 HOH TIP A . 
B 2 HOH 67 67 67 HOH TIP A . 
B 2 HOH 68 68 68 HOH TIP A . 
# 
loop_
_software.name 
_software.classification 
_software.version 
_software.citation_id 
_software.pdbx_ordinal 
CNS      refinement        1.1 ? 1 
HKL-2000 'data collection' .   ? 2 
HKL-2000 'data reduction'  .   ? 3 
HKL-2000 'data scaling'    .   ? 4 
SOLVE    phasing           .   ? 5 
# 
_cell.entry_id           2DWK 
_cell.length_a           86.523 
_cell.length_b           86.523 
_cell.length_c           106.582 
_cell.angle_alpha        90.00 
_cell.angle_beta         90.00 
_cell.angle_gamma        120.00 
_cell.Z_PDB              12 
_cell.pdbx_unique_axis   ? 
_cell.length_a_esd       ? 
_cell.length_b_esd       ? 
_cell.length_c_esd       ? 
_cell.angle_alpha_esd    ? 
_cell.angle_beta_esd     ? 
_cell.angle_gamma_esd    ? 
# 
_symmetry.entry_id                         2DWK 
_symmetry.space_group_name_H-M             'P 64 2 2' 
_symmetry.pdbx_full_space_group_name_H-M   ? 
_symmetry.cell_setting                     ? 
_symmetry.Int_Tables_number                181 
_symmetry.space_group_name_Hall            ? 
# 
_exptl.entry_id          2DWK 
_exptl.method            'X-RAY DIFFRACTION' 
_exptl.crystals_number   1 
# 
_exptl_crystal.id                    1 
_exptl_crystal.density_meas          ? 
_exptl_crystal.density_Matthews      2.84 
_exptl_crystal.density_percent_sol   56.73 
_exptl_crystal.description           ? 
_exptl_crystal.F_000                 ? 
_exptl_crystal.preparation           ? 
# 
_exptl_crystal_grow.crystal_id      1 
_exptl_crystal_grow.method          'VAPOR DIFFUSION, HANGING DROP' 
_exptl_crystal_grow.temp            300 
_exptl_crystal_grow.temp_details    ? 
_exptl_crystal_grow.pH              8.5 
_exptl_crystal_grow.pdbx_details    
'0.05M SODIUM CHLORIDE, 1.4M AMMONIUM SULFATE, 0.1M TRIS, pH 8.5, VAPOR DIFFUSION, HANGING DROP, temperature 300K' 
_exptl_crystal_grow.pdbx_pH_range   . 
# 
_diffrn.id                     1 
_diffrn.ambient_temp           100 
_diffrn.ambient_temp_details   ? 
_diffrn.crystal_id             1 
# 
_diffrn_detector.diffrn_id              1 
_diffrn_detector.detector               'IMAGE PLATE' 
_diffrn_detector.type                   RIGAKU 
_diffrn_detector.pdbx_collection_date   2004-11-27 
_diffrn_detector.details                ? 
# 
_diffrn_radiation.diffrn_id                        1 
_diffrn_radiation.wavelength_id                    1 
_diffrn_radiation.pdbx_monochromatic_or_laue_m_l   M 
_diffrn_radiation.monochromator                    ? 
_diffrn_radiation.pdbx_diffrn_protocol             MAD 
_diffrn_radiation.pdbx_scattering_type             x-ray 
# 
loop_
_diffrn_radiation_wavelength.id 
_diffrn_radiation_wavelength.wavelength 
_diffrn_radiation_wavelength.wt 
1 0.9792 1.0 
2 0.9795 1.0 
3 0.9640 1.0 
# 
_diffrn_source.diffrn_id                   1 
_diffrn_source.source                      SYNCHROTRON 
_diffrn_source.type                        'SPRING-8 BEAMLINE BL26B1' 
_diffrn_source.pdbx_synchrotron_site       SPring-8 
_diffrn_source.pdbx_synchrotron_beamline   BL26B1 
_diffrn_source.pdbx_wavelength             ? 
_diffrn_source.pdbx_wavelength_list        '0.9792, 0.9795, 0.9640' 
# 
_reflns.entry_id                     2DWK 
_reflns.observed_criterion_sigma_I   -3 
_reflns.observed_criterion_sigma_F   ? 
_reflns.d_resolution_low             50 
_reflns.d_resolution_high            2.0 
_reflns.number_obs                   16483 
_reflns.number_all                   ? 
_reflns.percent_possible_obs         99.6 
_reflns.pdbx_Rmerge_I_obs            ? 
_reflns.pdbx_Rsym_value              0.109 
_reflns.pdbx_netI_over_sigmaI        14.5 
_reflns.B_iso_Wilson_estimate        24.5 
_reflns.pdbx_redundancy              10.2 
_reflns.R_free_details               ? 
_reflns.limit_h_max                  ? 
_reflns.limit_h_min                  ? 
_reflns.limit_k_max                  ? 
_reflns.limit_k_min                  ? 
_reflns.limit_l_max                  ? 
_reflns.limit_l_min                  ? 
_reflns.observed_criterion_F_max     ? 
_reflns.observed_criterion_F_min     ? 
_reflns.pdbx_chi_squared             ? 
_reflns.pdbx_scaling_rejects         ? 
_reflns.pdbx_diffrn_id               1 
_reflns.pdbx_ordinal                 1 
# 
_reflns_shell.d_res_high             2.00 
_reflns_shell.d_res_low              2.07 
_reflns_shell.percent_possible_all   100 
_reflns_shell.Rmerge_I_obs           ? 
_reflns_shell.pdbx_Rsym_value        0.497 
_reflns_shell.meanI_over_sigI_obs    5.2 
_reflns_shell.pdbx_redundancy        ? 
_reflns_shell.percent_possible_obs   ? 
_reflns_shell.number_unique_all      ? 
_reflns_shell.number_measured_all    ? 
_reflns_shell.number_measured_obs    ? 
_reflns_shell.number_unique_obs      ? 
_reflns_shell.pdbx_chi_squared       ? 
_reflns_shell.pdbx_diffrn_id         ? 
_reflns_shell.pdbx_ordinal           1 
# 
_refine.entry_id                                 2DWK 
_refine.ls_number_reflns_obs                     16483 
_refine.ls_number_reflns_all                     ? 
_refine.pdbx_ls_sigma_I                          ? 
_refine.pdbx_ls_sigma_F                          0.0 
_refine.pdbx_data_cutoff_high_absF               1897785.36 
_refine.pdbx_data_cutoff_low_absF                0.000000 
_refine.pdbx_data_cutoff_high_rms_absF           ? 
_refine.ls_d_res_low                             33.59 
_refine.ls_d_res_high                            2.00 
_refine.ls_percent_reflns_obs                    99.7 
_refine.ls_R_factor_obs                          0.205 
_refine.ls_R_factor_all                          ? 
_refine.ls_R_factor_R_work                       0.205 
_refine.ls_R_factor_R_free                       0.231 
_refine.ls_R_factor_R_free_error                 0.006 
_refine.ls_R_factor_R_free_error_details         ? 
_refine.ls_percent_reflns_R_free                 10.1 
_refine.ls_number_reflns_R_free                  1657 
_refine.ls_number_parameters                     ? 
_refine.ls_number_restraints                     ? 
_refine.occupancy_min                            ? 
_refine.occupancy_max                            ? 
_refine.correlation_coeff_Fo_to_Fc               ? 
_refine.correlation_coeff_Fo_to_Fc_free          ? 
_refine.B_iso_mean                               38.8 
_refine.aniso_B[1][1]                            2.22 
_refine.aniso_B[2][2]                            2.22 
_refine.aniso_B[3][3]                            -4.43 
_refine.aniso_B[1][2]                            0.34 
_refine.aniso_B[1][3]                            0.00 
_refine.aniso_B[2][3]                            0.00 
_refine.solvent_model_details                    'FLAT MODEL' 
_refine.solvent_model_param_ksol                 0.366412 
_refine.solvent_model_param_bsol                 55.5477 
_refine.pdbx_solvent_vdw_probe_radii             ? 
_refine.pdbx_solvent_ion_probe_radii             ? 
_refine.pdbx_solvent_shrinkage_radii             ? 
_refine.pdbx_ls_cross_valid_method               THROUGHOUT 
_refine.details                                  ? 
_refine.pdbx_starting_model                      ? 
_refine.pdbx_method_to_determine_struct          MAD 
_refine.pdbx_isotropic_thermal_model             RESTRAINED 
_refine.pdbx_stereochemistry_target_values       ? 
_refine.pdbx_stereochem_target_val_spec_case     ? 
_refine.pdbx_R_Free_selection_details            RANDOM 
_refine.pdbx_overall_ESU_R                       ? 
_refine.pdbx_overall_ESU_R_Free                  ? 
_refine.overall_SU_ML                            ? 
_refine.overall_SU_B                             ? 
_refine.ls_redundancy_reflns_obs                 ? 
_refine.B_iso_min                                ? 
_refine.B_iso_max                                ? 
_refine.overall_SU_R_Cruickshank_DPI             ? 
_refine.overall_SU_R_free                        ? 
_refine.ls_wR_factor_R_free                      ? 
_refine.ls_wR_factor_R_work                      ? 
_refine.overall_FOM_free_R_set                   ? 
_refine.overall_FOM_work_R_set                   ? 
_refine.pdbx_refine_id                           'X-RAY DIFFRACTION' 
_refine.pdbx_diffrn_id                           1 
_refine.pdbx_TLS_residual_ADP_flag               ? 
_refine.pdbx_overall_phase_error                 ? 
_refine.pdbx_overall_SU_R_free_Cruickshank_DPI   ? 
_refine.pdbx_overall_SU_R_Blow_DPI               ? 
_refine.pdbx_overall_SU_R_free_Blow_DPI          ? 
# 
_refine_analyze.entry_id                        2DWK 
_refine_analyze.Luzzati_coordinate_error_obs    0.25 
_refine_analyze.Luzzati_sigma_a_obs             0.20 
_refine_analyze.Luzzati_d_res_low_obs           5.00 
_refine_analyze.Luzzati_coordinate_error_free   0.29 
_refine_analyze.Luzzati_sigma_a_free            0.24 
_refine_analyze.Luzzati_d_res_low_free          ? 
_refine_analyze.number_disordered_residues      ? 
_refine_analyze.occupancy_sum_hydrogen          ? 
_refine_analyze.occupancy_sum_non_hydrogen      ? 
_refine_analyze.pdbx_Luzzati_d_res_high_obs     ? 
_refine_analyze.pdbx_refine_id                  'X-RAY DIFFRACTION' 
# 
_refine_hist.pdbx_refine_id                   'X-RAY DIFFRACTION' 
_refine_hist.cycle_id                         LAST 
_refine_hist.pdbx_number_atoms_protein        1260 
_refine_hist.pdbx_number_atoms_nucleic_acid   0 
_refine_hist.pdbx_number_atoms_ligand         0 
_refine_hist.number_atoms_solvent             68 
_refine_hist.number_atoms_total               1328 
_refine_hist.d_res_high                       2.00 
_refine_hist.d_res_low                        33.59 
# 
loop_
_refine_ls_restr.type 
_refine_ls_restr.dev_ideal 
_refine_ls_restr.dev_ideal_target 
_refine_ls_restr.weight 
_refine_ls_restr.number 
_refine_ls_restr.pdbx_refine_id 
_refine_ls_restr.pdbx_restraint_function 
c_bond_d           0.010 ? ? ? 'X-RAY DIFFRACTION' ? 
c_angle_deg        1.4   ? ? ? 'X-RAY DIFFRACTION' ? 
c_dihedral_angle_d 19.9  ? ? ? 'X-RAY DIFFRACTION' ? 
c_improper_angle_d 0.99  ? ? ? 'X-RAY DIFFRACTION' ? 
# 
_refine_ls_shell.pdbx_total_number_of_bins_used   6 
_refine_ls_shell.d_res_high                       2.00 
_refine_ls_shell.d_res_low                        2.13 
_refine_ls_shell.number_reflns_R_work             2416 
_refine_ls_shell.R_factor_R_work                  0.265 
_refine_ls_shell.percent_reflns_obs               100.0 
_refine_ls_shell.R_factor_R_free                  0.293 
_refine_ls_shell.R_factor_R_free_error            0.018 
_refine_ls_shell.percent_reflns_R_free            9.4 
_refine_ls_shell.number_reflns_R_free             251 
_refine_ls_shell.number_reflns_all                ? 
_refine_ls_shell.R_factor_all                     ? 
_refine_ls_shell.number_reflns_obs                ? 
_refine_ls_shell.redundancy_reflns_obs            ? 
_refine_ls_shell.pdbx_refine_id                   'X-RAY DIFFRACTION' 
# 
loop_
_pdbx_xplor_file.serial_no 
_pdbx_xplor_file.param_file 
_pdbx_xplor_file.topol_file 
_pdbx_xplor_file.pdbx_refine_id 
1 protein_rep.param protein.top 'X-RAY DIFFRACTION' 
2 water_rep.param   water.top   'X-RAY DIFFRACTION' 
# 
_struct.entry_id                  2DWK 
_struct.title                     'Crystal structure of the RUN domain of mouse Rap2 interacting protein x' 
_struct.pdbx_model_details        ? 
_struct.pdbx_CASP_flag            ? 
_struct.pdbx_model_type_details   ? 
# 
_struct_keywords.entry_id        2DWK 
_struct_keywords.pdbx_keywords   'PROTEIN BINDING' 
_struct_keywords.text            
;RUN domain, effector, Rap2, bundle, protein binding, Structural Genomics, NPPSFA, National Project on Protein Structural and Functional Analyses, RIKEN Structural Genomics/Proteomics Initiative, RSGI
;
# 
loop_
_struct_asym.id 
_struct_asym.pdbx_blank_PDB_chainid_flag 
_struct_asym.pdbx_modified 
_struct_asym.entity_id 
_struct_asym.details 
A N N 1 ? 
B N N 2 ? 
# 
_struct_ref.id                         1 
_struct_ref.db_name                    UNP 
_struct_ref.db_code                    RUFY3_MOUSE 
_struct_ref.pdbx_db_accession          Q9D394 
_struct_ref.entity_id                  1 
_struct_ref.pdbx_seq_one_letter_code   
;MANERMNLMNMAKLSIKGLIESALNLGRTLDSDYAPLQQFFVVMEHCLKHGLKAKKTFLGQNKSFWGPLELVEKLVPEAA
EITASVKDLPGLKTPVGRGRAWLRLALMQKKLSEYMKALINKKELLSEFYEVNALMMEEEGAIIAGLLVGLNVIDANFCM
KGEDLDSQVGVID
;
_struct_ref.pdbx_align_begin           65 
_struct_ref.pdbx_db_isoform            ? 
# 
_struct_ref_seq.align_id                      1 
_struct_ref_seq.ref_id                        1 
_struct_ref_seq.pdbx_PDB_id_code              2DWK 
_struct_ref_seq.pdbx_strand_id                A 
_struct_ref_seq.seq_align_beg                 8 
_struct_ref_seq.pdbx_seq_align_beg_ins_code   ? 
_struct_ref_seq.seq_align_end                 180 
_struct_ref_seq.pdbx_seq_align_end_ins_code   ? 
_struct_ref_seq.pdbx_db_accession             Q9D394 
_struct_ref_seq.db_align_beg                  65 
_struct_ref_seq.pdbx_db_align_beg_ins_code    ? 
_struct_ref_seq.db_align_end                  237 
_struct_ref_seq.pdbx_db_align_end_ins_code    ? 
_struct_ref_seq.pdbx_auth_seq_align_beg       83 
_struct_ref_seq.pdbx_auth_seq_align_end       255 
# 
loop_
_struct_ref_seq_dif.align_id 
_struct_ref_seq_dif.pdbx_pdb_id_code 
_struct_ref_seq_dif.mon_id 
_struct_ref_seq_dif.pdbx_pdb_strand_id 
_struct_ref_seq_dif.seq_num 
_struct_ref_seq_dif.pdbx_pdb_ins_code 
_struct_ref_seq_dif.pdbx_seq_db_name 
_struct_ref_seq_dif.pdbx_seq_db_accession_code 
_struct_ref_seq_dif.db_mon_id 
_struct_ref_seq_dif.pdbx_seq_db_seq_num 
_struct_ref_seq_dif.details 
_struct_ref_seq_dif.pdbx_auth_seq_num 
_struct_ref_seq_dif.pdbx_ordinal 
1 2DWK GLY A 1   ? UNP Q9D394 ?   ?   'cloning artifact' 76  1  
1 2DWK SER A 2   ? UNP Q9D394 ?   ?   'cloning artifact' 77  2  
1 2DWK SER A 3   ? UNP Q9D394 ?   ?   'cloning artifact' 78  3  
1 2DWK GLY A 4   ? UNP Q9D394 ?   ?   'cloning artifact' 79  4  
1 2DWK SER A 5   ? UNP Q9D394 ?   ?   'cloning artifact' 80  5  
1 2DWK SER A 6   ? UNP Q9D394 ?   ?   'cloning artifact' 81  6  
1 2DWK GLY A 7   ? UNP Q9D394 ?   ?   'cloning artifact' 82  7  
1 2DWK MSE A 8   ? UNP Q9D394 MET 65  'modified residue' 83  8  
1 2DWK MSE A 13  ? UNP Q9D394 MET 70  'modified residue' 88  9  
1 2DWK MSE A 16  ? UNP Q9D394 MET 73  'modified residue' 91  10 
1 2DWK MSE A 18  ? UNP Q9D394 MET 75  'modified residue' 93  11 
1 2DWK MSE A 51  ? UNP Q9D394 MET 108 'modified residue' 126 12 
1 2DWK MSE A 115 ? UNP Q9D394 MET 172 'modified residue' 190 13 
1 2DWK MSE A 123 ? UNP Q9D394 MET 180 'modified residue' 198 14 
1 2DWK MSE A 143 ? UNP Q9D394 MET 200 'modified residue' 218 15 
1 2DWK MSE A 144 ? UNP Q9D394 MET 201 'modified residue' 219 16 
1 2DWK MSE A 167 ? UNP Q9D394 MET 224 'modified residue' 242 17 
# 
_pdbx_struct_assembly.id                   1 
_pdbx_struct_assembly.details              author_defined_assembly 
_pdbx_struct_assembly.method_details       ? 
_pdbx_struct_assembly.oligomeric_details   monomeric 
_pdbx_struct_assembly.oligomeric_count     1 
# 
_pdbx_struct_assembly_gen.assembly_id       1 
_pdbx_struct_assembly_gen.oper_expression   1 
_pdbx_struct_assembly_gen.asym_id_list      A,B 
# 
_pdbx_struct_oper_list.id                   1 
_pdbx_struct_oper_list.type                 'identity operation' 
_pdbx_struct_oper_list.name                 1_555 
_pdbx_struct_oper_list.symmetry_operation   x,y,z 
_pdbx_struct_oper_list.matrix[1][1]         1.0000000000 
_pdbx_struct_oper_list.matrix[1][2]         0.0000000000 
_pdbx_struct_oper_list.matrix[1][3]         0.0000000000 
_pdbx_struct_oper_list.vector[1]            0.0000000000 
_pdbx_struct_oper_list.matrix[2][1]         0.0000000000 
_pdbx_struct_oper_list.matrix[2][2]         1.0000000000 
_pdbx_struct_oper_list.matrix[2][3]         0.0000000000 
_pdbx_struct_oper_list.vector[2]            0.0000000000 
_pdbx_struct_oper_list.matrix[3][1]         0.0000000000 
_pdbx_struct_oper_list.matrix[3][2]         0.0000000000 
_pdbx_struct_oper_list.matrix[3][3]         1.0000000000 
_pdbx_struct_oper_list.vector[3]            0.0000000000 
# 
loop_
_struct_conf.conf_type_id 
_struct_conf.id 
_struct_conf.pdbx_PDB_helix_id 
_struct_conf.beg_label_comp_id 
_struct_conf.beg_label_asym_id 
_struct_conf.beg_label_seq_id 
_struct_conf.pdbx_beg_PDB_ins_code 
_struct_conf.end_label_comp_id 
_struct_conf.end_label_asym_id 
_struct_conf.end_label_seq_id 
_struct_conf.pdbx_end_PDB_ins_code 
_struct_conf.beg_auth_comp_id 
_struct_conf.beg_auth_asym_id 
_struct_conf.beg_auth_seq_id 
_struct_conf.end_auth_comp_id 
_struct_conf.end_auth_asym_id 
_struct_conf.end_auth_seq_id 
_struct_conf.pdbx_PDB_helix_class 
_struct_conf.details 
_struct_conf.pdbx_PDB_helix_length 
HELX_P HELX_P1  1  MSE A 8   ? GLY A 34  ? MSE A 83  GLY A 109 1 ? 27 
HELX_P HELX_P2  2  TYR A 41  ? HIS A 57  ? TYR A 116 HIS A 132 1 ? 17 
HELX_P HELX_P3  3  PHE A 72  ? VAL A 83  ? PHE A 147 VAL A 158 1 ? 12 
HELX_P HELX_P4  4  ALA A 86  ? ASP A 95  ? ALA A 161 ASP A 170 1 ? 10 
HELX_P HELX_P5  5  THR A 101 ? LYS A 117 ? THR A 176 LYS A 192 1 ? 17 
HELX_P HELX_P6  6  LYS A 118 ? ASN A 128 ? LYS A 193 ASN A 203 1 ? 11 
HELX_P HELX_P7  7  LYS A 129 ? SER A 134 ? LYS A 204 SER A 209 1 ? 6  
HELX_P HELX_P8  8  ALA A 141 ? MSE A 144 ? ALA A 216 MSE A 219 5 ? 4  
HELX_P HELX_P9  9  GLU A 145 ? LEU A 155 ? GLU A 220 LEU A 230 1 ? 11 
HELX_P HELX_P10 10 VAL A 156 ? ILE A 161 ? VAL A 231 ILE A 236 5 ? 6  
HELX_P HELX_P11 11 LYS A 168 ? ASP A 173 ? LYS A 243 ASP A 248 1 ? 6  
# 
_struct_conf_type.id          HELX_P 
_struct_conf_type.criteria    ? 
_struct_conf_type.reference   ? 
# 
loop_
_struct_conn.id 
_struct_conn.conn_type_id 
_struct_conn.pdbx_leaving_atom_flag 
_struct_conn.pdbx_PDB_id 
_struct_conn.ptnr1_label_asym_id 
_struct_conn.ptnr1_label_comp_id 
_struct_conn.ptnr1_label_seq_id 
_struct_conn.ptnr1_label_atom_id 
_struct_conn.pdbx_ptnr1_label_alt_id 
_struct_conn.pdbx_ptnr1_PDB_ins_code 
_struct_conn.pdbx_ptnr1_standard_comp_id 
_struct_conn.ptnr1_symmetry 
_struct_conn.ptnr2_label_asym_id 
_struct_conn.ptnr2_label_comp_id 
_struct_conn.ptnr2_label_seq_id 
_struct_conn.ptnr2_label_atom_id 
_struct_conn.pdbx_ptnr2_label_alt_id 
_struct_conn.pdbx_ptnr2_PDB_ins_code 
_struct_conn.ptnr1_auth_asym_id 
_struct_conn.ptnr1_auth_comp_id 
_struct_conn.ptnr1_auth_seq_id 
_struct_conn.ptnr2_auth_asym_id 
_struct_conn.ptnr2_auth_comp_id 
_struct_conn.ptnr2_auth_seq_id 
_struct_conn.ptnr2_symmetry 
_struct_conn.pdbx_ptnr3_label_atom_id 
_struct_conn.pdbx_ptnr3_label_seq_id 
_struct_conn.pdbx_ptnr3_label_comp_id 
_struct_conn.pdbx_ptnr3_label_asym_id 
_struct_conn.pdbx_ptnr3_label_alt_id 
_struct_conn.pdbx_ptnr3_PDB_ins_code 
_struct_conn.details 
_struct_conn.pdbx_dist_value 
_struct_conn.pdbx_value_order 
_struct_conn.pdbx_role 
covale1  covale both ? A MSE 8   C ? ? ? 1_555 A ALA 9   N ? ? A MSE 83  A ALA 84  1_555 ? ? ? ? ? ? ? 1.331 ? ? 
covale2  covale both ? A ARG 12  C ? ? ? 1_555 A MSE 13  N ? ? A ARG 87  A MSE 88  1_555 ? ? ? ? ? ? ? 1.327 ? ? 
covale3  covale both ? A MSE 13  C ? ? ? 1_555 A ASN 14  N ? ? A MSE 88  A ASN 89  1_555 ? ? ? ? ? ? ? 1.325 ? ? 
covale4  covale both ? A LEU 15  C ? ? ? 1_555 A MSE 16  N ? ? A LEU 90  A MSE 91  1_555 ? ? ? ? ? ? ? 1.330 ? ? 
covale5  covale both ? A MSE 16  C ? ? ? 1_555 A ASN 17  N ? ? A MSE 91  A ASN 92  1_555 ? ? ? ? ? ? ? 1.331 ? ? 
covale6  covale both ? A ASN 17  C ? ? ? 1_555 A MSE 18  N ? ? A ASN 92  A MSE 93  1_555 ? ? ? ? ? ? ? 1.326 ? ? 
covale7  covale both ? A MSE 18  C ? ? ? 1_555 A ALA 19  N ? ? A MSE 93  A ALA 94  1_555 ? ? ? ? ? ? ? 1.332 ? ? 
covale8  covale both ? A VAL 50  C ? ? ? 1_555 A MSE 51  N ? ? A VAL 125 A MSE 126 1_555 ? ? ? ? ? ? ? 1.326 ? ? 
covale9  covale both ? A MSE 51  C ? ? ? 1_555 A GLU 52  N ? ? A MSE 126 A GLU 127 1_555 ? ? ? ? ? ? ? 1.327 ? ? 
covale10 covale both ? A LEU 114 C ? ? ? 1_555 A MSE 115 N ? ? A LEU 189 A MSE 190 1_555 ? ? ? ? ? ? ? 1.333 ? ? 
covale11 covale both ? A MSE 115 C ? ? ? 1_555 A GLN 116 N ? ? A MSE 190 A GLN 191 1_555 ? ? ? ? ? ? ? 1.330 ? ? 
covale12 covale both ? A TYR 122 C ? ? ? 1_555 A MSE 123 N ? ? A TYR 197 A MSE 198 1_555 ? ? ? ? ? ? ? 1.328 ? ? 
covale13 covale both ? A MSE 123 C ? ? ? 1_555 A LYS 124 N ? ? A MSE 198 A LYS 199 1_555 ? ? ? ? ? ? ? 1.322 ? ? 
covale14 covale both ? A LEU 142 C ? ? ? 1_555 A MSE 143 N ? ? A LEU 217 A MSE 218 1_555 ? ? ? ? ? ? ? 1.332 ? ? 
covale15 covale both ? A MSE 143 C ? ? ? 1_555 A MSE 144 N ? ? A MSE 218 A MSE 219 1_555 ? ? ? ? ? ? ? 1.328 ? ? 
covale16 covale both ? A MSE 144 C ? ? ? 1_555 A GLU 145 N ? ? A MSE 219 A GLU 220 1_555 ? ? ? ? ? ? ? 1.330 ? ? 
covale17 covale both ? A CYS 166 C ? ? ? 1_555 A MSE 167 N ? ? A CYS 241 A MSE 242 1_555 ? ? ? ? ? ? ? 1.329 ? ? 
covale18 covale both ? A MSE 167 C ? ? ? 1_555 A LYS 168 N ? ? A MSE 242 A LYS 243 1_555 ? ? ? ? ? ? ? 1.330 ? ? 
# 
_struct_conn_type.id          covale 
_struct_conn_type.criteria    ? 
_struct_conn_type.reference   ? 
# 
loop_
_pdbx_modification_feature.ordinal 
_pdbx_modification_feature.label_comp_id 
_pdbx_modification_feature.label_asym_id 
_pdbx_modification_feature.label_seq_id 
_pdbx_modification_feature.label_alt_id 
_pdbx_modification_feature.modified_residue_label_comp_id 
_pdbx_modification_feature.modified_residue_label_asym_id 
_pdbx_modification_feature.modified_residue_label_seq_id 
_pdbx_modification_feature.modified_residue_label_alt_id 
_pdbx_modification_feature.auth_comp_id 
_pdbx_modification_feature.auth_asym_id 
_pdbx_modification_feature.auth_seq_id 
_pdbx_modification_feature.PDB_ins_code 
_pdbx_modification_feature.symmetry 
_pdbx_modification_feature.modified_residue_auth_comp_id 
_pdbx_modification_feature.modified_residue_auth_asym_id 
_pdbx_modification_feature.modified_residue_auth_seq_id 
_pdbx_modification_feature.modified_residue_PDB_ins_code 
_pdbx_modification_feature.modified_residue_symmetry 
_pdbx_modification_feature.comp_id_linking_atom 
_pdbx_modification_feature.modified_residue_id_linking_atom 
_pdbx_modification_feature.modified_residue_id 
_pdbx_modification_feature.ref_pcm_id 
_pdbx_modification_feature.ref_comp_id 
_pdbx_modification_feature.type 
_pdbx_modification_feature.category 
1  MSE A 8   ? . . . . MSE A 83  ? 1_555 . . . . . . . MET 1 MSE Selenomethionine 'Named protein modification' 
2  MSE A 13  ? . . . . MSE A 88  ? 1_555 . . . . . . . MET 1 MSE Selenomethionine 'Named protein modification' 
3  MSE A 16  ? . . . . MSE A 91  ? 1_555 . . . . . . . MET 1 MSE Selenomethionine 'Named protein modification' 
4  MSE A 18  ? . . . . MSE A 93  ? 1_555 . . . . . . . MET 1 MSE Selenomethionine 'Named protein modification' 
5  MSE A 51  ? . . . . MSE A 126 ? 1_555 . . . . . . . MET 1 MSE Selenomethionine 'Named protein modification' 
6  MSE A 115 ? . . . . MSE A 190 ? 1_555 . . . . . . . MET 1 MSE Selenomethionine 'Named protein modification' 
7  MSE A 123 ? . . . . MSE A 198 ? 1_555 . . . . . . . MET 1 MSE Selenomethionine 'Named protein modification' 
8  MSE A 143 ? . . . . MSE A 218 ? 1_555 . . . . . . . MET 1 MSE Selenomethionine 'Named protein modification' 
9  MSE A 144 ? . . . . MSE A 219 ? 1_555 . . . . . . . MET 1 MSE Selenomethionine 'Named protein modification' 
10 MSE A 167 ? . . . . MSE A 242 ? 1_555 . . . . . . . MET 1 MSE Selenomethionine 'Named protein modification' 
# 
_pdbx_entry_details.entry_id                   2DWK 
_pdbx_entry_details.compound_details           ? 
_pdbx_entry_details.source_details             ? 
_pdbx_entry_details.nonpolymer_details         ? 
_pdbx_entry_details.sequence_details           ? 
_pdbx_entry_details.has_ligand_of_interest     ? 
_pdbx_entry_details.has_protein_modification   Y 
# 
loop_
_pdbx_validate_torsion.id 
_pdbx_validate_torsion.PDB_model_num 
_pdbx_validate_torsion.auth_comp_id 
_pdbx_validate_torsion.auth_asym_id 
_pdbx_validate_torsion.auth_seq_id 
_pdbx_validate_torsion.PDB_ins_code 
_pdbx_validate_torsion.label_alt_id 
_pdbx_validate_torsion.phi 
_pdbx_validate_torsion.psi 
1 1 SER A 146 ? ? 47.52   -138.96 
2 1 PRO A 172 ? ? -54.57  106.41  
3 1 CYS A 241 ? ? -121.24 -153.97 
# 
_pdbx_SG_project.id                    1 
_pdbx_SG_project.project_name          'NPPSFA, National Project on Protein Structural and Functional Analyses' 
_pdbx_SG_project.full_name_of_center   'RIKEN Structural Genomics/Proteomics Initiative' 
_pdbx_SG_project.initial_of_center     RSGI 
# 
loop_
_pdbx_struct_mod_residue.id 
_pdbx_struct_mod_residue.label_asym_id 
_pdbx_struct_mod_residue.label_comp_id 
_pdbx_struct_mod_residue.label_seq_id 
_pdbx_struct_mod_residue.auth_asym_id 
_pdbx_struct_mod_residue.auth_comp_id 
_pdbx_struct_mod_residue.auth_seq_id 
_pdbx_struct_mod_residue.PDB_ins_code 
_pdbx_struct_mod_residue.parent_comp_id 
_pdbx_struct_mod_residue.details 
1  A MSE 8   A MSE 83  ? MET SELENOMETHIONINE 
2  A MSE 13  A MSE 88  ? MET SELENOMETHIONINE 
3  A MSE 16  A MSE 91  ? MET SELENOMETHIONINE 
4  A MSE 18  A MSE 93  ? MET SELENOMETHIONINE 
5  A MSE 51  A MSE 126 ? MET SELENOMETHIONINE 
6  A MSE 115 A MSE 190 ? MET SELENOMETHIONINE 
7  A MSE 123 A MSE 198 ? MET SELENOMETHIONINE 
8  A MSE 143 A MSE 218 ? MET SELENOMETHIONINE 
9  A MSE 144 A MSE 219 ? MET SELENOMETHIONINE 
10 A MSE 167 A MSE 242 ? MET SELENOMETHIONINE 
# 
_pdbx_struct_special_symmetry.id              1 
_pdbx_struct_special_symmetry.PDB_model_num   1 
_pdbx_struct_special_symmetry.auth_asym_id    A 
_pdbx_struct_special_symmetry.auth_comp_id    HOH 
_pdbx_struct_special_symmetry.auth_seq_id     64 
_pdbx_struct_special_symmetry.PDB_ins_code    ? 
_pdbx_struct_special_symmetry.label_asym_id   B 
_pdbx_struct_special_symmetry.label_comp_id   HOH 
_pdbx_struct_special_symmetry.label_seq_id    . 
# 
loop_
_pdbx_unobs_or_zero_occ_residues.id 
_pdbx_unobs_or_zero_occ_residues.PDB_model_num 
_pdbx_unobs_or_zero_occ_residues.polymer_flag 
_pdbx_unobs_or_zero_occ_residues.occupancy_flag 
_pdbx_unobs_or_zero_occ_residues.auth_asym_id 
_pdbx_unobs_or_zero_occ_residues.auth_comp_id 
_pdbx_unobs_or_zero_occ_residues.auth_seq_id 
_pdbx_unobs_or_zero_occ_residues.PDB_ins_code 
_pdbx_unobs_or_zero_occ_residues.label_asym_id 
_pdbx_unobs_or_zero_occ_residues.label_comp_id 
_pdbx_unobs_or_zero_occ_residues.label_seq_id 
1  1 Y 1 A GLY 76  ? A GLY 1   
2  1 Y 1 A SER 77  ? A SER 2   
3  1 Y 1 A SER 78  ? A SER 3   
4  1 Y 1 A GLY 79  ? A GLY 4   
5  1 Y 1 A SER 80  ? A SER 5   
6  1 Y 1 A SER 81  ? A SER 6   
7  1 Y 1 A GLY 82  ? A GLY 7   
8  1 Y 1 A LYS 137 ? A LYS 62  
9  1 Y 1 A LYS 138 ? A LYS 63  
10 1 Y 1 A THR 139 ? A THR 64  
11 1 Y 1 A PHE 140 ? A PHE 65  
12 1 Y 1 A LEU 141 ? A LEU 66  
13 1 Y 1 A GLY 142 ? A GLY 67  
14 1 Y 1 A GLN 143 ? A GLN 68  
15 1 Y 1 A GLY 252 ? A GLY 177 
16 1 Y 1 A VAL 253 ? A VAL 178 
17 1 Y 1 A ILE 254 ? A ILE 179 
18 1 Y 1 A ASP 255 ? A ASP 180 
# 
loop_
_chem_comp_atom.comp_id 
_chem_comp_atom.atom_id 
_chem_comp_atom.type_symbol 
_chem_comp_atom.pdbx_aromatic_flag 
_chem_comp_atom.pdbx_stereo_config 
_chem_comp_atom.pdbx_ordinal 
ALA N    N  N N 1   
ALA CA   C  N S 2   
ALA C    C  N N 3   
ALA O    O  N N 4   
ALA CB   C  N N 5   
ALA OXT  O  N N 6   
ALA H    H  N N 7   
ALA H2   H  N N 8   
ALA HA   H  N N 9   
ALA HB1  H  N N 10  
ALA HB2  H  N N 11  
ALA HB3  H  N N 12  
ALA HXT  H  N N 13  
ARG N    N  N N 14  
ARG CA   C  N S 15  
ARG C    C  N N 16  
ARG O    O  N N 17  
ARG CB   C  N N 18  
ARG CG   C  N N 19  
ARG CD   C  N N 20  
ARG NE   N  N N 21  
ARG CZ   C  N N 22  
ARG NH1  N  N N 23  
ARG NH2  N  N N 24  
ARG OXT  O  N N 25  
ARG H    H  N N 26  
ARG H2   H  N N 27  
ARG HA   H  N N 28  
ARG HB2  H  N N 29  
ARG HB3  H  N N 30  
ARG HG2  H  N N 31  
ARG HG3  H  N N 32  
ARG HD2  H  N N 33  
ARG HD3  H  N N 34  
ARG HE   H  N N 35  
ARG HH11 H  N N 36  
ARG HH12 H  N N 37  
ARG HH21 H  N N 38  
ARG HH22 H  N N 39  
ARG HXT  H  N N 40  
ASN N    N  N N 41  
ASN CA   C  N S 42  
ASN C    C  N N 43  
ASN O    O  N N 44  
ASN CB   C  N N 45  
ASN CG   C  N N 46  
ASN OD1  O  N N 47  
ASN ND2  N  N N 48  
ASN OXT  O  N N 49  
ASN H    H  N N 50  
ASN H2   H  N N 51  
ASN HA   H  N N 52  
ASN HB2  H  N N 53  
ASN HB3  H  N N 54  
ASN HD21 H  N N 55  
ASN HD22 H  N N 56  
ASN HXT  H  N N 57  
ASP N    N  N N 58  
ASP CA   C  N S 59  
ASP C    C  N N 60  
ASP O    O  N N 61  
ASP CB   C  N N 62  
ASP CG   C  N N 63  
ASP OD1  O  N N 64  
ASP OD2  O  N N 65  
ASP OXT  O  N N 66  
ASP H    H  N N 67  
ASP H2   H  N N 68  
ASP HA   H  N N 69  
ASP HB2  H  N N 70  
ASP HB3  H  N N 71  
ASP HD2  H  N N 72  
ASP HXT  H  N N 73  
CYS N    N  N N 74  
CYS CA   C  N R 75  
CYS C    C  N N 76  
CYS O    O  N N 77  
CYS CB   C  N N 78  
CYS SG   S  N N 79  
CYS OXT  O  N N 80  
CYS H    H  N N 81  
CYS H2   H  N N 82  
CYS HA   H  N N 83  
CYS HB2  H  N N 84  
CYS HB3  H  N N 85  
CYS HG   H  N N 86  
CYS HXT  H  N N 87  
GLN N    N  N N 88  
GLN CA   C  N S 89  
GLN C    C  N N 90  
GLN O    O  N N 91  
GLN CB   C  N N 92  
GLN CG   C  N N 93  
GLN CD   C  N N 94  
GLN OE1  O  N N 95  
GLN NE2  N  N N 96  
GLN OXT  O  N N 97  
GLN H    H  N N 98  
GLN H2   H  N N 99  
GLN HA   H  N N 100 
GLN HB2  H  N N 101 
GLN HB3  H  N N 102 
GLN HG2  H  N N 103 
GLN HG3  H  N N 104 
GLN HE21 H  N N 105 
GLN HE22 H  N N 106 
GLN HXT  H  N N 107 
GLU N    N  N N 108 
GLU CA   C  N S 109 
GLU C    C  N N 110 
GLU O    O  N N 111 
GLU CB   C  N N 112 
GLU CG   C  N N 113 
GLU CD   C  N N 114 
GLU OE1  O  N N 115 
GLU OE2  O  N N 116 
GLU OXT  O  N N 117 
GLU H    H  N N 118 
GLU H2   H  N N 119 
GLU HA   H  N N 120 
GLU HB2  H  N N 121 
GLU HB3  H  N N 122 
GLU HG2  H  N N 123 
GLU HG3  H  N N 124 
GLU HE2  H  N N 125 
GLU HXT  H  N N 126 
GLY N    N  N N 127 
GLY CA   C  N N 128 
GLY C    C  N N 129 
GLY O    O  N N 130 
GLY OXT  O  N N 131 
GLY H    H  N N 132 
GLY H2   H  N N 133 
GLY HA2  H  N N 134 
GLY HA3  H  N N 135 
GLY HXT  H  N N 136 
HIS N    N  N N 137 
HIS CA   C  N S 138 
HIS C    C  N N 139 
HIS O    O  N N 140 
HIS CB   C  N N 141 
HIS CG   C  Y N 142 
HIS ND1  N  Y N 143 
HIS CD2  C  Y N 144 
HIS CE1  C  Y N 145 
HIS NE2  N  Y N 146 
HIS OXT  O  N N 147 
HIS H    H  N N 148 
HIS H2   H  N N 149 
HIS HA   H  N N 150 
HIS HB2  H  N N 151 
HIS HB3  H  N N 152 
HIS HD1  H  N N 153 
HIS HD2  H  N N 154 
HIS HE1  H  N N 155 
HIS HE2  H  N N 156 
HIS HXT  H  N N 157 
HOH O    O  N N 158 
HOH H1   H  N N 159 
HOH H2   H  N N 160 
ILE N    N  N N 161 
ILE CA   C  N S 162 
ILE C    C  N N 163 
ILE O    O  N N 164 
ILE CB   C  N S 165 
ILE CG1  C  N N 166 
ILE CG2  C  N N 167 
ILE CD1  C  N N 168 
ILE OXT  O  N N 169 
ILE H    H  N N 170 
ILE H2   H  N N 171 
ILE HA   H  N N 172 
ILE HB   H  N N 173 
ILE HG12 H  N N 174 
ILE HG13 H  N N 175 
ILE HG21 H  N N 176 
ILE HG22 H  N N 177 
ILE HG23 H  N N 178 
ILE HD11 H  N N 179 
ILE HD12 H  N N 180 
ILE HD13 H  N N 181 
ILE HXT  H  N N 182 
LEU N    N  N N 183 
LEU CA   C  N S 184 
LEU C    C  N N 185 
LEU O    O  N N 186 
LEU CB   C  N N 187 
LEU CG   C  N N 188 
LEU CD1  C  N N 189 
LEU CD2  C  N N 190 
LEU OXT  O  N N 191 
LEU H    H  N N 192 
LEU H2   H  N N 193 
LEU HA   H  N N 194 
LEU HB2  H  N N 195 
LEU HB3  H  N N 196 
LEU HG   H  N N 197 
LEU HD11 H  N N 198 
LEU HD12 H  N N 199 
LEU HD13 H  N N 200 
LEU HD21 H  N N 201 
LEU HD22 H  N N 202 
LEU HD23 H  N N 203 
LEU HXT  H  N N 204 
LYS N    N  N N 205 
LYS CA   C  N S 206 
LYS C    C  N N 207 
LYS O    O  N N 208 
LYS CB   C  N N 209 
LYS CG   C  N N 210 
LYS CD   C  N N 211 
LYS CE   C  N N 212 
LYS NZ   N  N N 213 
LYS OXT  O  N N 214 
LYS H    H  N N 215 
LYS H2   H  N N 216 
LYS HA   H  N N 217 
LYS HB2  H  N N 218 
LYS HB3  H  N N 219 
LYS HG2  H  N N 220 
LYS HG3  H  N N 221 
LYS HD2  H  N N 222 
LYS HD3  H  N N 223 
LYS HE2  H  N N 224 
LYS HE3  H  N N 225 
LYS HZ1  H  N N 226 
LYS HZ2  H  N N 227 
LYS HZ3  H  N N 228 
LYS HXT  H  N N 229 
MET N    N  N N 230 
MET CA   C  N S 231 
MET C    C  N N 232 
MET O    O  N N 233 
MET CB   C  N N 234 
MET CG   C  N N 235 
MET SD   S  N N 236 
MET CE   C  N N 237 
MET OXT  O  N N 238 
MET H    H  N N 239 
MET H2   H  N N 240 
MET HA   H  N N 241 
MET HB2  H  N N 242 
MET HB3  H  N N 243 
MET HG2  H  N N 244 
MET HG3  H  N N 245 
MET HE1  H  N N 246 
MET HE2  H  N N 247 
MET HE3  H  N N 248 
MET HXT  H  N N 249 
MSE N    N  N N 250 
MSE CA   C  N S 251 
MSE C    C  N N 252 
MSE O    O  N N 253 
MSE OXT  O  N N 254 
MSE CB   C  N N 255 
MSE CG   C  N N 256 
MSE SE   SE N N 257 
MSE CE   C  N N 258 
MSE H    H  N N 259 
MSE H2   H  N N 260 
MSE HA   H  N N 261 
MSE HXT  H  N N 262 
MSE HB2  H  N N 263 
MSE HB3  H  N N 264 
MSE HG2  H  N N 265 
MSE HG3  H  N N 266 
MSE HE1  H  N N 267 
MSE HE2  H  N N 268 
MSE HE3  H  N N 269 
PHE N    N  N N 270 
PHE CA   C  N S 271 
PHE C    C  N N 272 
PHE O    O  N N 273 
PHE CB   C  N N 274 
PHE CG   C  Y N 275 
PHE CD1  C  Y N 276 
PHE CD2  C  Y N 277 
PHE CE1  C  Y N 278 
PHE CE2  C  Y N 279 
PHE CZ   C  Y N 280 
PHE OXT  O  N N 281 
PHE H    H  N N 282 
PHE H2   H  N N 283 
PHE HA   H  N N 284 
PHE HB2  H  N N 285 
PHE HB3  H  N N 286 
PHE HD1  H  N N 287 
PHE HD2  H  N N 288 
PHE HE1  H  N N 289 
PHE HE2  H  N N 290 
PHE HZ   H  N N 291 
PHE HXT  H  N N 292 
PRO N    N  N N 293 
PRO CA   C  N S 294 
PRO C    C  N N 295 
PRO O    O  N N 296 
PRO CB   C  N N 297 
PRO CG   C  N N 298 
PRO CD   C  N N 299 
PRO OXT  O  N N 300 
PRO H    H  N N 301 
PRO HA   H  N N 302 
PRO HB2  H  N N 303 
PRO HB3  H  N N 304 
PRO HG2  H  N N 305 
PRO HG3  H  N N 306 
PRO HD2  H  N N 307 
PRO HD3  H  N N 308 
PRO HXT  H  N N 309 
SER N    N  N N 310 
SER CA   C  N S 311 
SER C    C  N N 312 
SER O    O  N N 313 
SER CB   C  N N 314 
SER OG   O  N N 315 
SER OXT  O  N N 316 
SER H    H  N N 317 
SER H2   H  N N 318 
SER HA   H  N N 319 
SER HB2  H  N N 320 
SER HB3  H  N N 321 
SER HG   H  N N 322 
SER HXT  H  N N 323 
THR N    N  N N 324 
THR CA   C  N S 325 
THR C    C  N N 326 
THR O    O  N N 327 
THR CB   C  N R 328 
THR OG1  O  N N 329 
THR CG2  C  N N 330 
THR OXT  O  N N 331 
THR H    H  N N 332 
THR H2   H  N N 333 
THR HA   H  N N 334 
THR HB   H  N N 335 
THR HG1  H  N N 336 
THR HG21 H  N N 337 
THR HG22 H  N N 338 
THR HG23 H  N N 339 
THR HXT  H  N N 340 
TRP N    N  N N 341 
TRP CA   C  N S 342 
TRP C    C  N N 343 
TRP O    O  N N 344 
TRP CB   C  N N 345 
TRP CG   C  Y N 346 
TRP CD1  C  Y N 347 
TRP CD2  C  Y N 348 
TRP NE1  N  Y N 349 
TRP CE2  C  Y N 350 
TRP CE3  C  Y N 351 
TRP CZ2  C  Y N 352 
TRP CZ3  C  Y N 353 
TRP CH2  C  Y N 354 
TRP OXT  O  N N 355 
TRP H    H  N N 356 
TRP H2   H  N N 357 
TRP HA   H  N N 358 
TRP HB2  H  N N 359 
TRP HB3  H  N N 360 
TRP HD1  H  N N 361 
TRP HE1  H  N N 362 
TRP HE3  H  N N 363 
TRP HZ2  H  N N 364 
TRP HZ3  H  N N 365 
TRP HH2  H  N N 366 
TRP HXT  H  N N 367 
TYR N    N  N N 368 
TYR CA   C  N S 369 
TYR C    C  N N 370 
TYR O    O  N N 371 
TYR CB   C  N N 372 
TYR CG   C  Y N 373 
TYR CD1  C  Y N 374 
TYR CD2  C  Y N 375 
TYR CE1  C  Y N 376 
TYR CE2  C  Y N 377 
TYR CZ   C  Y N 378 
TYR OH   O  N N 379 
TYR OXT  O  N N 380 
TYR H    H  N N 381 
TYR H2   H  N N 382 
TYR HA   H  N N 383 
TYR HB2  H  N N 384 
TYR HB3  H  N N 385 
TYR HD1  H  N N 386 
TYR HD2  H  N N 387 
TYR HE1  H  N N 388 
TYR HE2  H  N N 389 
TYR HH   H  N N 390 
TYR HXT  H  N N 391 
VAL N    N  N N 392 
VAL CA   C  N S 393 
VAL C    C  N N 394 
VAL O    O  N N 395 
VAL CB   C  N N 396 
VAL CG1  C  N N 397 
VAL CG2  C  N N 398 
VAL OXT  O  N N 399 
VAL H    H  N N 400 
VAL H2   H  N N 401 
VAL HA   H  N N 402 
VAL HB   H  N N 403 
VAL HG11 H  N N 404 
VAL HG12 H  N N 405 
VAL HG13 H  N N 406 
VAL HG21 H  N N 407 
VAL HG22 H  N N 408 
VAL HG23 H  N N 409 
VAL HXT  H  N N 410 
# 
loop_
_chem_comp_bond.comp_id 
_chem_comp_bond.atom_id_1 
_chem_comp_bond.atom_id_2 
_chem_comp_bond.value_order 
_chem_comp_bond.pdbx_aromatic_flag 
_chem_comp_bond.pdbx_stereo_config 
_chem_comp_bond.pdbx_ordinal 
ALA N   CA   sing N N 1   
ALA N   H    sing N N 2   
ALA N   H2   sing N N 3   
ALA CA  C    sing N N 4   
ALA CA  CB   sing N N 5   
ALA CA  HA   sing N N 6   
ALA C   O    doub N N 7   
ALA C   OXT  sing N N 8   
ALA CB  HB1  sing N N 9   
ALA CB  HB2  sing N N 10  
ALA CB  HB3  sing N N 11  
ALA OXT HXT  sing N N 12  
ARG N   CA   sing N N 13  
ARG N   H    sing N N 14  
ARG N   H2   sing N N 15  
ARG CA  C    sing N N 16  
ARG CA  CB   sing N N 17  
ARG CA  HA   sing N N 18  
ARG C   O    doub N N 19  
ARG C   OXT  sing N N 20  
ARG CB  CG   sing N N 21  
ARG CB  HB2  sing N N 22  
ARG CB  HB3  sing N N 23  
ARG CG  CD   sing N N 24  
ARG CG  HG2  sing N N 25  
ARG CG  HG3  sing N N 26  
ARG CD  NE   sing N N 27  
ARG CD  HD2  sing N N 28  
ARG CD  HD3  sing N N 29  
ARG NE  CZ   sing N N 30  
ARG NE  HE   sing N N 31  
ARG CZ  NH1  sing N N 32  
ARG CZ  NH2  doub N N 33  
ARG NH1 HH11 sing N N 34  
ARG NH1 HH12 sing N N 35  
ARG NH2 HH21 sing N N 36  
ARG NH2 HH22 sing N N 37  
ARG OXT HXT  sing N N 38  
ASN N   CA   sing N N 39  
ASN N   H    sing N N 40  
ASN N   H2   sing N N 41  
ASN CA  C    sing N N 42  
ASN CA  CB   sing N N 43  
ASN CA  HA   sing N N 44  
ASN C   O    doub N N 45  
ASN C   OXT  sing N N 46  
ASN CB  CG   sing N N 47  
ASN CB  HB2  sing N N 48  
ASN CB  HB3  sing N N 49  
ASN CG  OD1  doub N N 50  
ASN CG  ND2  sing N N 51  
ASN ND2 HD21 sing N N 52  
ASN ND2 HD22 sing N N 53  
ASN OXT HXT  sing N N 54  
ASP N   CA   sing N N 55  
ASP N   H    sing N N 56  
ASP N   H2   sing N N 57  
ASP CA  C    sing N N 58  
ASP CA  CB   sing N N 59  
ASP CA  HA   sing N N 60  
ASP C   O    doub N N 61  
ASP C   OXT  sing N N 62  
ASP CB  CG   sing N N 63  
ASP CB  HB2  sing N N 64  
ASP CB  HB3  sing N N 65  
ASP CG  OD1  doub N N 66  
ASP CG  OD2  sing N N 67  
ASP OD2 HD2  sing N N 68  
ASP OXT HXT  sing N N 69  
CYS N   CA   sing N N 70  
CYS N   H    sing N N 71  
CYS N   H2   sing N N 72  
CYS CA  C    sing N N 73  
CYS CA  CB   sing N N 74  
CYS CA  HA   sing N N 75  
CYS C   O    doub N N 76  
CYS C   OXT  sing N N 77  
CYS CB  SG   sing N N 78  
CYS CB  HB2  sing N N 79  
CYS CB  HB3  sing N N 80  
CYS SG  HG   sing N N 81  
CYS OXT HXT  sing N N 82  
GLN N   CA   sing N N 83  
GLN N   H    sing N N 84  
GLN N   H2   sing N N 85  
GLN CA  C    sing N N 86  
GLN CA  CB   sing N N 87  
GLN CA  HA   sing N N 88  
GLN C   O    doub N N 89  
GLN C   OXT  sing N N 90  
GLN CB  CG   sing N N 91  
GLN CB  HB2  sing N N 92  
GLN CB  HB3  sing N N 93  
GLN CG  CD   sing N N 94  
GLN CG  HG2  sing N N 95  
GLN CG  HG3  sing N N 96  
GLN CD  OE1  doub N N 97  
GLN CD  NE2  sing N N 98  
GLN NE2 HE21 sing N N 99  
GLN NE2 HE22 sing N N 100 
GLN OXT HXT  sing N N 101 
GLU N   CA   sing N N 102 
GLU N   H    sing N N 103 
GLU N   H2   sing N N 104 
GLU CA  C    sing N N 105 
GLU CA  CB   sing N N 106 
GLU CA  HA   sing N N 107 
GLU C   O    doub N N 108 
GLU C   OXT  sing N N 109 
GLU CB  CG   sing N N 110 
GLU CB  HB2  sing N N 111 
GLU CB  HB3  sing N N 112 
GLU CG  CD   sing N N 113 
GLU CG  HG2  sing N N 114 
GLU CG  HG3  sing N N 115 
GLU CD  OE1  doub N N 116 
GLU CD  OE2  sing N N 117 
GLU OE2 HE2  sing N N 118 
GLU OXT HXT  sing N N 119 
GLY N   CA   sing N N 120 
GLY N   H    sing N N 121 
GLY N   H2   sing N N 122 
GLY CA  C    sing N N 123 
GLY CA  HA2  sing N N 124 
GLY CA  HA3  sing N N 125 
GLY C   O    doub N N 126 
GLY C   OXT  sing N N 127 
GLY OXT HXT  sing N N 128 
HIS N   CA   sing N N 129 
HIS N   H    sing N N 130 
HIS N   H2   sing N N 131 
HIS CA  C    sing N N 132 
HIS CA  CB   sing N N 133 
HIS CA  HA   sing N N 134 
HIS C   O    doub N N 135 
HIS C   OXT  sing N N 136 
HIS CB  CG   sing N N 137 
HIS CB  HB2  sing N N 138 
HIS CB  HB3  sing N N 139 
HIS CG  ND1  sing Y N 140 
HIS CG  CD2  doub Y N 141 
HIS ND1 CE1  doub Y N 142 
HIS ND1 HD1  sing N N 143 
HIS CD2 NE2  sing Y N 144 
HIS CD2 HD2  sing N N 145 
HIS CE1 NE2  sing Y N 146 
HIS CE1 HE1  sing N N 147 
HIS NE2 HE2  sing N N 148 
HIS OXT HXT  sing N N 149 
HOH O   H1   sing N N 150 
HOH O   H2   sing N N 151 
ILE N   CA   sing N N 152 
ILE N   H    sing N N 153 
ILE N   H2   sing N N 154 
ILE CA  C    sing N N 155 
ILE CA  CB   sing N N 156 
ILE CA  HA   sing N N 157 
ILE C   O    doub N N 158 
ILE C   OXT  sing N N 159 
ILE CB  CG1  sing N N 160 
ILE CB  CG2  sing N N 161 
ILE CB  HB   sing N N 162 
ILE CG1 CD1  sing N N 163 
ILE CG1 HG12 sing N N 164 
ILE CG1 HG13 sing N N 165 
ILE CG2 HG21 sing N N 166 
ILE CG2 HG22 sing N N 167 
ILE CG2 HG23 sing N N 168 
ILE CD1 HD11 sing N N 169 
ILE CD1 HD12 sing N N 170 
ILE CD1 HD13 sing N N 171 
ILE OXT HXT  sing N N 172 
LEU N   CA   sing N N 173 
LEU N   H    sing N N 174 
LEU N   H2   sing N N 175 
LEU CA  C    sing N N 176 
LEU CA  CB   sing N N 177 
LEU CA  HA   sing N N 178 
LEU C   O    doub N N 179 
LEU C   OXT  sing N N 180 
LEU CB  CG   sing N N 181 
LEU CB  HB2  sing N N 182 
LEU CB  HB3  sing N N 183 
LEU CG  CD1  sing N N 184 
LEU CG  CD2  sing N N 185 
LEU CG  HG   sing N N 186 
LEU CD1 HD11 sing N N 187 
LEU CD1 HD12 sing N N 188 
LEU CD1 HD13 sing N N 189 
LEU CD2 HD21 sing N N 190 
LEU CD2 HD22 sing N N 191 
LEU CD2 HD23 sing N N 192 
LEU OXT HXT  sing N N 193 
LYS N   CA   sing N N 194 
LYS N   H    sing N N 195 
LYS N   H2   sing N N 196 
LYS CA  C    sing N N 197 
LYS CA  CB   sing N N 198 
LYS CA  HA   sing N N 199 
LYS C   O    doub N N 200 
LYS C   OXT  sing N N 201 
LYS CB  CG   sing N N 202 
LYS CB  HB2  sing N N 203 
LYS CB  HB3  sing N N 204 
LYS CG  CD   sing N N 205 
LYS CG  HG2  sing N N 206 
LYS CG  HG3  sing N N 207 
LYS CD  CE   sing N N 208 
LYS CD  HD2  sing N N 209 
LYS CD  HD3  sing N N 210 
LYS CE  NZ   sing N N 211 
LYS CE  HE2  sing N N 212 
LYS CE  HE3  sing N N 213 
LYS NZ  HZ1  sing N N 214 
LYS NZ  HZ2  sing N N 215 
LYS NZ  HZ3  sing N N 216 
LYS OXT HXT  sing N N 217 
MET N   CA   sing N N 218 
MET N   H    sing N N 219 
MET N   H2   sing N N 220 
MET CA  C    sing N N 221 
MET CA  CB   sing N N 222 
MET CA  HA   sing N N 223 
MET C   O    doub N N 224 
MET C   OXT  sing N N 225 
MET CB  CG   sing N N 226 
MET CB  HB2  sing N N 227 
MET CB  HB3  sing N N 228 
MET CG  SD   sing N N 229 
MET CG  HG2  sing N N 230 
MET CG  HG3  sing N N 231 
MET SD  CE   sing N N 232 
MET CE  HE1  sing N N 233 
MET CE  HE2  sing N N 234 
MET CE  HE3  sing N N 235 
MET OXT HXT  sing N N 236 
MSE N   CA   sing N N 237 
MSE N   H    sing N N 238 
MSE N   H2   sing N N 239 
MSE CA  C    sing N N 240 
MSE CA  CB   sing N N 241 
MSE CA  HA   sing N N 242 
MSE C   O    doub N N 243 
MSE C   OXT  sing N N 244 
MSE OXT HXT  sing N N 245 
MSE CB  CG   sing N N 246 
MSE CB  HB2  sing N N 247 
MSE CB  HB3  sing N N 248 
MSE CG  SE   sing N N 249 
MSE CG  HG2  sing N N 250 
MSE CG  HG3  sing N N 251 
MSE SE  CE   sing N N 252 
MSE CE  HE1  sing N N 253 
MSE CE  HE2  sing N N 254 
MSE CE  HE3  sing N N 255 
PHE N   CA   sing N N 256 
PHE N   H    sing N N 257 
PHE N   H2   sing N N 258 
PHE CA  C    sing N N 259 
PHE CA  CB   sing N N 260 
PHE CA  HA   sing N N 261 
PHE C   O    doub N N 262 
PHE C   OXT  sing N N 263 
PHE CB  CG   sing N N 264 
PHE CB  HB2  sing N N 265 
PHE CB  HB3  sing N N 266 
PHE CG  CD1  doub Y N 267 
PHE CG  CD2  sing Y N 268 
PHE CD1 CE1  sing Y N 269 
PHE CD1 HD1  sing N N 270 
PHE CD2 CE2  doub Y N 271 
PHE CD2 HD2  sing N N 272 
PHE CE1 CZ   doub Y N 273 
PHE CE1 HE1  sing N N 274 
PHE CE2 CZ   sing Y N 275 
PHE CE2 HE2  sing N N 276 
PHE CZ  HZ   sing N N 277 
PHE OXT HXT  sing N N 278 
PRO N   CA   sing N N 279 
PRO N   CD   sing N N 280 
PRO N   H    sing N N 281 
PRO CA  C    sing N N 282 
PRO CA  CB   sing N N 283 
PRO CA  HA   sing N N 284 
PRO C   O    doub N N 285 
PRO C   OXT  sing N N 286 
PRO CB  CG   sing N N 287 
PRO CB  HB2  sing N N 288 
PRO CB  HB3  sing N N 289 
PRO CG  CD   sing N N 290 
PRO CG  HG2  sing N N 291 
PRO CG  HG3  sing N N 292 
PRO CD  HD2  sing N N 293 
PRO CD  HD3  sing N N 294 
PRO OXT HXT  sing N N 295 
SER N   CA   sing N N 296 
SER N   H    sing N N 297 
SER N   H2   sing N N 298 
SER CA  C    sing N N 299 
SER CA  CB   sing N N 300 
SER CA  HA   sing N N 301 
SER C   O    doub N N 302 
SER C   OXT  sing N N 303 
SER CB  OG   sing N N 304 
SER CB  HB2  sing N N 305 
SER CB  HB3  sing N N 306 
SER OG  HG   sing N N 307 
SER OXT HXT  sing N N 308 
THR N   CA   sing N N 309 
THR N   H    sing N N 310 
THR N   H2   sing N N 311 
THR CA  C    sing N N 312 
THR CA  CB   sing N N 313 
THR CA  HA   sing N N 314 
THR C   O    doub N N 315 
THR C   OXT  sing N N 316 
THR CB  OG1  sing N N 317 
THR CB  CG2  sing N N 318 
THR CB  HB   sing N N 319 
THR OG1 HG1  sing N N 320 
THR CG2 HG21 sing N N 321 
THR CG2 HG22 sing N N 322 
THR CG2 HG23 sing N N 323 
THR OXT HXT  sing N N 324 
TRP N   CA   sing N N 325 
TRP N   H    sing N N 326 
TRP N   H2   sing N N 327 
TRP CA  C    sing N N 328 
TRP CA  CB   sing N N 329 
TRP CA  HA   sing N N 330 
TRP C   O    doub N N 331 
TRP C   OXT  sing N N 332 
TRP CB  CG   sing N N 333 
TRP CB  HB2  sing N N 334 
TRP CB  HB3  sing N N 335 
TRP CG  CD1  doub Y N 336 
TRP CG  CD2  sing Y N 337 
TRP CD1 NE1  sing Y N 338 
TRP CD1 HD1  sing N N 339 
TRP CD2 CE2  doub Y N 340 
TRP CD2 CE3  sing Y N 341 
TRP NE1 CE2  sing Y N 342 
TRP NE1 HE1  sing N N 343 
TRP CE2 CZ2  sing Y N 344 
TRP CE3 CZ3  doub Y N 345 
TRP CE3 HE3  sing N N 346 
TRP CZ2 CH2  doub Y N 347 
TRP CZ2 HZ2  sing N N 348 
TRP CZ3 CH2  sing Y N 349 
TRP CZ3 HZ3  sing N N 350 
TRP CH2 HH2  sing N N 351 
TRP OXT HXT  sing N N 352 
TYR N   CA   sing N N 353 
TYR N   H    sing N N 354 
TYR N   H2   sing N N 355 
TYR CA  C    sing N N 356 
TYR CA  CB   sing N N 357 
TYR CA  HA   sing N N 358 
TYR C   O    doub N N 359 
TYR C   OXT  sing N N 360 
TYR CB  CG   sing N N 361 
TYR CB  HB2  sing N N 362 
TYR CB  HB3  sing N N 363 
TYR CG  CD1  doub Y N 364 
TYR CG  CD2  sing Y N 365 
TYR CD1 CE1  sing Y N 366 
TYR CD1 HD1  sing N N 367 
TYR CD2 CE2  doub Y N 368 
TYR CD2 HD2  sing N N 369 
TYR CE1 CZ   doub Y N 370 
TYR CE1 HE1  sing N N 371 
TYR CE2 CZ   sing Y N 372 
TYR CE2 HE2  sing N N 373 
TYR CZ  OH   sing N N 374 
TYR OH  HH   sing N N 375 
TYR OXT HXT  sing N N 376 
VAL N   CA   sing N N 377 
VAL N   H    sing N N 378 
VAL N   H2   sing N N 379 
VAL CA  C    sing N N 380 
VAL CA  CB   sing N N 381 
VAL CA  HA   sing N N 382 
VAL C   O    doub N N 383 
VAL C   OXT  sing N N 384 
VAL CB  CG1  sing N N 385 
VAL CB  CG2  sing N N 386 
VAL CB  HB   sing N N 387 
VAL CG1 HG11 sing N N 388 
VAL CG1 HG12 sing N N 389 
VAL CG1 HG13 sing N N 390 
VAL CG2 HG21 sing N N 391 
VAL CG2 HG22 sing N N 392 
VAL CG2 HG23 sing N N 393 
VAL OXT HXT  sing N N 394 
# 
_atom_sites.entry_id                    2DWK 
_atom_sites.fract_transf_matrix[1][1]   -0.00030881 
_atom_sites.fract_transf_matrix[1][2]   0.00539098 
_atom_sites.fract_transf_matrix[1][3]   0.01220485 
_atom_sites.fract_transf_matrix[2][1]   -0.00950575 
_atom_sites.fract_transf_matrix[2][2]   0.00881832 
_atom_sites.fract_transf_matrix[2][3]   0.00316128 
_atom_sites.fract_transf_matrix[3][1]   -0.00550950 
_atom_sites.fract_transf_matrix[3][2]   -0.00699698 
_atom_sites.fract_transf_matrix[3][3]   0.00295122 
_atom_sites.fract_transf_vector[1]      0.231120 
_atom_sites.fract_transf_vector[2]      0.475918 
_atom_sites.fract_transf_vector[3]      0.364333 
# 
loop_
_atom_type.symbol 
C  
N  
O  
S  
SE 
# 
loop_
_atom_site.group_PDB 
_atom_site.id 
_atom_site.type_symbol 
_atom_site.label_atom_id 
_atom_site.label_alt_id 
_atom_site.label_comp_id 
_atom_site.label_asym_id 
_atom_site.label_entity_id 
_atom_site.label_seq_id 
_atom_site.pdbx_PDB_ins_code 
_atom_site.Cartn_x 
_atom_site.Cartn_y 
_atom_site.Cartn_z 
_atom_site.occupancy 
_atom_site.B_iso_or_equiv 
_atom_site.pdbx_formal_charge 
_atom_site.auth_seq_id 
_atom_site.auth_comp_id 
_atom_site.auth_asym_id 
_atom_site.auth_atom_id 
_atom_site.pdbx_PDB_model_num 
HETATM 1    N  N   . MSE A 1 8   ? -2.011  15.960  16.833  1.00 64.43  ? 83  MSE A N   1 
HETATM 2    C  CA  . MSE A 1 8   ? -1.363  14.880  16.043  1.00 62.56  ? 83  MSE A CA  1 
HETATM 3    C  C   . MSE A 1 8   ? -2.070  13.561  16.320  1.00 61.89  ? 83  MSE A C   1 
HETATM 4    O  O   . MSE A 1 8   ? -2.208  12.722  15.426  1.00 59.52  ? 83  MSE A O   1 
HETATM 5    C  CB  . MSE A 1 8   ? 0.122   14.763  16.408  1.00 64.06  ? 83  MSE A CB  1 
HETATM 6    C  CG  . MSE A 1 8   ? 0.960   14.010  15.381  1.00 68.88  ? 83  MSE A CG  1 
HETATM 7    SE SE  . MSE A 1 8   ? 1.620   15.078  13.894  1.00 76.38  ? 83  MSE A SE  1 
HETATM 8    C  CE  . MSE A 1 8   ? -0.006  15.939  13.359  1.00 77.89  ? 83  MSE A CE  1 
ATOM   9    N  N   . ALA A 1 9   ? -2.528  13.381  17.556  1.00 56.16  ? 84  ALA A N   1 
ATOM   10   C  CA  . ALA A 1 9   ? -3.228  12.156  17.930  1.00 56.10  ? 84  ALA A CA  1 
ATOM   11   C  C   . ALA A 1 9   ? -4.619  12.112  17.302  1.00 56.95  ? 84  ALA A C   1 
ATOM   12   O  O   . ALA A 1 9   ? -5.216  11.041  17.160  1.00 56.17  ? 84  ALA A O   1 
ATOM   13   C  CB  . ALA A 1 9   ? -3.338  12.054  19.434  1.00 56.82  ? 84  ALA A CB  1 
ATOM   14   N  N   . ASN A 1 10  ? -5.134  13.280  16.934  1.00 57.14  ? 85  ASN A N   1 
ATOM   15   C  CA  . ASN A 1 10  ? -6.444  13.363  16.310  1.00 60.02  ? 85  ASN A CA  1 
ATOM   16   C  C   . ASN A 1 10  ? -6.323  13.136  14.815  1.00 55.77  ? 85  ASN A C   1 
ATOM   17   O  O   . ASN A 1 10  ? -7.171  12.478  14.210  1.00 53.99  ? 85  ASN A O   1 
ATOM   18   C  CB  . ASN A 1 10  ? -7.087  14.725  16.572  1.00 64.32  ? 85  ASN A CB  1 
ATOM   19   C  CG  . ASN A 1 10  ? -8.064  14.686  17.726  1.00 73.99  ? 85  ASN A CG  1 
ATOM   20   O  OD1 . ASN A 1 10  ? -7.687  14.434  18.874  1.00 78.20  ? 85  ASN A OD1 1 
ATOM   21   N  ND2 . ASN A 1 10  ? -9.334  14.925  17.426  1.00 81.35  ? 85  ASN A ND2 1 
ATOM   22   N  N   . GLU A 1 11  ? -5.269  13.689  14.224  1.00 52.09  ? 86  GLU A N   1 
ATOM   23   C  CA  . GLU A 1 11  ? -5.041  13.520  12.803  1.00 52.05  ? 86  GLU A CA  1 
ATOM   24   C  C   . GLU A 1 11  ? -4.880  12.022  12.522  1.00 50.94  ? 86  GLU A C   1 
ATOM   25   O  O   . GLU A 1 11  ? -5.332  11.528  11.488  1.00 53.72  ? 86  GLU A O   1 
ATOM   26   C  CB  . GLU A 1 11  ? -3.789  14.281  12.362  1.00 51.58  ? 86  GLU A CB  1 
ATOM   27   C  CG  . GLU A 1 11  ? -3.577  14.242  10.855  1.00 60.55  ? 86  GLU A CG  1 
ATOM   28   C  CD  . GLU A 1 11  ? -2.425  15.111  10.382  1.00 67.35  ? 86  GLU A CD  1 
ATOM   29   O  OE1 . GLU A 1 11  ? -2.179  15.140  9.153   1.00 69.05  ? 86  GLU A OE1 1 
ATOM   30   O  OE2 . GLU A 1 11  ? -1.771  15.762  11.230  1.00 65.96  ? 86  GLU A OE2 1 
ATOM   31   N  N   . ARG A 1 12  ? -4.261  11.312  13.467  1.00 43.95  ? 87  ARG A N   1 
ATOM   32   C  CA  . ARG A 1 12  ? -4.025  9.878   13.358  1.00 43.39  ? 87  ARG A CA  1 
ATOM   33   C  C   . ARG A 1 12  ? -5.315  9.102   13.398  1.00 45.24  ? 87  ARG A C   1 
ATOM   34   O  O   . ARG A 1 12  ? -5.504  8.152   12.642  1.00 38.30  ? 87  ARG A O   1 
ATOM   35   C  CB  . ARG A 1 12  ? -3.160  9.362   14.507  1.00 35.20  ? 87  ARG A CB  1 
ATOM   36   C  CG  . ARG A 1 12  ? -1.689  9.704   14.426  1.00 41.96  ? 87  ARG A CG  1 
ATOM   37   C  CD  . ARG A 1 12  ? -0.855  8.682   15.198  1.00 38.49  ? 87  ARG A CD  1 
ATOM   38   N  NE  . ARG A 1 12  ? -1.276  8.495   16.591  1.00 43.52  ? 87  ARG A NE  1 
ATOM   39   C  CZ  . ARG A 1 12  ? -1.052  9.361   17.576  1.00 49.04  ? 87  ARG A CZ  1 
ATOM   40   N  NH1 . ARG A 1 12  ? -0.403  10.502  17.344  1.00 40.13  ? 87  ARG A NH1 1 
ATOM   41   N  NH2 . ARG A 1 12  ? -1.462  9.076   18.804  1.00 43.14  ? 87  ARG A NH2 1 
HETATM 42   N  N   . MSE A 1 13  ? -6.186  9.485   14.322  1.00 47.62  ? 88  MSE A N   1 
HETATM 43   C  CA  . MSE A 1 13  ? -7.457  8.806   14.473  1.00 49.86  ? 88  MSE A CA  1 
HETATM 44   C  C   . MSE A 1 13  ? -8.334  9.077   13.261  1.00 43.35  ? 88  MSE A C   1 
HETATM 45   O  O   . MSE A 1 13  ? -9.070  8.206   12.824  1.00 44.38  ? 88  MSE A O   1 
HETATM 46   C  CB  . MSE A 1 13  ? -8.158  9.273   15.739  1.00 60.90  ? 88  MSE A CB  1 
HETATM 47   C  CG  . MSE A 1 13  ? -9.394  8.470   16.074  1.00 82.32  ? 88  MSE A CG  1 
HETATM 48   SE SE  . MSE A 1 13  ? -10.470 9.376   17.394  1.00 108.05 ? 88  MSE A SE  1 
HETATM 49   C  CE  . MSE A 1 13  ? -9.566  8.738   18.982  1.00 104.04 ? 88  MSE A CE  1 
ATOM   50   N  N   . ASN A 1 14  ? -8.265  10.287  12.723  1.00 43.29  ? 89  ASN A N   1 
ATOM   51   C  CA  . ASN A 1 14  ? -9.059  10.604  11.550  1.00 43.82  ? 89  ASN A CA  1 
ATOM   52   C  C   . ASN A 1 14  ? -8.568  9.790   10.363  1.00 43.25  ? 89  ASN A C   1 
ATOM   53   O  O   . ASN A 1 14  ? -9.379  9.262   9.617   1.00 37.97  ? 89  ASN A O   1 
ATOM   54   C  CB  . ASN A 1 14  ? -9.003  12.096  11.229  1.00 51.47  ? 89  ASN A CB  1 
ATOM   55   C  CG  . ASN A 1 14  ? -9.785  12.935  12.238  1.00 63.69  ? 89  ASN A CG  1 
ATOM   56   O  OD1 . ASN A 1 14  ? -10.942 12.636  12.548  1.00 63.50  ? 89  ASN A OD1 1 
ATOM   57   N  ND2 . ASN A 1 14  ? -9.157  13.987  12.748  1.00 64.91  ? 89  ASN A ND2 1 
ATOM   58   N  N   . LEU A 1 15  ? -7.248  9.671   10.207  1.00 38.83  ? 90  LEU A N   1 
ATOM   59   C  CA  . LEU A 1 15  ? -6.671  8.897   9.104   1.00 39.09  ? 90  LEU A CA  1 
ATOM   60   C  C   . LEU A 1 15  ? -7.034  7.421   9.227   1.00 40.67  ? 90  LEU A C   1 
ATOM   61   O  O   . LEU A 1 15  ? -7.332  6.757   8.224   1.00 39.28  ? 90  LEU A O   1 
ATOM   62   C  CB  . LEU A 1 15  ? -5.142  9.052   9.059   1.00 32.22  ? 90  LEU A CB  1 
ATOM   63   C  CG  . LEU A 1 15  ? -4.558  10.391  8.583   1.00 37.02  ? 90  LEU A CG  1 
ATOM   64   C  CD1 . LEU A 1 15  ? -3.033  10.328  8.627   1.00 39.52  ? 90  LEU A CD1 1 
ATOM   65   C  CD2 . LEU A 1 15  ? -5.010  10.713  7.168   1.00 37.44  ? 90  LEU A CD2 1 
HETATM 66   N  N   . MSE A 1 16  ? -7.014  6.899   10.451  1.00 39.19  ? 91  MSE A N   1 
HETATM 67   C  CA  . MSE A 1 16  ? -7.358  5.503   10.656  1.00 38.26  ? 91  MSE A CA  1 
HETATM 68   C  C   . MSE A 1 16  ? -8.826  5.236   10.372  1.00 38.85  ? 91  MSE A C   1 
HETATM 69   O  O   . MSE A 1 16  ? -9.170  4.169   9.866   1.00 39.52  ? 91  MSE A O   1 
HETATM 70   C  CB  . MSE A 1 16  ? -7.049  5.044   12.073  1.00 42.75  ? 91  MSE A CB  1 
HETATM 71   C  CG  . MSE A 1 16  ? -7.412  3.592   12.284  1.00 43.96  ? 91  MSE A CG  1 
HETATM 72   SE SE  . MSE A 1 16  ? -7.504  3.067   14.124  1.00 65.08  ? 91  MSE A SE  1 
HETATM 73   C  CE  . MSE A 1 16  ? -8.747  4.413   14.767  1.00 53.23  ? 91  MSE A CE  1 
ATOM   74   N  N   . ASN A 1 17  ? -9.695  6.183   10.721  1.00 37.87  ? 92  ASN A N   1 
ATOM   75   C  CA  . ASN A 1 17  ? -11.117 6.010   10.461  1.00 41.40  ? 92  ASN A CA  1 
ATOM   76   C  C   . ASN A 1 17  ? -11.314 6.110   8.950   1.00 36.43  ? 92  ASN A C   1 
ATOM   77   O  O   . ASN A 1 17  ? -12.174 5.449   8.383   1.00 35.43  ? 92  ASN A O   1 
ATOM   78   C  CB  . ASN A 1 17  ? -11.948 7.076   11.185  1.00 39.24  ? 92  ASN A CB  1 
ATOM   79   C  CG  . ASN A 1 17  ? -12.072 6.795   12.677  1.00 48.99  ? 92  ASN A CG  1 
ATOM   80   O  OD1 . ASN A 1 17  ? -12.218 5.640   13.101  1.00 50.62  ? 92  ASN A OD1 1 
ATOM   81   N  ND2 . ASN A 1 17  ? -12.024 7.852   13.482  1.00 53.96  ? 92  ASN A ND2 1 
HETATM 82   N  N   . MSE A 1 18  ? -10.498 6.939   8.313   1.00 32.33  ? 93  MSE A N   1 
HETATM 83   C  CA  . MSE A 1 18  ? -10.546 7.107   6.872   1.00 37.00  ? 93  MSE A CA  1 
HETATM 84   C  C   . MSE A 1 18  ? -10.090 5.784   6.223   1.00 33.40  ? 93  MSE A C   1 
HETATM 85   O  O   . MSE A 1 18  ? -10.672 5.329   5.232   1.00 28.80  ? 93  MSE A O   1 
HETATM 86   C  CB  . MSE A 1 18  ? -9.623  8.256   6.497   1.00 36.93  ? 93  MSE A CB  1 
HETATM 87   C  CG  . MSE A 1 18  ? -9.856  8.876   5.162   1.00 51.94  ? 93  MSE A CG  1 
HETATM 88   SE SE  . MSE A 1 18  ? -8.856  10.545  5.072   1.00 67.68  ? 93  MSE A SE  1 
HETATM 89   C  CE  . MSE A 1 18  ? -7.095  9.796   4.861   1.00 66.95  ? 93  MSE A CE  1 
ATOM   90   N  N   . ALA A 1 19  ? -9.049  5.166   6.779   1.00 29.47  ? 94  ALA A N   1 
ATOM   91   C  CA  . ALA A 1 19  ? -8.563  3.890   6.261   1.00 28.61  ? 94  ALA A CA  1 
ATOM   92   C  C   . ALA A 1 19  ? -9.596  2.775   6.453   1.00 32.07  ? 94  ALA A C   1 
ATOM   93   O  O   . ALA A 1 19  ? -9.857  2.008   5.525   1.00 31.29  ? 94  ALA A O   1 
ATOM   94   C  CB  . ALA A 1 19  ? -7.250  3.503   6.927   1.00 24.52  ? 94  ALA A CB  1 
ATOM   95   N  N   . LYS A 1 20  ? -10.190 2.687   7.645   1.00 29.00  ? 95  LYS A N   1 
ATOM   96   C  CA  . LYS A 1 20  ? -11.192 1.663   7.931   1.00 27.56  ? 95  LYS A CA  1 
ATOM   97   C  C   . LYS A 1 20  ? -12.304 1.718   6.898   1.00 28.80  ? 95  LYS A C   1 
ATOM   98   O  O   . LYS A 1 20  ? -12.750 0.690   6.384   1.00 26.89  ? 95  LYS A O   1 
ATOM   99   C  CB  . LYS A 1 20  ? -11.849 1.874   9.311   1.00 30.63  ? 95  LYS A CB  1 
ATOM   100  C  CG  . LYS A 1 20  ? -10.997 1.540   10.520  1.00 44.49  ? 95  LYS A CG  1 
ATOM   101  C  CD  . LYS A 1 20  ? -11.814 1.674   11.831  1.00 41.71  ? 95  LYS A CD  1 
ATOM   102  C  CE  . LYS A 1 20  ? -10.942 1.422   13.071  1.00 54.31  ? 95  LYS A CE  1 
ATOM   103  N  NZ  . LYS A 1 20  ? -11.707 0.880   14.250  1.00 48.02  ? 95  LYS A NZ  1 
ATOM   104  N  N   . LEU A 1 21  ? -12.791 2.924   6.630   1.00 26.68  ? 96  LEU A N   1 
ATOM   105  C  CA  . LEU A 1 21  ? -13.863 3.075   5.669   1.00 30.84  ? 96  LEU A CA  1 
ATOM   106  C  C   . LEU A 1 21  ? -13.451 2.688   4.268   1.00 25.23  ? 96  LEU A C   1 
ATOM   107  O  O   . LEU A 1 21  ? -14.231 2.043   3.585   1.00 23.39  ? 96  LEU A O   1 
ATOM   108  C  CB  . LEU A 1 21  ? -14.412 4.507   5.656   1.00 34.48  ? 96  LEU A CB  1 
ATOM   109  C  CG  . LEU A 1 21  ? -15.162 4.872   6.938   1.00 40.00  ? 96  LEU A CG  1 
ATOM   110  C  CD1 . LEU A 1 21  ? -15.613 6.316   6.859   1.00 39.59  ? 96  LEU A CD1 1 
ATOM   111  C  CD2 . LEU A 1 21  ? -16.350 3.922   7.142   1.00 41.12  ? 96  LEU A CD2 1 
ATOM   112  N  N   . SER A 1 22  ? -12.247 3.072   3.839   1.00 24.27  ? 97  SER A N   1 
ATOM   113  C  CA  . SER A 1 22  ? -11.810 2.745   2.488   1.00 26.52  ? 97  SER A CA  1 
ATOM   114  C  C   . SER A 1 22  ? -11.574 1.261   2.293   1.00 28.35  ? 97  SER A C   1 
ATOM   115  O  O   . SER A 1 22  ? -11.925 0.709   1.241   1.00 22.64  ? 97  SER A O   1 
ATOM   116  C  CB  . SER A 1 22  ? -10.532 3.488   2.108   1.00 23.99  ? 97  SER A CB  1 
ATOM   117  O  OG  . SER A 1 22  ? -10.752 4.881   2.185   1.00 49.81  ? 97  SER A OG  1 
ATOM   118  N  N   . ILE A 1 23  ? -10.972 0.618   3.297   1.00 23.19  ? 98  ILE A N   1 
ATOM   119  C  CA  . ILE A 1 23  ? -10.702 -0.816  3.222   1.00 22.31  ? 98  ILE A CA  1 
ATOM   120  C  C   . ILE A 1 23  ? -12.007 -1.601  3.149   1.00 25.70  ? 98  ILE A C   1 
ATOM   121  O  O   . ILE A 1 23  ? -12.136 -2.504  2.317   1.00 25.14  ? 98  ILE A O   1 
ATOM   122  C  CB  . ILE A 1 23  ? -9.823  -1.279  4.423   1.00 23.86  ? 98  ILE A CB  1 
ATOM   123  C  CG1 . ILE A 1 23  ? -8.403  -0.755  4.226   1.00 26.14  ? 98  ILE A CG1 1 
ATOM   124  C  CG2 . ILE A 1 23  ? -9.735  -2.797  4.496   1.00 23.00  ? 98  ILE A CG2 1 
ATOM   125  C  CD1 . ILE A 1 23  ? -7.498  -0.833  5.475   1.00 24.04  ? 98  ILE A CD1 1 
ATOM   126  N  N   . LYS A 1 24  ? -12.978 -1.256  4.002   1.00 25.41  ? 99  LYS A N   1 
ATOM   127  C  CA  . LYS A 1 24  ? -14.266 -1.945  4.019   1.00 29.10  ? 99  LYS A CA  1 
ATOM   128  C  C   . LYS A 1 24  ? -15.050 -1.695  2.727   1.00 25.41  ? 99  LYS A C   1 
ATOM   129  O  O   . LYS A 1 24  ? -15.687 -2.595  2.203   1.00 25.86  ? 99  LYS A O   1 
ATOM   130  C  CB  . LYS A 1 24  ? -15.121 -1.493  5.204   1.00 30.14  ? 99  LYS A CB  1 
ATOM   131  C  CG  . LYS A 1 24  ? -16.579 -1.944  5.093   1.00 46.52  ? 99  LYS A CG  1 
ATOM   132  C  CD  . LYS A 1 24  ? -17.430 -1.504  6.295   1.00 57.37  ? 99  LYS A CD  1 
ATOM   133  C  CE  . LYS A 1 24  ? -17.582 0.015   6.354   1.00 61.76  ? 99  LYS A CE  1 
ATOM   134  N  NZ  . LYS A 1 24  ? -18.294 0.466   7.592   1.00 65.91  ? 99  LYS A NZ  1 
ATOM   135  N  N   . GLY A 1 25  ? -15.025 -0.465  2.241   1.00 24.15  ? 100 GLY A N   1 
ATOM   136  C  CA  . GLY A 1 25  ? -15.738 -0.167  1.014   1.00 27.45  ? 100 GLY A CA  1 
ATOM   137  C  C   . GLY A 1 25  ? -15.115 -0.898  -0.172  1.00 22.46  ? 100 GLY A C   1 
ATOM   138  O  O   . GLY A 1 25  ? -15.835 -1.426  -1.009  1.00 26.73  ? 100 GLY A O   1 
ATOM   139  N  N   . LEU A 1 26  ? -13.788 -0.928  -0.242  1.00 23.64  ? 101 LEU A N   1 
ATOM   140  C  CA  . LEU A 1 26  ? -13.098 -1.615  -1.336  1.00 23.85  ? 101 LEU A CA  1 
ATOM   141  C  C   . LEU A 1 26  ? -13.443 -3.103  -1.303  1.00 25.76  ? 101 LEU A C   1 
ATOM   142  O  O   . LEU A 1 26  ? -13.832 -3.692  -2.319  1.00 22.48  ? 101 LEU A O   1 
ATOM   143  C  CB  . LEU A 1 26  ? -11.577 -1.409  -1.233  1.00 19.16  ? 101 LEU A CB  1 
ATOM   144  C  CG  . LEU A 1 26  ? -10.712 -2.279  -2.176  1.00 22.85  ? 101 LEU A CG  1 
ATOM   145  C  CD1 . LEU A 1 26  ? -11.159 -2.083  -3.684  1.00 20.49  ? 101 LEU A CD1 1 
ATOM   146  C  CD2 . LEU A 1 26  ? -9.255  -1.894  -1.994  1.00 18.74  ? 101 LEU A CD2 1 
ATOM   147  N  N   . ILE A 1 27  ? -13.331 -3.717  -0.129  1.00 24.36  ? 102 ILE A N   1 
ATOM   148  C  CA  . ILE A 1 27  ? -13.654 -5.129  -0.025  1.00 20.46  ? 102 ILE A CA  1 
ATOM   149  C  C   . ILE A 1 27  ? -15.093 -5.445  -0.424  1.00 22.89  ? 102 ILE A C   1 
ATOM   150  O  O   . ILE A 1 27  ? -15.330 -6.306  -1.268  1.00 23.55  ? 102 ILE A O   1 
ATOM   151  C  CB  . ILE A 1 27  ? -13.408 -5.668  1.404   1.00 23.53  ? 102 ILE A CB  1 
ATOM   152  C  CG1 . ILE A 1 27  ? -11.896 -5.681  1.708   1.00 20.13  ? 102 ILE A CG1 1 
ATOM   153  C  CG2 . ILE A 1 27  ? -13.994 -7.074  1.502   1.00 22.37  ? 102 ILE A CG2 1 
ATOM   154  C  CD1 . ILE A 1 27  ? -11.550 -5.830  3.208   1.00 22.66  ? 102 ILE A CD1 1 
ATOM   155  N  N   . GLU A 1 28  ? -16.060 -4.760  0.172   1.00 25.32  ? 103 GLU A N   1 
ATOM   156  C  CA  . GLU A 1 28  ? -17.465 -5.021  -0.155  1.00 27.78  ? 103 GLU A CA  1 
ATOM   157  C  C   . GLU A 1 28  ? -17.782 -4.780  -1.622  1.00 24.36  ? 103 GLU A C   1 
ATOM   158  O  O   . GLU A 1 28  ? -18.459 -5.586  -2.245  1.00 23.74  ? 103 GLU A O   1 
ATOM   159  C  CB  . GLU A 1 28  ? -18.403 -4.137  0.671   1.00 34.52  ? 103 GLU A CB  1 
ATOM   160  C  CG  . GLU A 1 28  ? -18.551 -4.529  2.117   1.00 51.98  ? 103 GLU A CG  1 
ATOM   161  C  CD  . GLU A 1 28  ? -19.589 -3.671  2.831   1.00 61.51  ? 103 GLU A CD  1 
ATOM   162  O  OE1 . GLU A 1 28  ? -19.624 -2.438  2.582   1.00 63.98  ? 103 GLU A OE1 1 
ATOM   163  O  OE2 . GLU A 1 28  ? -20.358 -4.226  3.649   1.00 69.19  ? 103 GLU A OE2 1 
ATOM   164  N  N   . SER A 1 29  ? -17.313 -3.656  -2.164  1.00 21.85  ? 104 SER A N   1 
ATOM   165  C  CA  . SER A 1 29  ? -17.573 -3.319  -3.567  1.00 25.77  ? 104 SER A CA  1 
ATOM   166  C  C   . SER A 1 29  ? -16.962 -4.334  -4.522  1.00 22.16  ? 104 SER A C   1 
ATOM   167  O  O   . SER A 1 29  ? -17.623 -4.817  -5.446  1.00 25.02  ? 104 SER A O   1 
ATOM   168  C  CB  . SER A 1 29  ? -17.018 -1.924  -3.877  1.00 22.13  ? 104 SER A CB  1 
ATOM   169  O  OG  . SER A 1 29  ? -17.720 -0.981  -3.085  1.00 33.65  ? 104 SER A OG  1 
ATOM   170  N  N   . ALA A 1 30  ? -15.703 -4.656  -4.299  1.00 21.19  ? 105 ALA A N   1 
ATOM   171  C  CA  . ALA A 1 30  ? -14.991 -5.604  -5.137  1.00 23.32  ? 105 ALA A CA  1 
ATOM   172  C  C   . ALA A 1 30  ? -15.685 -6.972  -5.160  1.00 27.17  ? 105 ALA A C   1 
ATOM   173  O  O   . ALA A 1 30  ? -15.753 -7.624  -6.205  1.00 22.76  ? 105 ALA A O   1 
ATOM   174  C  CB  . ALA A 1 30  ? -13.565 -5.749  -4.648  1.00 20.55  ? 105 ALA A CB  1 
ATOM   175  N  N   . LEU A 1 31  ? -16.186 -7.410  -4.003  1.00 25.00  ? 106 LEU A N   1 
ATOM   176  C  CA  . LEU A 1 31  ? -16.886 -8.701  -3.914  1.00 23.88  ? 106 LEU A CA  1 
ATOM   177  C  C   . LEU A 1 31  ? -18.196 -8.659  -4.662  1.00 25.64  ? 106 LEU A C   1 
ATOM   178  O  O   . LEU A 1 31  ? -18.571 -9.644  -5.281  1.00 27.18  ? 106 LEU A O   1 
ATOM   179  C  CB  . LEU A 1 31  ? -17.134 -9.101  -2.453  1.00 23.09  ? 106 LEU A CB  1 
ATOM   180  C  CG  . LEU A 1 31  ? -15.825 -9.453  -1.713  1.00 21.35  ? 106 LEU A CG  1 
ATOM   181  C  CD1 . LEU A 1 31  ? -16.055 -9.741  -0.224  1.00 26.07  ? 106 LEU A CD1 1 
ATOM   182  C  CD2 . LEU A 1 31  ? -15.243 -10.620 -2.377  1.00 23.09  ? 106 LEU A CD2 1 
ATOM   183  N  N   . ASN A 1 32  ? -18.895 -7.530  -4.615  1.00 27.20  ? 107 ASN A N   1 
ATOM   184  C  CA  . ASN A 1 32  ? -20.150 -7.405  -5.344  1.00 31.56  ? 107 ASN A CA  1 
ATOM   185  C  C   . ASN A 1 32  ? -19.857 -7.423  -6.836  1.00 30.34  ? 107 ASN A C   1 
ATOM   186  O  O   . ASN A 1 32  ? -20.631 -7.969  -7.608  1.00 30.44  ? 107 ASN A O   1 
ATOM   187  C  CB  . ASN A 1 32  ? -20.868 -6.090  -5.028  1.00 32.16  ? 107 ASN A CB  1 
ATOM   188  C  CG  . ASN A 1 32  ? -21.648 -6.139  -3.734  1.00 47.21  ? 107 ASN A CG  1 
ATOM   189  O  OD1 . ASN A 1 32  ? -21.920 -7.212  -3.199  1.00 42.72  ? 107 ASN A OD1 1 
ATOM   190  N  ND2 . ASN A 1 32  ? -22.033 -4.962  -3.228  1.00 51.11  ? 107 ASN A ND2 1 
ATOM   191  N  N   . LEU A 1 33  ? -18.744 -6.809  -7.230  1.00 27.93  ? 108 LEU A N   1 
ATOM   192  C  CA  . LEU A 1 33  ? -18.357 -6.721  -8.638  1.00 27.76  ? 108 LEU A CA  1 
ATOM   193  C  C   . LEU A 1 33  ? -17.952 -8.079  -9.185  1.00 32.42  ? 108 LEU A C   1 
ATOM   194  O  O   . LEU A 1 33  ? -18.408 -8.479  -10.250 1.00 28.95  ? 108 LEU A O   1 
ATOM   195  C  CB  . LEU A 1 33  ? -17.214 -5.730  -8.823  1.00 24.68  ? 108 LEU A CB  1 
ATOM   196  C  CG  . LEU A 1 33  ? -16.852 -5.556  -10.305 1.00 32.32  ? 108 LEU A CG  1 
ATOM   197  C  CD1 . LEU A 1 33  ? -17.948 -4.736  -10.944 1.00 35.02  ? 108 LEU A CD1 1 
ATOM   198  C  CD2 . LEU A 1 33  ? -15.506 -4.872  -10.479 1.00 27.95  ? 108 LEU A CD2 1 
ATOM   199  N  N   . GLY A 1 34  ? -17.080 -8.780  -8.467  1.00 30.12  ? 109 GLY A N   1 
ATOM   200  C  CA  . GLY A 1 34  ? -16.705 -10.116 -8.890  1.00 30.69  ? 109 GLY A CA  1 
ATOM   201  C  C   . GLY A 1 34  ? -15.705 -10.318 -10.015 1.00 38.86  ? 109 GLY A C   1 
ATOM   202  O  O   . GLY A 1 34  ? -15.394 -11.454 -10.333 1.00 46.66  ? 109 GLY A O   1 
ATOM   203  N  N   . ARG A 1 35  ? -15.204 -9.264  -10.645 1.00 33.91  ? 110 ARG A N   1 
ATOM   204  C  CA  . ARG A 1 35  ? -14.220 -9.476  -11.705 1.00 33.53  ? 110 ARG A CA  1 
ATOM   205  C  C   . ARG A 1 35  ? -12.923 -8.806  -11.261 1.00 31.93  ? 110 ARG A C   1 
ATOM   206  O  O   . ARG A 1 35  ? -12.890 -8.068  -10.271 1.00 26.56  ? 110 ARG A O   1 
ATOM   207  C  CB  . ARG A 1 35  ? -14.677 -8.855  -13.049 1.00 32.57  ? 110 ARG A CB  1 
ATOM   208  C  CG  . ARG A 1 35  ? -14.855 -7.311  -12.980 1.00 32.35  ? 110 ARG A CG  1 
ATOM   209  C  CD  . ARG A 1 35  ? -14.783 -6.678  -14.353 1.00 36.05  ? 110 ARG A CD  1 
ATOM   210  N  NE  . ARG A 1 35  ? -15.211 -5.276  -14.399 1.00 32.31  ? 110 ARG A NE  1 
ATOM   211  C  CZ  . ARG A 1 35  ? -14.467 -4.227  -14.054 1.00 33.52  ? 110 ARG A CZ  1 
ATOM   212  N  NH1 . ARG A 1 35  ? -13.222 -4.384  -13.613 1.00 32.00  ? 110 ARG A NH1 1 
ATOM   213  N  NH2 . ARG A 1 35  ? -14.964 -3.003  -14.190 1.00 29.09  ? 110 ARG A NH2 1 
ATOM   214  N  N   . THR A 1 36  ? -11.860 -9.074  -12.004 1.00 23.90  ? 111 THR A N   1 
ATOM   215  C  CA  . THR A 1 36  ? -10.556 -8.485  -11.758 1.00 26.69  ? 111 THR A CA  1 
ATOM   216  C  C   . THR A 1 36  ? -10.654 -6.966  -11.829 1.00 27.29  ? 111 THR A C   1 
ATOM   217  O  O   . THR A 1 36  ? -11.304 -6.413  -12.724 1.00 25.64  ? 111 THR A O   1 
ATOM   218  C  CB  . THR A 1 36  ? -9.573  -8.967  -12.837 1.00 30.93  ? 111 THR A CB  1 
ATOM   219  O  OG1 . THR A 1 36  ? -9.580  -10.394 -12.848 1.00 29.62  ? 111 THR A OG1 1 
ATOM   220  C  CG2 . THR A 1 36  ? -8.163  -8.485  -12.554 1.00 26.90  ? 111 THR A CG2 1 
ATOM   221  N  N   . LEU A 1 37  ? -9.985  -6.293  -10.899 1.00 21.87  ? 112 LEU A N   1 
ATOM   222  C  CA  . LEU A 1 37  ? -9.991  -4.841  -10.827 1.00 26.12  ? 112 LEU A CA  1 
ATOM   223  C  C   . LEU A 1 37  ? -8.763  -4.273  -11.512 1.00 22.78  ? 112 LEU A C   1 
ATOM   224  O  O   . LEU A 1 37  ? -7.747  -4.945  -11.630 1.00 25.02  ? 112 LEU A O   1 
ATOM   225  C  CB  . LEU A 1 37  ? -9.951  -4.368  -9.351  1.00 20.20  ? 112 LEU A CB  1 
ATOM   226  C  CG  . LEU A 1 37  ? -10.954 -4.996  -8.381  1.00 25.64  ? 112 LEU A CG  1 
ATOM   227  C  CD1 . LEU A 1 37  ? -10.847 -4.316  -7.009  1.00 24.66  ? 112 LEU A CD1 1 
ATOM   228  C  CD2 . LEU A 1 37  ? -12.333 -4.809  -8.928  1.00 22.77  ? 112 LEU A CD2 1 
ATOM   229  N  N   . ASP A 1 38  ? -8.853  -3.021  -11.941 1.00 23.74  ? 113 ASP A N   1 
ATOM   230  C  CA  . ASP A 1 38  ? -7.694  -2.384  -12.539 1.00 26.95  ? 113 ASP A CA  1 
ATOM   231  C  C   . ASP A 1 38  ? -7.691  -0.922  -12.133 1.00 29.39  ? 113 ASP A C   1 
ATOM   232  O  O   . ASP A 1 38  ? -8.473  -0.514  -11.266 1.00 27.43  ? 113 ASP A O   1 
ATOM   233  C  CB  . ASP A 1 38  ? -7.687  -2.553  -14.071 1.00 33.48  ? 113 ASP A CB  1 
ATOM   234  C  CG  . ASP A 1 38  ? -8.966  -2.094  -14.722 1.00 31.79  ? 113 ASP A CG  1 
ATOM   235  O  OD1 . ASP A 1 38  ? -9.579  -1.114  -14.233 1.00 33.07  ? 113 ASP A OD1 1 
ATOM   236  O  OD2 . ASP A 1 38  ? -9.345  -2.712  -15.739 1.00 40.56  ? 113 ASP A OD2 1 
ATOM   237  N  N   . SER A 1 39  ? -6.850  -0.115  -12.767 1.00 24.41  ? 114 SER A N   1 
ATOM   238  C  CA  . SER A 1 39  ? -6.755  1.295   -12.368 1.00 28.97  ? 114 SER A CA  1 
ATOM   239  C  C   . SER A 1 39  ? -8.002  2.144   -12.444 1.00 27.81  ? 114 SER A C   1 
ATOM   240  O  O   . SER A 1 39  ? -8.061  3.196   -11.784 1.00 30.81  ? 114 SER A O   1 
ATOM   241  C  CB  . SER A 1 39  ? -5.629  1.981   -13.143 1.00 32.91  ? 114 SER A CB  1 
ATOM   242  O  OG  . SER A 1 39  ? -5.793  1.722   -14.527 1.00 49.11  ? 114 SER A OG  1 
ATOM   243  N  N   . ASP A 1 40  ? -9.011  1.715   -13.207 1.00 23.45  ? 115 ASP A N   1 
ATOM   244  C  CA  . ASP A 1 40  ? -10.248 2.501   -13.338 1.00 20.96  ? 115 ASP A CA  1 
ATOM   245  C  C   . ASP A 1 40  ? -11.209 2.320   -12.177 1.00 22.82  ? 115 ASP A C   1 
ATOM   246  O  O   . ASP A 1 40  ? -12.214 3.038   -12.067 1.00 18.79  ? 115 ASP A O   1 
ATOM   247  C  CB  . ASP A 1 40  ? -11.038 2.108   -14.602 1.00 29.89  ? 115 ASP A CB  1 
ATOM   248  C  CG  . ASP A 1 40  ? -10.262 2.336   -15.886 1.00 41.94  ? 115 ASP A CG  1 
ATOM   249  O  OD1 . ASP A 1 40  ? -9.526  3.343   -15.958 1.00 45.92  ? 115 ASP A OD1 1 
ATOM   250  O  OD2 . ASP A 1 40  ? -10.409 1.517   -16.828 1.00 40.46  ? 115 ASP A OD2 1 
ATOM   251  N  N   . TYR A 1 41  ? -10.932 1.343   -11.321 1.00 22.36  ? 116 TYR A N   1 
ATOM   252  C  CA  . TYR A 1 41  ? -11.844 1.078   -10.206 1.00 21.86  ? 116 TYR A CA  1 
ATOM   253  C  C   . TYR A 1 41  ? -11.735 2.148   -9.106  1.00 22.27  ? 116 TYR A C   1 
ATOM   254  O  O   . TYR A 1 41  ? -10.767 2.192   -8.363  1.00 21.51  ? 116 TYR A O   1 
ATOM   255  C  CB  . TYR A 1 41  ? -11.565 -0.325  -9.656  1.00 20.88  ? 116 TYR A CB  1 
ATOM   256  C  CG  . TYR A 1 41  ? -12.705 -0.852  -8.838  1.00 21.57  ? 116 TYR A CG  1 
ATOM   257  C  CD1 . TYR A 1 41  ? -13.971 -0.958  -9.396  1.00 19.56  ? 116 TYR A CD1 1 
ATOM   258  C  CD2 . TYR A 1 41  ? -12.524 -1.245  -7.492  1.00 18.97  ? 116 TYR A CD2 1 
ATOM   259  C  CE1 . TYR A 1 41  ? -15.028 -1.429  -8.668  1.00 27.42  ? 116 TYR A CE1 1 
ATOM   260  C  CE2 . TYR A 1 41  ? -13.611 -1.723  -6.746  1.00 19.78  ? 116 TYR A CE2 1 
ATOM   261  C  CZ  . TYR A 1 41  ? -14.851 -1.808  -7.347  1.00 23.64  ? 116 TYR A CZ  1 
ATOM   262  O  OH  . TYR A 1 41  ? -15.965 -2.257  -6.666  1.00 26.74  ? 116 TYR A OH  1 
ATOM   263  N  N   . ALA A 1 42  ? -12.753 2.988   -9.004  1.00 21.26  ? 117 ALA A N   1 
ATOM   264  C  CA  . ALA A 1 42  ? -12.762 4.083   -8.037  1.00 24.70  ? 117 ALA A CA  1 
ATOM   265  C  C   . ALA A 1 42  ? -12.567 3.658   -6.563  1.00 23.66  ? 117 ALA A C   1 
ATOM   266  O  O   . ALA A 1 42  ? -11.825 4.320   -5.845  1.00 24.58  ? 117 ALA A O   1 
ATOM   267  C  CB  . ALA A 1 42  ? -14.057 4.882   -8.195  1.00 20.00  ? 117 ALA A CB  1 
ATOM   268  N  N   . PRO A 1 43  ? -13.243 2.577   -6.091  1.00 23.16  ? 118 PRO A N   1 
ATOM   269  C  CA  . PRO A 1 43  ? -13.015 2.200   -4.691  1.00 22.08  ? 118 PRO A CA  1 
ATOM   270  C  C   . PRO A 1 43  ? -11.553 1.857   -4.456  1.00 22.65  ? 118 PRO A C   1 
ATOM   271  O  O   . PRO A 1 43  ? -11.017 2.072   -3.360  1.00 22.50  ? 118 PRO A O   1 
ATOM   272  C  CB  . PRO A 1 43  ? -13.940 1.008   -4.500  1.00 20.53  ? 118 PRO A CB  1 
ATOM   273  C  CG  . PRO A 1 43  ? -15.153 1.406   -5.340  1.00 17.99  ? 118 PRO A CG  1 
ATOM   274  C  CD  . PRO A 1 43  ? -14.440 1.890   -6.621  1.00 23.37  ? 118 PRO A CD  1 
ATOM   275  N  N   . LEU A 1 44  ? -10.888 1.326   -5.487  1.00 21.26  ? 119 LEU A N   1 
ATOM   276  C  CA  . LEU A 1 44  ? -9.481  1.001   -5.346  1.00 20.06  ? 119 LEU A CA  1 
ATOM   277  C  C   . LEU A 1 44  ? -8.596  2.267   -5.405  1.00 25.90  ? 119 LEU A C   1 
ATOM   278  O  O   . LEU A 1 44  ? -7.582  2.386   -4.685  1.00 21.22  ? 119 LEU A O   1 
ATOM   279  C  CB  . LEU A 1 44  ? -9.069  0.006   -6.437  1.00 20.64  ? 119 LEU A CB  1 
ATOM   280  C  CG  . LEU A 1 44  ? -7.646  -0.496  -6.493  1.00 24.76  ? 119 LEU A CG  1 
ATOM   281  C  CD1 . LEU A 1 44  ? -7.266  -1.207  -5.137  1.00 23.63  ? 119 LEU A CD1 1 
ATOM   282  C  CD2 . LEU A 1 44  ? -7.565  -1.481  -7.690  1.00 27.24  ? 119 LEU A CD2 1 
ATOM   283  N  N   . GLN A 1 45  ? -8.952  3.205   -6.279  1.00 21.41  ? 120 GLN A N   1 
ATOM   284  C  CA  . GLN A 1 45  ? -8.184  4.471   -6.357  1.00 25.08  ? 120 GLN A CA  1 
ATOM   285  C  C   . GLN A 1 45  ? -8.284  5.183   -4.969  1.00 22.21  ? 120 GLN A C   1 
ATOM   286  O  O   . GLN A 1 45  ? -7.319  5.779   -4.495  1.00 23.10  ? 120 GLN A O   1 
ATOM   287  C  CB  . GLN A 1 45  ? -8.775  5.390   -7.440  1.00 22.94  ? 120 GLN A CB  1 
ATOM   288  C  CG  . GLN A 1 45  ? -8.548  4.907   -8.897  1.00 27.13  ? 120 GLN A CG  1 
ATOM   289  C  CD  . GLN A 1 45  ? -9.433  5.682   -9.878  1.00 35.01  ? 120 GLN A CD  1 
ATOM   290  O  OE1 . GLN A 1 45  ? -10.210 6.547   -9.469  1.00 37.00  ? 120 GLN A OE1 1 
ATOM   291  N  NE2 . GLN A 1 45  ? -9.328  5.367   -11.166 1.00 34.70  ? 120 GLN A NE2 1 
ATOM   292  N  N   . GLN A 1 46  ? -9.445  5.097   -4.328  1.00 23.90  ? 121 GLN A N   1 
ATOM   293  C  CA  . GLN A 1 46  ? -9.621  5.707   -3.012  1.00 24.13  ? 121 GLN A CA  1 
ATOM   294  C  C   . GLN A 1 46  ? -8.682  5.039   -2.017  1.00 26.82  ? 121 GLN A C   1 
ATOM   295  O  O   . GLN A 1 46  ? -8.025  5.718   -1.232  1.00 24.61  ? 121 GLN A O   1 
ATOM   296  C  CB  . GLN A 1 46  ? -11.060 5.555   -2.517  1.00 27.41  ? 121 GLN A CB  1 
ATOM   297  C  CG  . GLN A 1 46  ? -11.287 6.209   -1.152  1.00 26.62  ? 121 GLN A CG  1 
ATOM   298  C  CD  . GLN A 1 46  ? -12.644 5.909   -0.549  1.00 30.09  ? 121 GLN A CD  1 
ATOM   299  O  OE1 . GLN A 1 46  ? -13.672 6.263   -1.095  1.00 33.11  ? 121 GLN A OE1 1 
ATOM   300  N  NE2 . GLN A 1 46  ? -12.646 5.248   0.591   1.00 39.16  ? 121 GLN A NE2 1 
ATOM   301  N  N   . PHE A 1 47  ? -8.592  3.703   -2.053  1.00 24.01  ? 122 PHE A N   1 
ATOM   302  C  CA  . PHE A 1 47  ? -7.707  3.018   -1.117  1.00 19.13  ? 122 PHE A CA  1 
ATOM   303  C  C   . PHE A 1 47  ? -6.254  3.463   -1.256  1.00 24.12  ? 122 PHE A C   1 
ATOM   304  O  O   . PHE A 1 47  ? -5.582  3.755   -0.260  1.00 23.42  ? 122 PHE A O   1 
ATOM   305  C  CB  . PHE A 1 47  ? -7.776  1.490   -1.282  1.00 21.66  ? 122 PHE A CB  1 
ATOM   306  C  CG  . PHE A 1 47  ? -6.684  0.783   -0.536  1.00 21.55  ? 122 PHE A CG  1 
ATOM   307  C  CD1 . PHE A 1 47  ? -6.706  0.722   0.858   1.00 23.15  ? 122 PHE A CD1 1 
ATOM   308  C  CD2 . PHE A 1 47  ? -5.561  0.331   -1.201  1.00 19.26  ? 122 PHE A CD2 1 
ATOM   309  C  CE1 . PHE A 1 47  ? -5.602  0.231   1.575   1.00 18.23  ? 122 PHE A CE1 1 
ATOM   310  C  CE2 . PHE A 1 47  ? -4.448  -0.169  -0.509  1.00 26.61  ? 122 PHE A CE2 1 
ATOM   311  C  CZ  . PHE A 1 47  ? -4.474  -0.214  0.894   1.00 25.81  ? 122 PHE A CZ  1 
ATOM   312  N  N   . PHE A 1 48  ? -5.744  3.539   -2.484  1.00 21.95  ? 123 PHE A N   1 
ATOM   313  C  CA  . PHE A 1 48  ? -4.352  3.948   -2.665  1.00 19.37  ? 123 PHE A CA  1 
ATOM   314  C  C   . PHE A 1 48  ? -4.086  5.377   -2.148  1.00 20.17  ? 123 PHE A C   1 
ATOM   315  O  O   . PHE A 1 48  ? -3.013  5.666   -1.625  1.00 23.28  ? 123 PHE A O   1 
ATOM   316  C  CB  . PHE A 1 48  ? -3.939  3.852   -4.153  1.00 19.61  ? 123 PHE A CB  1 
ATOM   317  C  CG  . PHE A 1 48  ? -3.775  2.448   -4.641  1.00 22.74  ? 123 PHE A CG  1 
ATOM   318  C  CD1 . PHE A 1 48  ? -4.496  1.985   -5.739  1.00 23.55  ? 123 PHE A CD1 1 
ATOM   319  C  CD2 . PHE A 1 48  ? -2.936  1.552   -3.962  1.00 23.33  ? 123 PHE A CD2 1 
ATOM   320  C  CE1 . PHE A 1 48  ? -4.393  0.653   -6.153  1.00 23.66  ? 123 PHE A CE1 1 
ATOM   321  C  CE2 . PHE A 1 48  ? -2.828  0.220   -4.361  1.00 24.12  ? 123 PHE A CE2 1 
ATOM   322  C  CZ  . PHE A 1 48  ? -3.557  -0.230  -5.456  1.00 22.74  ? 123 PHE A CZ  1 
ATOM   323  N  N   . VAL A 1 49  ? -5.061  6.250   -2.303  1.00 18.51  ? 124 VAL A N   1 
ATOM   324  C  CA  . VAL A 1 49  ? -4.894  7.624   -1.854  1.00 24.55  ? 124 VAL A CA  1 
ATOM   325  C  C   . VAL A 1 49  ? -4.892  7.683   -0.320  1.00 23.20  ? 124 VAL A C   1 
ATOM   326  O  O   . VAL A 1 49  ? -4.066  8.359   0.278   1.00 21.41  ? 124 VAL A O   1 
ATOM   327  C  CB  . VAL A 1 49  ? -6.036  8.531   -2.389  1.00 24.60  ? 124 VAL A CB  1 
ATOM   328  C  CG1 . VAL A 1 49  ? -5.971  9.912   -1.712  1.00 26.55  ? 124 VAL A CG1 1 
ATOM   329  C  CG2 . VAL A 1 49  ? -5.900  8.698   -3.906  1.00 22.67  ? 124 VAL A CG2 1 
ATOM   330  N  N   . VAL A 1 50  ? -5.821  6.967   0.307   1.00 21.61  ? 125 VAL A N   1 
ATOM   331  C  CA  . VAL A 1 50  ? -5.890  6.969   1.752   1.00 21.13  ? 125 VAL A CA  1 
ATOM   332  C  C   . VAL A 1 50  ? -4.648  6.330   2.318   1.00 27.10  ? 125 VAL A C   1 
ATOM   333  O  O   . VAL A 1 50  ? -4.044  6.856   3.255   1.00 30.35  ? 125 VAL A O   1 
ATOM   334  C  CB  . VAL A 1 50  ? -7.134  6.266   2.234   1.00 25.91  ? 125 VAL A CB  1 
ATOM   335  C  CG1 . VAL A 1 50  ? -7.076  6.084   3.736   1.00 26.59  ? 125 VAL A CG1 1 
ATOM   336  C  CG2 . VAL A 1 50  ? -8.363  7.130   1.838   1.00 26.19  ? 125 VAL A CG2 1 
HETATM 337  N  N   . MSE A 1 51  ? -4.226  5.222   1.724   1.00 23.82  ? 126 MSE A N   1 
HETATM 338  C  CA  . MSE A 1 51  ? -3.023  4.537   2.194   1.00 26.76  ? 126 MSE A CA  1 
HETATM 339  C  C   . MSE A 1 51  ? -1.799  5.464   2.125   1.00 29.34  ? 126 MSE A C   1 
HETATM 340  O  O   . MSE A 1 51  ? -0.923  5.450   3.003   1.00 28.96  ? 126 MSE A O   1 
HETATM 341  C  CB  . MSE A 1 51  ? -2.769  3.293   1.342   1.00 24.92  ? 126 MSE A CB  1 
HETATM 342  C  CG  . MSE A 1 51  ? -1.688  2.393   1.879   1.00 36.80  ? 126 MSE A CG  1 
HETATM 343  SE SE  . MSE A 1 51  ? -2.239  1.593   3.579   1.00 38.86  ? 126 MSE A SE  1 
HETATM 344  C  CE  . MSE A 1 51  ? -0.637  1.886   4.590   1.00 38.13  ? 126 MSE A CE  1 
ATOM   345  N  N   . GLU A 1 52  ? -1.727  6.250   1.058   1.00 28.18  ? 127 GLU A N   1 
ATOM   346  C  CA  . GLU A 1 52  ? -0.620  7.186   0.868   1.00 28.04  ? 127 GLU A CA  1 
ATOM   347  C  C   . GLU A 1 52  ? -0.651  8.283   1.943   1.00 28.34  ? 127 GLU A C   1 
ATOM   348  O  O   . GLU A 1 52  ? 0.387   8.650   2.481   1.00 28.75  ? 127 GLU A O   1 
ATOM   349  C  CB  . GLU A 1 52  ? -0.710  7.822   -0.537  1.00 30.16  ? 127 GLU A CB  1 
ATOM   350  C  CG  . GLU A 1 52  ? 0.470   8.744   -0.898  1.00 34.44  ? 127 GLU A CG  1 
ATOM   351  C  CD  . GLU A 1 52  ? 0.340   9.386   -2.299  1.00 43.05  ? 127 GLU A CD  1 
ATOM   352  O  OE1 . GLU A 1 52  ? -0.104  8.702   -3.249  1.00 33.86  ? 127 GLU A OE1 1 
ATOM   353  O  OE2 . GLU A 1 52  ? 0.703   10.576  -2.459  1.00 42.83  ? 127 GLU A OE2 1 
ATOM   354  N  N   . HIS A 1 53  ? -1.832  8.822   2.238   1.00 30.77  ? 128 HIS A N   1 
ATOM   355  C  CA  . HIS A 1 53  ? -1.975  9.868   3.255   1.00 31.40  ? 128 HIS A CA  1 
ATOM   356  C  C   . HIS A 1 53  ? -1.537  9.289   4.602   1.00 34.01  ? 128 HIS A C   1 
ATOM   357  O  O   . HIS A 1 53  ? -0.913  9.977   5.413   1.00 31.94  ? 128 HIS A O   1 
ATOM   358  C  CB  . HIS A 1 53  ? -3.426  10.336  3.350   1.00 34.97  ? 128 HIS A CB  1 
ATOM   359  C  CG  . HIS A 1 53  ? -3.843  11.258  2.247   1.00 41.20  ? 128 HIS A CG  1 
ATOM   360  N  ND1 . HIS A 1 53  ? -5.165  11.543  1.980   1.00 48.53  ? 128 HIS A ND1 1 
ATOM   361  C  CD2 . HIS A 1 53  ? -3.119  11.968  1.350   1.00 46.58  ? 128 HIS A CD2 1 
ATOM   362  C  CE1 . HIS A 1 53  ? -5.237  12.391  0.968   1.00 44.59  ? 128 HIS A CE1 1 
ATOM   363  N  NE2 . HIS A 1 53  ? -4.009  12.663  0.567   1.00 45.32  ? 128 HIS A NE2 1 
ATOM   364  N  N   . CYS A 1 54  ? -1.859  8.016   4.832   1.00 30.62  ? 129 CYS A N   1 
ATOM   365  C  CA  . CYS A 1 54  ? -1.476  7.339   6.068   1.00 27.96  ? 129 CYS A CA  1 
ATOM   366  C  C   . CYS A 1 54  ? 0.037   7.171   6.162   1.00 30.30  ? 129 CYS A C   1 
ATOM   367  O  O   . CYS A 1 54  ? 0.638   7.394   7.222   1.00 29.04  ? 129 CYS A O   1 
ATOM   368  C  CB  . CYS A 1 54  ? -2.169  5.973   6.171   1.00 25.37  ? 129 CYS A CB  1 
ATOM   369  S  SG  . CYS A 1 54  ? -3.936  6.101   6.604   1.00 30.02  ? 129 CYS A SG  1 
ATOM   370  N  N   . LEU A 1 55  ? 0.662   6.811   5.052   1.00 26.99  ? 130 LEU A N   1 
ATOM   371  C  CA  . LEU A 1 55  ? 2.097   6.612   5.034   1.00 29.63  ? 130 LEU A CA  1 
ATOM   372  C  C   . LEU A 1 55  ? 2.917   7.897   5.078   1.00 29.79  ? 130 LEU A C   1 
ATOM   373  O  O   . LEU A 1 55  ? 4.081   7.866   5.463   1.00 31.67  ? 130 LEU A O   1 
ATOM   374  C  CB  . LEU A 1 55  ? 2.498   5.794   3.814   1.00 31.56  ? 130 LEU A CB  1 
ATOM   375  C  CG  . LEU A 1 55  ? 2.081   4.332   3.811   1.00 31.80  ? 130 LEU A CG  1 
ATOM   376  C  CD1 . LEU A 1 55  ? 2.288   3.700   2.425   1.00 29.12  ? 130 LEU A CD1 1 
ATOM   377  C  CD2 . LEU A 1 55  ? 2.882   3.615   4.847   1.00 32.43  ? 130 LEU A CD2 1 
ATOM   378  N  N   . LYS A 1 56  ? 2.317   9.015   4.693   1.00 28.97  ? 131 LYS A N   1 
ATOM   379  C  CA  . LYS A 1 56  ? 2.998   10.312  4.695   1.00 31.99  ? 131 LYS A CA  1 
ATOM   380  C  C   . LYS A 1 56  ? 2.885   11.019  6.040   1.00 35.91  ? 131 LYS A C   1 
ATOM   381  O  O   . LYS A 1 56  ? 3.590   11.990  6.289   1.00 38.10  ? 131 LYS A O   1 
ATOM   382  C  CB  . LYS A 1 56  ? 2.396   11.239  3.643   1.00 30.78  ? 131 LYS A CB  1 
ATOM   383  C  CG  . LYS A 1 56  ? 2.826   10.970  2.231   1.00 30.59  ? 131 LYS A CG  1 
ATOM   384  C  CD  . LYS A 1 56  ? 2.111   11.912  1.274   1.00 32.78  ? 131 LYS A CD  1 
ATOM   385  C  CE  . LYS A 1 56  ? 2.785   11.881  -0.103  1.00 41.54  ? 131 LYS A CE  1 
ATOM   386  N  NZ  . LYS A 1 56  ? 2.109   12.769  -1.084  1.00 46.60  ? 131 LYS A NZ  1 
ATOM   387  N  N   . HIS A 1 57  ? 1.989   10.537  6.895   1.00 34.32  ? 132 HIS A N   1 
ATOM   388  C  CA  . HIS A 1 57  ? 1.773   11.173  8.173   1.00 38.08  ? 132 HIS A CA  1 
ATOM   389  C  C   . HIS A 1 57  ? 2.960   11.096  9.116   1.00 36.72  ? 132 HIS A C   1 
ATOM   390  O  O   . HIS A 1 57  ? 3.537   10.032  9.328   1.00 32.66  ? 132 HIS A O   1 
ATOM   391  C  CB  . HIS A 1 57  ? 0.538   10.603  8.861   1.00 33.89  ? 132 HIS A CB  1 
ATOM   392  C  CG  . HIS A 1 57  ? 0.225   11.272  10.162  1.00 39.97  ? 132 HIS A CG  1 
ATOM   393  N  ND1 . HIS A 1 57  ? 0.616   10.754  11.377  1.00 37.51  ? 132 HIS A ND1 1 
ATOM   394  C  CD2 . HIS A 1 57  ? -0.404  12.440  10.433  1.00 39.35  ? 132 HIS A CD2 1 
ATOM   395  C  CE1 . HIS A 1 57  ? 0.237   11.572  12.343  1.00 39.55  ? 132 HIS A CE1 1 
ATOM   396  N  NE2 . HIS A 1 57  ? -0.383  12.602  11.798  1.00 42.38  ? 132 HIS A NE2 1 
ATOM   397  N  N   . GLY A 1 58  ? 3.324   12.255  9.659   1.00 38.90  ? 133 GLY A N   1 
ATOM   398  C  CA  . GLY A 1 58  ? 4.416   12.315  10.603  1.00 37.95  ? 133 GLY A CA  1 
ATOM   399  C  C   . GLY A 1 58  ? 5.768   12.005  10.010  1.00 38.58  ? 133 GLY A C   1 
ATOM   400  O  O   . GLY A 1 58  ? 6.695   11.673  10.743  1.00 40.14  ? 133 GLY A O   1 
ATOM   401  N  N   . LEU A 1 59  ? 5.891   12.090  8.690   1.00 39.30  ? 134 LEU A N   1 
ATOM   402  C  CA  . LEU A 1 59  ? 7.182   11.830  8.057   1.00 42.34  ? 134 LEU A CA  1 
ATOM   403  C  C   . LEU A 1 59  ? 8.146   12.942  8.474   1.00 43.73  ? 134 LEU A C   1 
ATOM   404  O  O   . LEU A 1 59  ? 7.798   14.125  8.402   1.00 40.57  ? 134 LEU A O   1 
ATOM   405  C  CB  . LEU A 1 59  ? 7.052   11.827  6.530   1.00 41.49  ? 134 LEU A CB  1 
ATOM   406  C  CG  . LEU A 1 59  ? 6.702   10.509  5.831   1.00 33.40  ? 134 LEU A CG  1 
ATOM   407  C  CD1 . LEU A 1 59  ? 6.599   10.732  4.329   1.00 39.90  ? 134 LEU A CD1 1 
ATOM   408  C  CD2 . LEU A 1 59  ? 7.792   9.493   6.122   1.00 32.51  ? 134 LEU A CD2 1 
ATOM   409  N  N   . LYS A 1 60  ? 9.342   12.568  8.915   1.00 45.52  ? 135 LYS A N   1 
ATOM   410  C  CA  . LYS A 1 60  ? 10.327  13.566  9.320   1.00 52.74  ? 135 LYS A CA  1 
ATOM   411  C  C   . LYS A 1 60  ? 10.797  14.381  8.131   1.00 54.63  ? 135 LYS A C   1 
ATOM   412  O  O   . LYS A 1 60  ? 11.244  13.827  7.131   1.00 58.55  ? 135 LYS A O   1 
ATOM   413  C  CB  . LYS A 1 60  ? 11.526  12.906  10.010  1.00 49.13  ? 135 LYS A CB  1 
ATOM   414  C  CG  . LYS A 1 60  ? 11.138  12.310  11.342  1.00 55.46  ? 135 LYS A CG  1 
ATOM   415  C  CD  . LYS A 1 60  ? 12.300  12.161  12.295  1.00 62.11  ? 135 LYS A CD  1 
ATOM   416  C  CE  . LYS A 1 60  ? 13.133  10.947  11.990  1.00 63.58  ? 135 LYS A CE  1 
ATOM   417  N  NZ  . LYS A 1 60  ? 14.018  10.663  13.156  1.00 65.89  ? 135 LYS A NZ  1 
ATOM   418  N  N   . ALA A 1 61  ? 10.681  15.702  8.247   1.00 59.86  ? 136 ALA A N   1 
ATOM   419  C  CA  . ALA A 1 61  ? 11.096  16.619  7.186   1.00 62.36  ? 136 ALA A CA  1 
ATOM   420  C  C   . ALA A 1 61  ? 12.557  16.398  6.797   1.00 62.31  ? 136 ALA A C   1 
ATOM   421  O  O   . ALA A 1 61  ? 12.989  16.798  5.712   1.00 65.09  ? 136 ALA A O   1 
ATOM   422  C  CB  . ALA A 1 61  ? 10.890  18.060  7.636   1.00 58.95  ? 136 ALA A CB  1 
ATOM   423  N  N   . ASN A 1 69  ? 14.921  13.569  -0.579  1.00 47.56  ? 144 ASN A N   1 
ATOM   424  C  CA  . ASN A 1 69  ? 13.638  13.396  0.109   1.00 52.29  ? 144 ASN A CA  1 
ATOM   425  C  C   . ASN A 1 69  ? 12.720  12.400  -0.600  1.00 47.61  ? 144 ASN A C   1 
ATOM   426  O  O   . ASN A 1 69  ? 11.962  12.759  -1.507  1.00 46.19  ? 144 ASN A O   1 
ATOM   427  C  CB  . ASN A 1 69  ? 12.908  14.735  0.249   1.00 56.58  ? 144 ASN A CB  1 
ATOM   428  C  CG  . ASN A 1 69  ? 11.572  14.598  0.977   1.00 62.43  ? 144 ASN A CG  1 
ATOM   429  O  OD1 . ASN A 1 69  ? 11.263  13.549  1.554   1.00 60.16  ? 144 ASN A OD1 1 
ATOM   430  N  ND2 . ASN A 1 69  ? 10.779  15.664  0.960   1.00 65.57  ? 144 ASN A ND2 1 
ATOM   431  N  N   . LYS A 1 70  ? 12.780  11.152  -0.146  1.00 43.03  ? 145 LYS A N   1 
ATOM   432  C  CA  . LYS A 1 70  ? 11.995  10.073  -0.725  1.00 40.07  ? 145 LYS A CA  1 
ATOM   433  C  C   . LYS A 1 70  ? 10.539  9.997   -0.273  1.00 39.99  ? 145 LYS A C   1 
ATOM   434  O  O   . LYS A 1 70  ? 9.851   9.044   -0.621  1.00 37.36  ? 145 LYS A O   1 
ATOM   435  C  CB  . LYS A 1 70  ? 12.683  8.741   -0.422  1.00 42.01  ? 145 LYS A CB  1 
ATOM   436  C  CG  . LYS A 1 70  ? 14.122  8.674   -0.925  1.00 43.22  ? 145 LYS A CG  1 
ATOM   437  C  CD  . LYS A 1 70  ? 14.775  7.352   -0.566  1.00 43.31  ? 145 LYS A CD  1 
ATOM   438  C  CE  . LYS A 1 70  ? 16.260  7.360   -0.852  1.00 43.68  ? 145 LYS A CE  1 
ATOM   439  N  NZ  . LYS A 1 70  ? 16.905  6.053   -0.506  1.00 49.38  ? 145 LYS A NZ  1 
ATOM   440  N  N   . SER A 1 71  ? 10.067  10.979  0.494   1.00 37.24  ? 146 SER A N   1 
ATOM   441  C  CA  . SER A 1 71  ? 8.688   10.966  0.984   1.00 35.98  ? 146 SER A CA  1 
ATOM   442  C  C   . SER A 1 71  ? 8.387   9.580   1.561   1.00 36.55  ? 146 SER A C   1 
ATOM   443  O  O   . SER A 1 71  ? 9.246   8.997   2.221   1.00 34.58  ? 146 SER A O   1 
ATOM   444  C  CB  . SER A 1 71  ? 7.705   11.318  -0.149  1.00 43.88  ? 146 SER A CB  1 
ATOM   445  O  OG  . SER A 1 71  ? 6.367   11.446  0.333   1.00 43.14  ? 146 SER A OG  1 
ATOM   446  N  N   . PHE A 1 72  ? 7.200   9.025   1.314   1.00 34.23  ? 147 PHE A N   1 
ATOM   447  C  CA  . PHE A 1 72  ? 6.891   7.719   1.896   1.00 32.97  ? 147 PHE A CA  1 
ATOM   448  C  C   . PHE A 1 72  ? 7.616   6.557   1.222   1.00 31.54  ? 147 PHE A C   1 
ATOM   449  O  O   . PHE A 1 72  ? 7.493   5.419   1.654   1.00 30.07  ? 147 PHE A O   1 
ATOM   450  C  CB  . PHE A 1 72  ? 5.363   7.465   1.948   1.00 30.96  ? 147 PHE A CB  1 
ATOM   451  C  CG  . PHE A 1 72  ? 4.707   7.301   0.594   1.00 34.26  ? 147 PHE A CG  1 
ATOM   452  C  CD1 . PHE A 1 72  ? 4.439   6.029   0.089   1.00 33.51  ? 147 PHE A CD1 1 
ATOM   453  C  CD2 . PHE A 1 72  ? 4.384   8.421   -0.186  1.00 35.74  ? 147 PHE A CD2 1 
ATOM   454  C  CE1 . PHE A 1 72  ? 3.858   5.865   -1.181  1.00 36.04  ? 147 PHE A CE1 1 
ATOM   455  C  CE2 . PHE A 1 72  ? 3.807   8.271   -1.455  1.00 33.74  ? 147 PHE A CE2 1 
ATOM   456  C  CZ  . PHE A 1 72  ? 3.547   6.977   -1.951  1.00 32.13  ? 147 PHE A CZ  1 
ATOM   457  N  N   . TRP A 1 73  ? 8.388   6.844   0.179   1.00 30.39  ? 148 TRP A N   1 
ATOM   458  C  CA  . TRP A 1 73  ? 9.142   5.798   -0.504  1.00 31.75  ? 148 TRP A CA  1 
ATOM   459  C  C   . TRP A 1 73  ? 10.297  5.375   0.401   1.00 28.38  ? 148 TRP A C   1 
ATOM   460  O  O   . TRP A 1 73  ? 10.735  4.219   0.365   1.00 34.81  ? 148 TRP A O   1 
ATOM   461  C  CB  . TRP A 1 73  ? 9.666   6.326   -1.845  1.00 32.22  ? 148 TRP A CB  1 
ATOM   462  C  CG  . TRP A 1 73  ? 10.623  5.415   -2.589  1.00 31.55  ? 148 TRP A CG  1 
ATOM   463  C  CD1 . TRP A 1 73  ? 11.852  5.762   -3.080  1.00 33.48  ? 148 TRP A CD1 1 
ATOM   464  C  CD2 . TRP A 1 73  ? 10.439  4.025   -2.918  1.00 30.13  ? 148 TRP A CD2 1 
ATOM   465  N  NE1 . TRP A 1 73  ? 12.443  4.678   -3.689  1.00 37.41  ? 148 TRP A NE1 1 
ATOM   466  C  CE2 . TRP A 1 73  ? 11.601  3.601   -3.603  1.00 29.91  ? 148 TRP A CE2 1 
ATOM   467  C  CE3 . TRP A 1 73  ? 9.405   3.102   -2.702  1.00 35.21  ? 148 TRP A CE3 1 
ATOM   468  C  CZ2 . TRP A 1 73  ? 11.764  2.292   -4.071  1.00 37.81  ? 148 TRP A CZ2 1 
ATOM   469  C  CZ3 . TRP A 1 73  ? 9.565   1.801   -3.171  1.00 36.56  ? 148 TRP A CZ3 1 
ATOM   470  C  CH2 . TRP A 1 73  ? 10.742  1.408   -3.849  1.00 37.86  ? 148 TRP A CH2 1 
ATOM   471  N  N   . GLY A 1 74  ? 10.769  6.302   1.237   1.00 34.21  ? 149 GLY A N   1 
ATOM   472  C  CA  . GLY A 1 74  ? 11.869  5.994   2.152   1.00 34.26  ? 149 GLY A CA  1 
ATOM   473  C  C   . GLY A 1 74  ? 11.562  4.770   3.003   1.00 32.83  ? 149 GLY A C   1 
ATOM   474  O  O   . GLY A 1 74  ? 12.296  3.777   3.006   1.00 35.09  ? 149 GLY A O   1 
ATOM   475  N  N   . PRO A 1 75  ? 10.459  4.813   3.745   1.00 32.20  ? 150 PRO A N   1 
ATOM   476  C  CA  . PRO A 1 75  ? 10.078  3.680   4.588   1.00 35.52  ? 150 PRO A CA  1 
ATOM   477  C  C   . PRO A 1 75  ? 9.812   2.397   3.784   1.00 35.07  ? 150 PRO A C   1 
ATOM   478  O  O   . PRO A 1 75  ? 10.173  1.295   4.214   1.00 31.77  ? 150 PRO A O   1 
ATOM   479  C  CB  . PRO A 1 75  ? 8.815   4.187   5.287   1.00 27.41  ? 150 PRO A CB  1 
ATOM   480  C  CG  . PRO A 1 75  ? 9.044   5.626   5.381   1.00 37.10  ? 150 PRO A CG  1 
ATOM   481  C  CD  . PRO A 1 75  ? 9.640   5.996   4.053   1.00 31.42  ? 150 PRO A CD  1 
ATOM   482  N  N   . LEU A 1 76  ? 9.172   2.539   2.624   1.00 35.57  ? 151 LEU A N   1 
ATOM   483  C  CA  . LEU A 1 76  ? 8.840   1.371   1.809   1.00 34.64  ? 151 LEU A CA  1 
ATOM   484  C  C   . LEU A 1 76  ? 10.075  0.640   1.325   1.00 35.28  ? 151 LEU A C   1 
ATOM   485  O  O   . LEU A 1 76  ? 10.030  -0.571  1.090   1.00 37.72  ? 151 LEU A O   1 
ATOM   486  C  CB  . LEU A 1 76  ? 7.940   1.751   0.617   1.00 31.74  ? 151 LEU A CB  1 
ATOM   487  C  CG  . LEU A 1 76  ? 6.530   2.286   0.933   1.00 36.00  ? 151 LEU A CG  1 
ATOM   488  C  CD1 . LEU A 1 76  ? 5.784   2.503   -0.385  1.00 33.59  ? 151 LEU A CD1 1 
ATOM   489  C  CD2 . LEU A 1 76  ? 5.751   1.315   1.825   1.00 30.28  ? 151 LEU A CD2 1 
ATOM   490  N  N   . GLU A 1 77  ? 11.178  1.370   1.183   1.00 40.45  ? 152 GLU A N   1 
ATOM   491  C  CA  . GLU A 1 77  ? 12.438  0.763   0.760   1.00 41.92  ? 152 GLU A CA  1 
ATOM   492  C  C   . GLU A 1 77  ? 12.944  -0.249  1.775   1.00 44.17  ? 152 GLU A C   1 
ATOM   493  O  O   . GLU A 1 77  ? 13.546  -1.250  1.403   1.00 48.35  ? 152 GLU A O   1 
ATOM   494  C  CB  . GLU A 1 77  ? 13.517  1.827   0.555   1.00 42.86  ? 152 GLU A CB  1 
ATOM   495  C  CG  . GLU A 1 77  ? 13.355  2.623   -0.710  1.00 41.86  ? 152 GLU A CG  1 
ATOM   496  C  CD  . GLU A 1 77  ? 14.632  3.333   -1.104  1.00 47.63  ? 152 GLU A CD  1 
ATOM   497  O  OE1 . GLU A 1 77  ? 15.081  4.222   -0.353  1.00 43.25  ? 152 GLU A OE1 1 
ATOM   498  O  OE2 . GLU A 1 77  ? 15.189  2.993   -2.171  1.00 49.95  ? 152 GLU A OE2 1 
ATOM   499  N  N   . LEU A 1 78  ? 12.708  0.005   3.060   1.00 44.56  ? 153 LEU A N   1 
ATOM   500  C  CA  . LEU A 1 78  ? 13.159  -0.919  4.100   1.00 42.89  ? 153 LEU A CA  1 
ATOM   501  C  C   . LEU A 1 78  ? 12.499  -2.279  4.024   1.00 41.30  ? 153 LEU A C   1 
ATOM   502  O  O   . LEU A 1 78  ? 13.068  -3.268  4.492   1.00 42.84  ? 153 LEU A O   1 
ATOM   503  C  CB  . LEU A 1 78  ? 12.853  -0.378  5.498   1.00 46.98  ? 153 LEU A CB  1 
ATOM   504  C  CG  . LEU A 1 78  ? 13.317  0.979   5.997   1.00 49.32  ? 153 LEU A CG  1 
ATOM   505  C  CD1 . LEU A 1 78  ? 12.661  1.208   7.340   1.00 50.74  ? 153 LEU A CD1 1 
ATOM   506  C  CD2 . LEU A 1 78  ? 14.838  1.026   6.114   1.00 51.67  ? 153 LEU A CD2 1 
ATOM   507  N  N   . VAL A 1 79  ? 11.300  -2.345  3.442   1.00 36.59  ? 154 VAL A N   1 
ATOM   508  C  CA  . VAL A 1 79  ? 10.575  -3.607  3.423   1.00 32.91  ? 154 VAL A CA  1 
ATOM   509  C  C   . VAL A 1 79  ? 11.316  -4.836  2.926   1.00 40.68  ? 154 VAL A C   1 
ATOM   510  O  O   . VAL A 1 79  ? 11.238  -5.891  3.567   1.00 37.55  ? 154 VAL A O   1 
ATOM   511  C  CB  . VAL A 1 79  ? 9.236   -3.490  2.673   1.00 33.88  ? 154 VAL A CB  1 
ATOM   512  C  CG1 . VAL A 1 79  ? 8.558   -4.865  2.598   1.00 31.32  ? 154 VAL A CG1 1 
ATOM   513  C  CG2 . VAL A 1 79  ? 8.321   -2.513  3.405   1.00 30.38  ? 154 VAL A CG2 1 
ATOM   514  N  N   . GLU A 1 80  ? 12.047  -4.721  1.819   1.00 41.96  ? 155 GLU A N   1 
ATOM   515  C  CA  . GLU A 1 80  ? 12.741  -5.893  1.283   1.00 48.68  ? 155 GLU A CA  1 
ATOM   516  C  C   . GLU A 1 80  ? 13.822  -6.447  2.198   1.00 49.97  ? 155 GLU A C   1 
ATOM   517  O  O   . GLU A 1 80  ? 14.225  -7.596  2.046   1.00 51.92  ? 155 GLU A O   1 
ATOM   518  C  CB  . GLU A 1 80  ? 13.332  -5.613  -0.105  1.00 46.99  ? 155 GLU A CB  1 
ATOM   519  C  CG  . GLU A 1 80  ? 14.397  -4.539  -0.165  1.00 47.54  ? 155 GLU A CG  1 
ATOM   520  C  CD  . GLU A 1 80  ? 15.086  -4.504  -1.525  1.00 52.84  ? 155 GLU A CD  1 
ATOM   521  O  OE1 . GLU A 1 80  ? 15.790  -3.517  -1.814  1.00 50.96  ? 155 GLU A OE1 1 
ATOM   522  O  OE2 . GLU A 1 80  ? 14.927  -5.472  -2.305  1.00 56.12  ? 155 GLU A OE2 1 
ATOM   523  N  N   . LYS A 1 81  ? 14.279  -5.637  3.149   1.00 53.41  ? 156 LYS A N   1 
ATOM   524  C  CA  . LYS A 1 81  ? 15.293  -6.070  4.104   1.00 56.00  ? 156 LYS A CA  1 
ATOM   525  C  C   . LYS A 1 81  ? 14.635  -6.898  5.206   1.00 55.72  ? 156 LYS A C   1 
ATOM   526  O  O   . LYS A 1 81  ? 15.287  -7.730  5.827   1.00 56.22  ? 156 LYS A O   1 
ATOM   527  C  CB  . LYS A 1 81  ? 15.989  -4.855  4.715   1.00 56.33  ? 156 LYS A CB  1 
ATOM   528  C  CG  . LYS A 1 81  ? 16.616  -3.944  3.678   1.00 65.10  ? 156 LYS A CG  1 
ATOM   529  C  CD  . LYS A 1 81  ? 17.161  -2.669  4.296   1.00 71.43  ? 156 LYS A CD  1 
ATOM   530  C  CE  . LYS A 1 81  ? 17.884  -1.829  3.253   1.00 74.08  ? 156 LYS A CE  1 
ATOM   531  N  NZ  . LYS A 1 81  ? 18.466  -0.590  3.837   1.00 77.90  ? 156 LYS A NZ  1 
ATOM   532  N  N   . LEU A 1 82  ? 13.340  -6.674  5.427   1.00 54.32  ? 157 LEU A N   1 
ATOM   533  C  CA  . LEU A 1 82  ? 12.575  -7.379  6.459   1.00 48.96  ? 157 LEU A CA  1 
ATOM   534  C  C   . LEU A 1 82  ? 11.820  -8.566  5.901   1.00 53.39  ? 157 LEU A C   1 
ATOM   535  O  O   . LEU A 1 82  ? 11.640  -9.581  6.581   1.00 55.48  ? 157 LEU A O   1 
ATOM   536  C  CB  . LEU A 1 82  ? 11.579  -6.429  7.105   1.00 46.53  ? 157 LEU A CB  1 
ATOM   537  C  CG  . LEU A 1 82  ? 12.200  -5.131  7.613   1.00 48.03  ? 157 LEU A CG  1 
ATOM   538  C  CD1 . LEU A 1 82  ? 11.115  -4.245  8.168   1.00 48.57  ? 157 LEU A CD1 1 
ATOM   539  C  CD2 . LEU A 1 82  ? 13.236  -5.437  8.674   1.00 46.97  ? 157 LEU A CD2 1 
ATOM   540  N  N   . VAL A 1 83  ? 11.363  -8.429  4.661   1.00 54.11  ? 158 VAL A N   1 
ATOM   541  C  CA  . VAL A 1 83  ? 10.628  -9.492  3.988   1.00 55.35  ? 158 VAL A CA  1 
ATOM   542  C  C   . VAL A 1 83  ? 11.213  -9.637  2.583   1.00 59.32  ? 158 VAL A C   1 
ATOM   543  O  O   . VAL A 1 83  ? 10.860  -8.893  1.667   1.00 57.84  ? 158 VAL A O   1 
ATOM   544  C  CB  . VAL A 1 83  ? 9.136   -9.147  3.901   1.00 52.89  ? 158 VAL A CB  1 
ATOM   545  C  CG1 . VAL A 1 83  ? 8.343   -10.351 3.426   1.00 53.05  ? 158 VAL A CG1 1 
ATOM   546  C  CG2 . VAL A 1 83  ? 8.648   -8.694  5.251   1.00 52.89  ? 158 VAL A CG2 1 
ATOM   547  N  N   . PRO A 1 84  ? 12.135  -10.596 2.405   1.00 64.41  ? 159 PRO A N   1 
ATOM   548  C  CA  . PRO A 1 84  ? 12.806  -10.874 1.131   1.00 64.81  ? 159 PRO A CA  1 
ATOM   549  C  C   . PRO A 1 84  ? 11.901  -10.896 -0.103  1.00 61.69  ? 159 PRO A C   1 
ATOM   550  O  O   . PRO A 1 84  ? 12.247  -10.338 -1.140  1.00 64.83  ? 159 PRO A O   1 
ATOM   551  C  CB  . PRO A 1 84  ? 13.475  -12.221 1.392   1.00 68.57  ? 159 PRO A CB  1 
ATOM   552  C  CG  . PRO A 1 84  ? 13.847  -12.111 2.837   1.00 68.22  ? 159 PRO A CG  1 
ATOM   553  C  CD  . PRO A 1 84  ? 12.580  -11.547 3.442   1.00 65.61  ? 159 PRO A CD  1 
ATOM   554  N  N   . GLU A 1 85  ? 10.752  -11.542 0.009   1.00 59.27  ? 160 GLU A N   1 
ATOM   555  C  CA  . GLU A 1 85  ? 9.815   -11.630 -1.104  1.00 58.39  ? 160 GLU A CA  1 
ATOM   556  C  C   . GLU A 1 85  ? 9.456   -10.284 -1.756  1.00 55.74  ? 160 GLU A C   1 
ATOM   557  O  O   . GLU A 1 85  ? 8.966   -10.245 -2.888  1.00 60.57  ? 160 GLU A O   1 
ATOM   558  C  CB  . GLU A 1 85  ? 8.549   -12.338 -0.623  1.00 63.32  ? 160 GLU A CB  1 
ATOM   559  C  CG  . GLU A 1 85  ? 7.317   -12.125 -1.475  1.00 70.55  ? 160 GLU A CG  1 
ATOM   560  C  CD  . GLU A 1 85  ? 6.130   -12.908 -0.954  1.00 78.08  ? 160 GLU A CD  1 
ATOM   561  O  OE1 . GLU A 1 85  ? 5.847   -12.823 0.264   1.00 78.74  ? 160 GLU A OE1 1 
ATOM   562  O  OE2 . GLU A 1 85  ? 5.479   -13.606 -1.761  1.00 82.74  ? 160 GLU A OE2 1 
ATOM   563  N  N   . ALA A 1 86  ? 9.697   -9.183  -1.054  1.00 48.94  ? 161 ALA A N   1 
ATOM   564  C  CA  . ALA A 1 86  ? 9.381   -7.857  -1.583  1.00 47.56  ? 161 ALA A CA  1 
ATOM   565  C  C   . ALA A 1 86  ? 10.487  -7.334  -2.499  1.00 47.93  ? 161 ALA A C   1 
ATOM   566  O  O   . ALA A 1 86  ? 10.418  -6.202  -3.002  1.00 41.68  ? 161 ALA A O   1 
ATOM   567  C  CB  . ALA A 1 86  ? 9.164   -6.888  -0.435  1.00 44.66  ? 161 ALA A CB  1 
ATOM   568  N  N   . ALA A 1 87  ? 11.503  -8.169  -2.707  1.00 49.27  ? 162 ALA A N   1 
ATOM   569  C  CA  . ALA A 1 87  ? 12.651  -7.830  -3.544  1.00 49.80  ? 162 ALA A CA  1 
ATOM   570  C  C   . ALA A 1 87  ? 12.257  -7.586  -4.997  1.00 49.61  ? 162 ALA A C   1 
ATOM   571  O  O   . ALA A 1 87  ? 12.588  -6.547  -5.577  1.00 49.34  ? 162 ALA A O   1 
ATOM   572  C  CB  . ALA A 1 87  ? 13.685  -8.944  -3.469  1.00 48.86  ? 162 ALA A CB  1 
ATOM   573  N  N   . GLU A 1 88  ? 11.539  -8.542  -5.575  1.00 51.09  ? 163 GLU A N   1 
ATOM   574  C  CA  . GLU A 1 88  ? 11.110  -8.442  -6.961  1.00 53.03  ? 163 GLU A CA  1 
ATOM   575  C  C   . GLU A 1 88  ? 10.329  -7.159  -7.268  1.00 51.84  ? 163 GLU A C   1 
ATOM   576  O  O   . GLU A 1 88  ? 10.670  -6.439  -8.206  1.00 52.38  ? 163 GLU A O   1 
ATOM   577  C  CB  . GLU A 1 88  ? 10.274  -9.662  -7.343  1.00 59.05  ? 163 GLU A CB  1 
ATOM   578  C  CG  . GLU A 1 88  ? 8.880   -9.697  -6.728  1.00 71.56  ? 163 GLU A CG  1 
ATOM   579  C  CD  . GLU A 1 88  ? 8.080   -10.897 -7.201  1.00 77.93  ? 163 GLU A CD  1 
ATOM   580  O  OE1 . GLU A 1 88  ? 8.075   -11.159 -8.426  1.00 81.61  ? 163 GLU A OE1 1 
ATOM   581  O  OE2 . GLU A 1 88  ? 7.457   -11.575 -6.354  1.00 81.35  ? 163 GLU A OE2 1 
ATOM   582  N  N   . ILE A 1 89  ? 9.294   -6.848  -6.490  1.00 46.13  ? 164 ILE A N   1 
ATOM   583  C  CA  . ILE A 1 89  ? 8.547   -5.630  -6.786  1.00 41.58  ? 164 ILE A CA  1 
ATOM   584  C  C   . ILE A 1 89  ? 9.351   -4.373  -6.512  1.00 39.37  ? 164 ILE A C   1 
ATOM   585  O  O   . ILE A 1 89  ? 9.141   -3.353  -7.163  1.00 38.10  ? 164 ILE A O   1 
ATOM   586  C  CB  . ILE A 1 89  ? 7.193   -5.559  -6.037  1.00 38.80  ? 164 ILE A CB  1 
ATOM   587  C  CG1 . ILE A 1 89  ? 7.406   -5.468  -4.526  1.00 37.47  ? 164 ILE A CG1 1 
ATOM   588  C  CG2 . ILE A 1 89  ? 6.343   -6.765  -6.423  1.00 36.89  ? 164 ILE A CG2 1 
ATOM   589  C  CD1 . ILE A 1 89  ? 6.133   -5.223  -3.764  1.00 35.12  ? 164 ILE A CD1 1 
ATOM   590  N  N   . THR A 1 90  ? 10.277  -4.439  -5.563  1.00 36.91  ? 165 THR A N   1 
ATOM   591  C  CA  . THR A 1 90  ? 11.094  -3.275  -5.265  1.00 43.01  ? 165 THR A CA  1 
ATOM   592  C  C   . THR A 1 90  ? 11.983  -3.003  -6.476  1.00 48.15  ? 165 THR A C   1 
ATOM   593  O  O   . THR A 1 90  ? 12.184  -1.849  -6.872  1.00 46.55  ? 165 THR A O   1 
ATOM   594  C  CB  . THR A 1 90  ? 11.958  -3.509  -4.024  1.00 42.54  ? 165 THR A CB  1 
ATOM   595  O  OG1 . THR A 1 90  ? 11.099  -3.721  -2.895  1.00 50.23  ? 165 THR A OG1 1 
ATOM   596  C  CG2 . THR A 1 90  ? 12.856  -2.313  -3.760  1.00 41.11  ? 165 THR A CG2 1 
ATOM   597  N  N   . ALA A 1 91  ? 12.492  -4.075  -7.074  1.00 45.58  ? 166 ALA A N   1 
ATOM   598  C  CA  . ALA A 1 91  ? 13.338  -3.953  -8.254  1.00 49.48  ? 166 ALA A CA  1 
ATOM   599  C  C   . ALA A 1 91  ? 12.480  -3.481  -9.422  1.00 48.22  ? 166 ALA A C   1 
ATOM   600  O  O   . ALA A 1 91  ? 12.876  -2.579  -10.163 1.00 48.96  ? 166 ALA A O   1 
ATOM   601  C  CB  . ALA A 1 91  ? 13.979  -5.291  -8.581  1.00 46.90  ? 166 ALA A CB  1 
ATOM   602  N  N   . SER A 1 92  ? 11.308  -4.096  -9.587  1.00 47.33  ? 167 SER A N   1 
ATOM   603  C  CA  . SER A 1 92  ? 10.393  -3.720  -10.660 1.00 47.37  ? 167 SER A CA  1 
ATOM   604  C  C   . SER A 1 92  ? 10.152  -2.207  -10.701 1.00 50.42  ? 167 SER A C   1 
ATOM   605  O  O   . SER A 1 92  ? 10.239  -1.592  -11.763 1.00 54.83  ? 167 SER A O   1 
ATOM   606  C  CB  . SER A 1 92  ? 9.043   -4.413  -10.490 1.00 48.00  ? 167 SER A CB  1 
ATOM   607  O  OG  . SER A 1 92  ? 9.165   -5.812  -10.597 1.00 53.13  ? 167 SER A OG  1 
ATOM   608  N  N   . VAL A 1 93  ? 9.855   -1.601  -9.555  1.00 43.69  ? 168 VAL A N   1 
ATOM   609  C  CA  . VAL A 1 93  ? 9.592   -0.165  -9.532  1.00 44.58  ? 168 VAL A CA  1 
ATOM   610  C  C   . VAL A 1 93  ? 10.829  0.688   -9.842  1.00 47.62  ? 168 VAL A C   1 
ATOM   611  O  O   . VAL A 1 93  ? 10.709  1.812   -10.331 1.00 43.98  ? 168 VAL A O   1 
ATOM   612  C  CB  . VAL A 1 93  ? 8.961   0.274   -8.181  1.00 41.55  ? 168 VAL A CB  1 
ATOM   613  C  CG1 . VAL A 1 93  ? 7.794   -0.644  -7.849  1.00 33.20  ? 168 VAL A CG1 1 
ATOM   614  C  CG2 . VAL A 1 93  ? 9.990   0.272   -7.072  1.00 42.10  ? 168 VAL A CG2 1 
ATOM   615  N  N   . LYS A 1 94  ? 12.018  0.161   -9.561  1.00 49.16  ? 169 LYS A N   1 
ATOM   616  C  CA  . LYS A 1 94  ? 13.237  0.904   -9.857  1.00 58.61  ? 169 LYS A CA  1 
ATOM   617  C  C   . LYS A 1 94  ? 13.523  0.794   -11.356 1.00 62.39  ? 169 LYS A C   1 
ATOM   618  O  O   . LYS A 1 94  ? 14.436  1.437   -11.871 1.00 65.74  ? 169 LYS A O   1 
ATOM   619  C  CB  . LYS A 1 94  ? 14.428  0.354   -9.067  1.00 60.38  ? 169 LYS A CB  1 
ATOM   620  C  CG  . LYS A 1 94  ? 14.267  0.365   -7.560  1.00 61.87  ? 169 LYS A CG  1 
ATOM   621  C  CD  . LYS A 1 94  ? 15.559  0.774   -6.887  1.00 63.11  ? 169 LYS A CD  1 
ATOM   622  C  CE  . LYS A 1 94  ? 15.735  0.104   -5.533  1.00 69.14  ? 169 LYS A CE  1 
ATOM   623  N  NZ  . LYS A 1 94  ? 16.027  -1.358  -5.668  1.00 70.75  ? 169 LYS A NZ  1 
ATOM   624  N  N   . ASP A 1 95  ? 12.723  -0.023  -12.043 1.00 65.28  ? 170 ASP A N   1 
ATOM   625  C  CA  . ASP A 1 95  ? 12.862  -0.246  -13.480 1.00 67.71  ? 170 ASP A CA  1 
ATOM   626  C  C   . ASP A 1 95  ? 11.588  0.080   -14.261 1.00 67.68  ? 170 ASP A C   1 
ATOM   627  O  O   . ASP A 1 95  ? 11.489  -0.261  -15.437 1.00 65.72  ? 170 ASP A O   1 
ATOM   628  C  CB  . ASP A 1 95  ? 13.215  -1.710  -13.755 1.00 74.65  ? 170 ASP A CB  1 
ATOM   629  C  CG  . ASP A 1 95  ? 14.488  -2.148  -13.069 1.00 82.05  ? 170 ASP A CG  1 
ATOM   630  O  OD1 . ASP A 1 95  ? 14.772  -3.368  -13.083 1.00 83.46  ? 170 ASP A OD1 1 
ATOM   631  O  OD2 . ASP A 1 95  ? 15.204  -1.278  -12.524 1.00 86.23  ? 170 ASP A OD2 1 
ATOM   632  N  N   . LEU A 1 96  ? 10.609  0.717   -13.621 1.00 64.78  ? 171 LEU A N   1 
ATOM   633  C  CA  . LEU A 1 96  ? 9.368   1.032   -14.316 1.00 57.71  ? 171 LEU A CA  1 
ATOM   634  C  C   . LEU A 1 96  ? 9.624   2.129   -15.347 1.00 59.68  ? 171 LEU A C   1 
ATOM   635  O  O   . LEU A 1 96  ? 10.269  3.148   -15.051 1.00 53.53  ? 171 LEU A O   1 
ATOM   636  C  CB  . LEU A 1 96  ? 8.280   1.474   -13.338 1.00 58.87  ? 171 LEU A CB  1 
ATOM   637  C  CG  . LEU A 1 96  ? 6.893   1.566   -13.979 1.00 54.51  ? 171 LEU A CG  1 
ATOM   638  C  CD1 . LEU A 1 96  ? 6.364   0.164   -14.205 1.00 61.51  ? 171 LEU A CD1 1 
ATOM   639  C  CD2 . LEU A 1 96  ? 5.940   2.343   -13.090 1.00 59.07  ? 171 LEU A CD2 1 
ATOM   640  N  N   . PRO A 1 97  ? 9.123   1.926   -16.579 1.00 57.75  ? 172 PRO A N   1 
ATOM   641  C  CA  . PRO A 1 97  ? 9.272   2.862   -17.697 1.00 56.44  ? 172 PRO A CA  1 
ATOM   642  C  C   . PRO A 1 97  ? 8.801   4.281   -17.413 1.00 53.21  ? 172 PRO A C   1 
ATOM   643  O  O   . PRO A 1 97  ? 7.591   4.539   -17.336 1.00 55.12  ? 172 PRO A O   1 
ATOM   644  C  CB  . PRO A 1 97  ? 8.453   2.205   -18.812 1.00 58.04  ? 172 PRO A CB  1 
ATOM   645  C  CG  . PRO A 1 97  ? 8.564   0.747   -18.501 1.00 60.12  ? 172 PRO A CG  1 
ATOM   646  C  CD  . PRO A 1 97  ? 8.357   0.739   -17.001 1.00 57.00  ? 172 PRO A CD  1 
ATOM   647  N  N   . GLY A 1 98  ? 9.759   5.187   -17.248 1.00 44.68  ? 173 GLY A N   1 
ATOM   648  C  CA  . GLY A 1 98  ? 9.437   6.587   -17.023 1.00 44.75  ? 173 GLY A CA  1 
ATOM   649  C  C   . GLY A 1 98  ? 9.073   7.003   -15.614 1.00 43.41  ? 173 GLY A C   1 
ATOM   650  O  O   . GLY A 1 98  ? 8.534   8.085   -15.413 1.00 44.02  ? 173 GLY A O   1 
ATOM   651  N  N   . LEU A 1 99  ? 9.366   6.150   -14.641 1.00 44.07  ? 174 LEU A N   1 
ATOM   652  C  CA  . LEU A 1 99  ? 9.064   6.451   -13.242 1.00 45.86  ? 174 LEU A CA  1 
ATOM   653  C  C   . LEU A 1 99  ? 10.234  7.274   -12.714 1.00 46.47  ? 174 LEU A C   1 
ATOM   654  O  O   . LEU A 1 99  ? 11.322  6.738   -12.460 1.00 44.21  ? 174 LEU A O   1 
ATOM   655  C  CB  . LEU A 1 99  ? 8.931   5.142   -12.474 1.00 44.99  ? 174 LEU A CB  1 
ATOM   656  C  CG  . LEU A 1 99  ? 8.122   5.161   -11.192 1.00 44.16  ? 174 LEU A CG  1 
ATOM   657  C  CD1 . LEU A 1 99  ? 6.758   5.829   -11.401 1.00 36.56  ? 174 LEU A CD1 1 
ATOM   658  C  CD2 . LEU A 1 99  ? 7.974   3.720   -10.753 1.00 39.44  ? 174 LEU A CD2 1 
ATOM   659  N  N   . LYS A 1 100 ? 9.999   8.566   -12.513 1.00 43.90  ? 175 LYS A N   1 
ATOM   660  C  CA  . LYS A 1 100 ? 11.072  9.474   -12.101 1.00 48.43  ? 175 LYS A CA  1 
ATOM   661  C  C   . LYS A 1 100 ? 11.102  10.051  -10.688 1.00 48.73  ? 175 LYS A C   1 
ATOM   662  O  O   . LYS A 1 100 ? 12.116  10.624  -10.283 1.00 47.70  ? 175 LYS A O   1 
ATOM   663  C  CB  . LYS A 1 100 ? 11.129  10.643  -13.098 1.00 51.02  ? 175 LYS A CB  1 
ATOM   664  C  CG  . LYS A 1 100 ? 11.183  10.200  -14.559 1.00 54.51  ? 175 LYS A CG  1 
ATOM   665  C  CD  . LYS A 1 100 ? 12.476  9.460   -14.862 1.00 62.87  ? 175 LYS A CD  1 
ATOM   666  C  CE  . LYS A 1 100 ? 12.413  8.737   -16.199 1.00 67.49  ? 175 LYS A CE  1 
ATOM   667  N  NZ  . LYS A 1 100 ? 12.033  9.655   -17.311 1.00 70.74  ? 175 LYS A NZ  1 
ATOM   668  N  N   . THR A 1 101 ? 10.017  9.919   -9.939  1.00 42.63  ? 176 THR A N   1 
ATOM   669  C  CA  . THR A 1 101 ? 9.982   10.487  -8.601  1.00 40.65  ? 176 THR A CA  1 
ATOM   670  C  C   . THR A 1 101 ? 9.767   9.444   -7.509  1.00 42.72  ? 176 THR A C   1 
ATOM   671  O  O   . THR A 1 101 ? 9.239   8.365   -7.763  1.00 38.24  ? 176 THR A O   1 
ATOM   672  C  CB  . THR A 1 101 ? 8.876   11.546  -8.502  1.00 39.63  ? 176 THR A CB  1 
ATOM   673  O  OG1 . THR A 1 101 ? 7.591   10.916  -8.610  1.00 37.78  ? 176 THR A OG1 1 
ATOM   674  C  CG2 . THR A 1 101 ? 9.023   12.563  -9.643  1.00 35.77  ? 176 THR A CG2 1 
ATOM   675  N  N   . PRO A 1 102 ? 10.212  9.746   -6.278  1.00 41.44  ? 177 PRO A N   1 
ATOM   676  C  CA  . PRO A 1 102 ? 10.042  8.801   -5.167  1.00 41.28  ? 177 PRO A CA  1 
ATOM   677  C  C   . PRO A 1 102 ? 8.558   8.545   -4.926  1.00 32.59  ? 177 PRO A C   1 
ATOM   678  O  O   . PRO A 1 102 ? 8.139   7.407   -4.738  1.00 35.43  ? 177 PRO A O   1 
ATOM   679  C  CB  . PRO A 1 102 ? 10.706  9.518   -3.989  1.00 37.07  ? 177 PRO A CB  1 
ATOM   680  C  CG  . PRO A 1 102 ? 11.814  10.270  -4.664  1.00 48.99  ? 177 PRO A CG  1 
ATOM   681  C  CD  . PRO A 1 102 ? 11.131  10.836  -5.906  1.00 44.33  ? 177 PRO A CD  1 
ATOM   682  N  N   . VAL A 1 103 ? 7.769   9.613   -4.955  1.00 29.35  ? 178 VAL A N   1 
ATOM   683  C  CA  . VAL A 1 103 ? 6.340   9.480   -4.727  1.00 33.27  ? 178 VAL A CA  1 
ATOM   684  C  C   . VAL A 1 103 ? 5.761   8.547   -5.772  1.00 34.33  ? 178 VAL A C   1 
ATOM   685  O  O   . VAL A 1 103 ? 4.903   7.710   -5.461  1.00 33.38  ? 178 VAL A O   1 
ATOM   686  C  CB  . VAL A 1 103 ? 5.632   10.853  -4.755  1.00 33.43  ? 178 VAL A CB  1 
ATOM   687  C  CG1 . VAL A 1 103 ? 4.110   10.672  -4.764  1.00 31.10  ? 178 VAL A CG1 1 
ATOM   688  C  CG2 . VAL A 1 103 ? 6.031   11.642  -3.515  1.00 36.22  ? 178 VAL A CG2 1 
ATOM   689  N  N   . GLY A 1 104 ? 6.255   8.675   -7.002  1.00 33.15  ? 179 GLY A N   1 
ATOM   690  C  CA  . GLY A 1 104 ? 5.802   7.805   -8.072  1.00 31.79  ? 179 GLY A CA  1 
ATOM   691  C  C   . GLY A 1 104 ? 6.212   6.373   -7.782  1.00 31.75  ? 179 GLY A C   1 
ATOM   692  O  O   . GLY A 1 104 ? 5.428   5.452   -8.000  1.00 27.63  ? 179 GLY A O   1 
ATOM   693  N  N   . ARG A 1 105 ? 7.435   6.169   -7.290  1.00 30.37  ? 180 ARG A N   1 
ATOM   694  C  CA  . ARG A 1 105 ? 7.887   4.807   -6.969  1.00 33.10  ? 180 ARG A CA  1 
ATOM   695  C  C   . ARG A 1 105 ? 7.071   4.241   -5.799  1.00 30.72  ? 180 ARG A C   1 
ATOM   696  O  O   . ARG A 1 105 ? 6.759   3.055   -5.764  1.00 31.02  ? 180 ARG A O   1 
ATOM   697  C  CB  . ARG A 1 105 ? 9.374   4.801   -6.625  1.00 37.51  ? 180 ARG A CB  1 
ATOM   698  C  CG  . ARG A 1 105 ? 10.264  5.169   -7.806  1.00 40.77  ? 180 ARG A CG  1 
ATOM   699  C  CD  . ARG A 1 105 ? 11.728  5.149   -7.426  1.00 47.01  ? 180 ARG A CD  1 
ATOM   700  N  NE  . ARG A 1 105 ? 12.532  5.693   -8.514  1.00 59.75  ? 180 ARG A NE  1 
ATOM   701  C  CZ  . ARG A 1 105 ? 12.844  6.980   -8.645  1.00 63.76  ? 180 ARG A CZ  1 
ATOM   702  N  NH1 . ARG A 1 105 ? 12.431  7.862   -7.744  1.00 68.65  ? 180 ARG A NH1 1 
ATOM   703  N  NH2 . ARG A 1 105 ? 13.545  7.395   -9.695  1.00 62.40  ? 180 ARG A NH2 1 
ATOM   704  N  N   . GLY A 1 106 ? 6.714   5.104   -4.850  1.00 27.60  ? 181 GLY A N   1 
ATOM   705  C  CA  . GLY A 1 106 ? 5.911   4.649   -3.728  1.00 32.08  ? 181 GLY A CA  1 
ATOM   706  C  C   . GLY A 1 106 ? 4.535   4.216   -4.206  1.00 28.75  ? 181 GLY A C   1 
ATOM   707  O  O   . GLY A 1 106 ? 3.997   3.212   -3.747  1.00 27.50  ? 181 GLY A O   1 
ATOM   708  N  N   . ARG A 1 107 ? 3.954   4.979   -5.130  1.00 27.87  ? 182 ARG A N   1 
ATOM   709  C  CA  . ARG A 1 107 ? 2.643   4.641   -5.678  1.00 25.27  ? 182 ARG A CA  1 
ATOM   710  C  C   . ARG A 1 107 ? 2.668   3.344   -6.477  1.00 25.63  ? 182 ARG A C   1 
ATOM   711  O  O   . ARG A 1 107 ? 1.761   2.512   -6.372  1.00 28.79  ? 182 ARG A O   1 
ATOM   712  C  CB  . ARG A 1 107 ? 2.128   5.780   -6.545  1.00 22.87  ? 182 ARG A CB  1 
ATOM   713  C  CG  . ARG A 1 107 ? 1.722   6.965   -5.732  1.00 26.36  ? 182 ARG A CG  1 
ATOM   714  C  CD  . ARG A 1 107 ? 1.409   8.181   -6.588  1.00 30.71  ? 182 ARG A CD  1 
ATOM   715  N  NE  . ARG A 1 107 ? 1.003   9.304   -5.752  1.00 32.59  ? 182 ARG A NE  1 
ATOM   716  C  CZ  . ARG A 1 107 ? 0.949   10.562  -6.170  1.00 35.84  ? 182 ARG A CZ  1 
ATOM   717  N  NH1 . ARG A 1 107 ? 1.270   10.868  -7.420  1.00 33.10  ? 182 ARG A NH1 1 
ATOM   718  N  NH2 . ARG A 1 107 ? 0.596   11.516  -5.329  1.00 33.14  ? 182 ARG A NH2 1 
ATOM   719  N  N   . ALA A 1 108 ? 3.707   3.150   -7.279  1.00 25.34  ? 183 ALA A N   1 
ATOM   720  C  CA  . ALA A 1 108 ? 3.789   1.919   -8.069  1.00 26.44  ? 183 ALA A CA  1 
ATOM   721  C  C   . ALA A 1 108 ? 4.019   0.711   -7.157  1.00 24.54  ? 183 ALA A C   1 
ATOM   722  O  O   . ALA A 1 108 ? 3.510   -0.366  -7.410  1.00 21.64  ? 183 ALA A O   1 
ATOM   723  C  CB  . ALA A 1 108 ? 4.926   2.021   -9.101  1.00 28.49  ? 183 ALA A CB  1 
ATOM   724  N  N   . TRP A 1 109 ? 4.794   0.907   -6.100  1.00 26.04  ? 184 TRP A N   1 
ATOM   725  C  CA  . TRP A 1 109 ? 5.097   -0.170  -5.167  1.00 27.42  ? 184 TRP A CA  1 
ATOM   726  C  C   . TRP A 1 109 ? 3.798   -0.615  -4.474  1.00 23.14  ? 184 TRP A C   1 
ATOM   727  O  O   . TRP A 1 109 ? 3.523   -1.807  -4.369  1.00 24.23  ? 184 TRP A O   1 
ATOM   728  C  CB  . TRP A 1 109 ? 6.150   0.312   -4.139  1.00 24.89  ? 184 TRP A CB  1 
ATOM   729  C  CG  . TRP A 1 109 ? 6.713   -0.775  -3.287  1.00 29.37  ? 184 TRP A CG  1 
ATOM   730  C  CD1 . TRP A 1 109 ? 7.859   -1.479  -3.505  1.00 36.54  ? 184 TRP A CD1 1 
ATOM   731  C  CD2 . TRP A 1 109 ? 6.149   -1.290  -2.073  1.00 31.96  ? 184 TRP A CD2 1 
ATOM   732  N  NE1 . TRP A 1 109 ? 8.051   -2.400  -2.500  1.00 36.34  ? 184 TRP A NE1 1 
ATOM   733  C  CE2 . TRP A 1 109 ? 7.014   -2.303  -1.607  1.00 36.69  ? 184 TRP A CE2 1 
ATOM   734  C  CE3 . TRP A 1 109 ? 4.994   -0.991  -1.332  1.00 32.38  ? 184 TRP A CE3 1 
ATOM   735  C  CZ2 . TRP A 1 109 ? 6.762   -3.021  -0.425  1.00 38.20  ? 184 TRP A CZ2 1 
ATOM   736  C  CZ3 . TRP A 1 109 ? 4.747   -1.709  -0.156  1.00 31.44  ? 184 TRP A CZ3 1 
ATOM   737  C  CH2 . TRP A 1 109 ? 5.629   -2.705  0.281   1.00 28.60  ? 184 TRP A CH2 1 
ATOM   738  N  N   . LEU A 1 110 ? 2.971   0.325   -4.025  1.00 25.31  ? 185 LEU A N   1 
ATOM   739  C  CA  . LEU A 1 110 ? 1.711   -0.051  -3.381  1.00 22.26  ? 185 LEU A CA  1 
ATOM   740  C  C   . LEU A 1 110 ? 0.809   -0.883  -4.310  1.00 24.54  ? 185 LEU A C   1 
ATOM   741  O  O   . LEU A 1 110 ? 0.189   -1.868  -3.884  1.00 23.04  ? 185 LEU A O   1 
ATOM   742  C  CB  . LEU A 1 110 ? 0.939   1.195   -2.940  1.00 23.45  ? 185 LEU A CB  1 
ATOM   743  C  CG  . LEU A 1 110 ? 1.477   1.991   -1.734  1.00 26.73  ? 185 LEU A CG  1 
ATOM   744  C  CD1 . LEU A 1 110 ? 0.614   3.239   -1.564  1.00 21.95  ? 185 LEU A CD1 1 
ATOM   745  C  CD2 . LEU A 1 110 ? 1.442   1.123   -0.460  1.00 27.69  ? 185 LEU A CD2 1 
ATOM   746  N  N   . ARG A 1 111 ? 0.722   -0.476  -5.576  1.00 22.84  ? 186 ARG A N   1 
ATOM   747  C  CA  . ARG A 1 111 ? -0.114  -1.195  -6.540  1.00 22.96  ? 186 ARG A CA  1 
ATOM   748  C  C   . ARG A 1 111 ? 0.366   -2.622  -6.788  1.00 18.65  ? 186 ARG A C   1 
ATOM   749  O  O   . ARG A 1 111 ? -0.435  -3.547  -6.825  1.00 22.80  ? 186 ARG A O   1 
ATOM   750  C  CB  . ARG A 1 111 ? -0.192  -0.404  -7.843  1.00 24.46  ? 186 ARG A CB  1 
ATOM   751  C  CG  . ARG A 1 111 ? -0.998  0.857   -7.670  1.00 23.05  ? 186 ARG A CG  1 
ATOM   752  C  CD  . ARG A 1 111 ? -0.715  1.877   -8.767  1.00 29.74  ? 186 ARG A CD  1 
ATOM   753  N  NE  . ARG A 1 111 ? -1.687  2.967   -8.758  1.00 27.83  ? 186 ARG A NE  1 
ATOM   754  C  CZ  . ARG A 1 111 ? -1.748  3.932   -7.848  1.00 27.31  ? 186 ARG A CZ  1 
ATOM   755  N  NH1 . ARG A 1 111 ? -0.875  3.982   -6.839  1.00 34.99  ? 186 ARG A NH1 1 
ATOM   756  N  NH2 . ARG A 1 111 ? -2.717  4.836   -7.916  1.00 35.30  ? 186 ARG A NH2 1 
ATOM   757  N  N   . LEU A 1 112 ? 1.669   -2.800  -6.935  1.00 24.11  ? 187 LEU A N   1 
ATOM   758  C  CA  . LEU A 1 112 ? 2.247   -4.130  -7.136  1.00 28.35  ? 187 LEU A CA  1 
ATOM   759  C  C   . LEU A 1 112 ? 2.083   -5.010  -5.882  1.00 30.46  ? 187 LEU A C   1 
ATOM   760  O  O   . LEU A 1 112 ? 1.843   -6.223  -5.974  1.00 25.90  ? 187 LEU A O   1 
ATOM   761  C  CB  . LEU A 1 112 ? 3.726   -3.999  -7.484  1.00 28.91  ? 187 LEU A CB  1 
ATOM   762  C  CG  . LEU A 1 112 ? 3.989   -3.384  -8.856  1.00 35.00  ? 187 LEU A CG  1 
ATOM   763  C  CD1 . LEU A 1 112 ? 5.482   -3.233  -9.078  1.00 34.54  ? 187 LEU A CD1 1 
ATOM   764  C  CD2 . LEU A 1 112 ? 3.385   -4.265  -9.917  1.00 33.11  ? 187 LEU A CD2 1 
ATOM   765  N  N   . ALA A 1 113 ? 2.221   -4.401  -4.708  1.00 26.95  ? 188 ALA A N   1 
ATOM   766  C  CA  . ALA A 1 113 ? 2.045   -5.158  -3.471  1.00 28.16  ? 188 ALA A CA  1 
ATOM   767  C  C   . ALA A 1 113 ? 0.586   -5.635  -3.391  1.00 26.54  ? 188 ALA A C   1 
ATOM   768  O  O   . ALA A 1 113 ? 0.317   -6.791  -3.073  1.00 28.10  ? 188 ALA A O   1 
ATOM   769  C  CB  . ALA A 1 113 ? 2.418   -4.288  -2.264  1.00 23.53  ? 188 ALA A CB  1 
ATOM   770  N  N   . LEU A 1 114 ? -0.359  -4.756  -3.719  1.00 26.37  ? 189 LEU A N   1 
ATOM   771  C  CA  . LEU A 1 114 ? -1.778  -5.126  -3.674  1.00 27.50  ? 189 LEU A CA  1 
ATOM   772  C  C   . LEU A 1 114 ? -2.007  -6.273  -4.674  1.00 27.64  ? 189 LEU A C   1 
ATOM   773  O  O   . LEU A 1 114 ? -2.715  -7.240  -4.378  1.00 23.14  ? 189 LEU A O   1 
ATOM   774  C  CB  . LEU A 1 114 ? -2.639  -3.885  -4.007  1.00 25.60  ? 189 LEU A CB  1 
ATOM   775  C  CG  . LEU A 1 114 ? -4.173  -3.754  -4.039  1.00 30.19  ? 189 LEU A CG  1 
ATOM   776  C  CD1 . LEU A 1 114 ? -4.775  -4.897  -4.770  1.00 34.18  ? 189 LEU A CD1 1 
ATOM   777  C  CD2 . LEU A 1 114 ? -4.754  -3.676  -2.664  1.00 35.21  ? 189 LEU A CD2 1 
HETATM 778  N  N   . MSE A 1 115 ? -1.400  -6.182  -5.857  1.00 26.41  ? 190 MSE A N   1 
HETATM 779  C  CA  . MSE A 1 115 ? -1.528  -7.249  -6.859  1.00 25.59  ? 190 MSE A CA  1 
HETATM 780  C  C   . MSE A 1 115 ? -1.009  -8.582  -6.321  1.00 28.09  ? 190 MSE A C   1 
HETATM 781  O  O   . MSE A 1 115 ? -1.579  -9.641  -6.600  1.00 29.77  ? 190 MSE A O   1 
HETATM 782  C  CB  . MSE A 1 115 ? -0.744  -6.902  -8.133  1.00 27.60  ? 190 MSE A CB  1 
HETATM 783  C  CG  . MSE A 1 115 ? -1.394  -5.885  -9.060  1.00 31.65  ? 190 MSE A CG  1 
HETATM 784  SE SE  . MSE A 1 115 ? -0.355  -5.723  -10.764 1.00 38.76  ? 190 MSE A SE  1 
HETATM 785  C  CE  . MSE A 1 115 ? -0.315  -7.543  -11.218 1.00 24.67  ? 190 MSE A CE  1 
ATOM   786  N  N   . GLN A 1 116 ? 0.088   -8.534  -5.570  1.00 30.56  ? 191 GLN A N   1 
ATOM   787  C  CA  . GLN A 1 116 ? 0.687   -9.738  -4.984  1.00 35.55  ? 191 GLN A CA  1 
ATOM   788  C  C   . GLN A 1 116 ? -0.106  -10.247 -3.777  1.00 31.87  ? 191 GLN A C   1 
ATOM   789  O  O   . GLN A 1 116 ? 0.140   -11.347 -3.309  1.00 33.37  ? 191 GLN A O   1 
ATOM   790  C  CB  . GLN A 1 116 ? 2.094   -9.459  -4.457  1.00 35.16  ? 191 GLN A CB  1 
ATOM   791  C  CG  . GLN A 1 116 ? 3.210   -9.282  -5.440  1.00 40.42  ? 191 GLN A CG  1 
ATOM   792  C  CD  . GLN A 1 116 ? 4.551   -9.212  -4.694  1.00 50.84  ? 191 GLN A CD  1 
ATOM   793  O  OE1 . GLN A 1 116 ? 4.768   -8.327  -3.862  1.00 51.98  ? 191 GLN A OE1 1 
ATOM   794  N  NE2 . GLN A 1 116 ? 5.441   -10.156 -4.976  1.00 53.79  ? 191 GLN A NE2 1 
ATOM   795  N  N   . LYS A 1 117 ? -1.022  -9.431  -3.261  1.00 32.65  ? 192 LYS A N   1 
ATOM   796  C  CA  . LYS A 1 117 ? -1.813  -9.790  -2.073  1.00 30.20  ? 192 LYS A CA  1 
ATOM   797  C  C   . LYS A 1 117 ? -0.822  -9.931  -0.916  1.00 27.72  ? 192 LYS A C   1 
ATOM   798  O  O   . LYS A 1 117 ? -0.884  -10.877 -0.144  1.00 30.13  ? 192 LYS A O   1 
ATOM   799  C  CB  . LYS A 1 117 ? -2.533  -11.119 -2.294  1.00 25.80  ? 192 LYS A CB  1 
ATOM   800  C  CG  . LYS A 1 117 ? -3.566  -11.119 -3.423  1.00 25.18  ? 192 LYS A CG  1 
ATOM   801  C  CD  . LYS A 1 117 ? -4.033  -12.545 -3.647  1.00 37.36  ? 192 LYS A CD  1 
ATOM   802  C  CE  . LYS A 1 117 ? -5.014  -12.685 -4.804  1.00 35.15  ? 192 LYS A CE  1 
ATOM   803  N  NZ  . LYS A 1 117 ? -6.299  -12.126 -4.398  1.00 45.24  ? 192 LYS A NZ  1 
ATOM   804  N  N   . LYS A 1 118 ? 0.070   -8.956  -0.791  1.00 30.65  ? 193 LYS A N   1 
ATOM   805  C  CA  . LYS A 1 118 ? 1.114   -8.967  0.227   1.00 31.27  ? 193 LYS A CA  1 
ATOM   806  C  C   . LYS A 1 118 ? 1.229   -7.685  1.035   1.00 26.98  ? 193 LYS A C   1 
ATOM   807  O  O   . LYS A 1 118 ? 2.116   -7.566  1.901   1.00 26.03  ? 193 LYS A O   1 
ATOM   808  C  CB  . LYS A 1 118 ? 2.476   -9.222  -0.448  1.00 33.91  ? 193 LYS A CB  1 
ATOM   809  C  CG  . LYS A 1 118 ? 2.662   -10.619 -0.985  1.00 44.29  ? 193 LYS A CG  1 
ATOM   810  C  CD  . LYS A 1 118 ? 2.640   -11.625 0.157   1.00 51.95  ? 193 LYS A CD  1 
ATOM   811  C  CE  . LYS A 1 118 ? 2.792   -13.058 -0.334  1.00 55.52  ? 193 LYS A CE  1 
ATOM   812  N  NZ  . LYS A 1 118 ? 2.654   -14.007 0.814   1.00 59.12  ? 193 LYS A NZ  1 
ATOM   813  N  N   . LEU A 1 119 ? 0.364   -6.717  0.775   1.00 23.96  ? 194 LEU A N   1 
ATOM   814  C  CA  . LEU A 1 119 ? 0.464   -5.441  1.487   1.00 21.57  ? 194 LEU A CA  1 
ATOM   815  C  C   . LEU A 1 119 ? 0.387   -5.554  3.030   1.00 26.27  ? 194 LEU A C   1 
ATOM   816  O  O   . LEU A 1 119 ? 1.176   -4.930  3.745   1.00 23.76  ? 194 LEU A O   1 
ATOM   817  C  CB  . LEU A 1 119 ? -0.606  -4.487  0.956   1.00 23.45  ? 194 LEU A CB  1 
ATOM   818  C  CG  . LEU A 1 119 ? -0.471  -2.967  1.079   1.00 33.13  ? 194 LEU A CG  1 
ATOM   819  C  CD1 . LEU A 1 119 ? 0.949   -2.484  0.797   1.00 36.35  ? 194 LEU A CD1 1 
ATOM   820  C  CD2 . LEU A 1 119 ? -1.421  -2.353  0.086   1.00 34.08  ? 194 LEU A CD2 1 
ATOM   821  N  N   . SER A 1 120 ? -0.551  -6.344  3.544   1.00 24.07  ? 195 SER A N   1 
ATOM   822  C  CA  . SER A 1 120 ? -0.650  -6.486  4.996   1.00 28.03  ? 195 SER A CA  1 
ATOM   823  C  C   . SER A 1 120 ? 0.642   -7.053  5.583   1.00 28.04  ? 195 SER A C   1 
ATOM   824  O  O   . SER A 1 120 ? 1.137   -6.569  6.598   1.00 30.33  ? 195 SER A O   1 
ATOM   825  C  CB  . SER A 1 120 ? -1.847  -7.367  5.380   1.00 29.00  ? 195 SER A CB  1 
ATOM   826  O  OG  . SER A 1 120 ? -1.677  -8.709  4.978   1.00 29.32  ? 195 SER A OG  1 
ATOM   827  N  N   . GLU A 1 121 ? 1.191   -8.070  4.939   1.00 30.55  ? 196 GLU A N   1 
ATOM   828  C  CA  . GLU A 1 121 ? 2.435   -8.688  5.388   1.00 32.29  ? 196 GLU A CA  1 
ATOM   829  C  C   . GLU A 1 121 ? 3.592   -7.671  5.414   1.00 35.62  ? 196 GLU A C   1 
ATOM   830  O  O   . GLU A 1 121 ? 4.398   -7.631  6.360   1.00 32.07  ? 196 GLU A O   1 
ATOM   831  C  CB  . GLU A 1 121 ? 2.767   -9.852  4.459   1.00 37.30  ? 196 GLU A CB  1 
ATOM   832  C  CG  . GLU A 1 121 ? 3.955   -10.681 4.869   1.00 51.13  ? 196 GLU A CG  1 
ATOM   833  C  CD  . GLU A 1 121 ? 4.231   -11.829 3.908   1.00 58.67  ? 196 GLU A CD  1 
ATOM   834  O  OE1 . GLU A 1 121 ? 3.266   -12.484 3.438   1.00 59.54  ? 196 GLU A OE1 1 
ATOM   835  O  OE2 . GLU A 1 121 ? 5.421   -12.084 3.631   1.00 64.46  ? 196 GLU A OE2 1 
ATOM   836  N  N   . TYR A 1 122 ? 3.671   -6.831  4.390   1.00 32.00  ? 197 TYR A N   1 
ATOM   837  C  CA  . TYR A 1 122 ? 4.737   -5.832  4.342   1.00 30.39  ? 197 TYR A CA  1 
ATOM   838  C  C   . TYR A 1 122 ? 4.546   -4.712  5.359   1.00 31.70  ? 197 TYR A C   1 
ATOM   839  O  O   . TYR A 1 122 ? 5.516   -4.206  5.920   1.00 30.25  ? 197 TYR A O   1 
ATOM   840  C  CB  . TYR A 1 122 ? 4.852   -5.207  2.940   1.00 29.24  ? 197 TYR A CB  1 
ATOM   841  C  CG  . TYR A 1 122 ? 5.122   -6.190  1.811   1.00 33.66  ? 197 TYR A CG  1 
ATOM   842  C  CD1 . TYR A 1 122 ? 5.857   -7.358  2.029   1.00 34.37  ? 197 TYR A CD1 1 
ATOM   843  C  CD2 . TYR A 1 122 ? 4.690   -5.918  0.510   1.00 33.85  ? 197 TYR A CD2 1 
ATOM   844  C  CE1 . TYR A 1 122 ? 6.155   -8.227  0.976   1.00 39.73  ? 197 TYR A CE1 1 
ATOM   845  C  CE2 . TYR A 1 122 ? 4.985   -6.772  -0.540  1.00 31.89  ? 197 TYR A CE2 1 
ATOM   846  C  CZ  . TYR A 1 122 ? 5.716   -7.916  -0.309  1.00 36.20  ? 197 TYR A CZ  1 
ATOM   847  O  OH  . TYR A 1 122 ? 6.028   -8.747  -1.360  1.00 42.17  ? 197 TYR A OH  1 
HETATM 848  N  N   . MSE A 1 123 ? 3.307   -4.287  5.581   1.00 28.23  ? 198 MSE A N   1 
HETATM 849  C  CA  . MSE A 1 123 ? 3.093   -3.215  6.535   1.00 28.54  ? 198 MSE A CA  1 
HETATM 850  C  C   . MSE A 1 123 ? 3.298   -3.749  7.962   1.00 32.90  ? 198 MSE A C   1 
HETATM 851  O  O   . MSE A 1 123 ? 3.822   -3.051  8.831   1.00 35.92  ? 198 MSE A O   1 
HETATM 852  C  CB  . MSE A 1 123 ? 1.696   -2.609  6.369   1.00 31.50  ? 198 MSE A CB  1 
HETATM 853  C  CG  . MSE A 1 123 ? 1.464   -1.889  5.020   1.00 31.29  ? 198 MSE A CG  1 
HETATM 854  SE SE  . MSE A 1 123 ? 2.744   -0.467  4.631   1.00 35.18  ? 198 MSE A SE  1 
HETATM 855  C  CE  . MSE A 1 123 ? 4.018   -1.547  3.683   1.00 32.69  ? 198 MSE A CE  1 
ATOM   856  N  N   . LYS A 1 124 ? 2.914   -4.992  8.195   1.00 30.85  ? 199 LYS A N   1 
ATOM   857  C  CA  . LYS A 1 124 ? 3.086   -5.563  9.525   1.00 37.32  ? 199 LYS A CA  1 
ATOM   858  C  C   . LYS A 1 124 ? 4.588   -5.684  9.817   1.00 39.94  ? 199 LYS A C   1 
ATOM   859  O  O   . LYS A 1 124 ? 5.032   -5.440  10.945  1.00 37.61  ? 199 LYS A O   1 
ATOM   860  C  CB  . LYS A 1 124 ? 2.421   -6.933  9.606   1.00 33.91  ? 199 LYS A CB  1 
ATOM   861  C  CG  . LYS A 1 124 ? 2.341   -7.495  11.023  1.00 44.54  ? 199 LYS A CG  1 
ATOM   862  C  CD  . LYS A 1 124 ? 1.926   -8.965  10.998  1.00 54.14  ? 199 LYS A CD  1 
ATOM   863  C  CE  . LYS A 1 124 ? 1.987   -9.584  12.386  1.00 58.62  ? 199 LYS A CE  1 
ATOM   864  N  NZ  . LYS A 1 124 ? 1.758   -11.056 12.337  1.00 64.38  ? 199 LYS A NZ  1 
ATOM   865  N  N   . ALA A 1 125 ? 5.373   -6.051  8.801   1.00 35.79  ? 200 ALA A N   1 
ATOM   866  C  CA  . ALA A 1 125 ? 6.818   -6.167  8.988   1.00 37.94  ? 200 ALA A CA  1 
ATOM   867  C  C   . ALA A 1 125 ? 7.430   -4.812  9.349   1.00 39.77  ? 200 ALA A C   1 
ATOM   868  O  O   . ALA A 1 125 ? 8.338   -4.741  10.176  1.00 43.24  ? 200 ALA A O   1 
ATOM   869  C  CB  . ALA A 1 125 ? 7.479   -6.728  7.738   1.00 35.41  ? 200 ALA A CB  1 
ATOM   870  N  N   . LEU A 1 126 ? 6.927   -3.732  8.755   1.00 38.09  ? 201 LEU A N   1 
ATOM   871  C  CA  . LEU A 1 126 ? 7.447   -2.388  9.041   1.00 34.10  ? 201 LEU A CA  1 
ATOM   872  C  C   . LEU A 1 126 ? 7.112   -1.843  10.417  1.00 38.95  ? 201 LEU A C   1 
ATOM   873  O  O   . LEU A 1 126 ? 7.996   -1.388  11.141  1.00 39.62  ? 201 LEU A O   1 
ATOM   874  C  CB  . LEU A 1 126 ? 6.925   -1.371  8.035   1.00 34.76  ? 201 LEU A CB  1 
ATOM   875  C  CG  . LEU A 1 126 ? 7.611   -1.196  6.683   1.00 33.24  ? 201 LEU A CG  1 
ATOM   876  C  CD1 . LEU A 1 126 ? 6.893   -0.056  5.950   1.00 32.69  ? 201 LEU A CD1 1 
ATOM   877  C  CD2 . LEU A 1 126 ? 9.088   -0.854  6.867   1.00 30.17  ? 201 LEU A CD2 1 
ATOM   878  N  N   . ILE A 1 127 ? 5.831   -1.848  10.766  1.00 40.01  ? 202 ILE A N   1 
ATOM   879  C  CA  . ILE A 1 127 ? 5.418   -1.320  12.055  1.00 44.16  ? 202 ILE A CA  1 
ATOM   880  C  C   . ILE A 1 127 ? 6.084   -2.055  13.232  1.00 46.49  ? 202 ILE A C   1 
ATOM   881  O  O   . ILE A 1 127 ? 6.190   -1.509  14.329  1.00 48.11  ? 202 ILE A O   1 
ATOM   882  C  CB  . ILE A 1 127 ? 3.890   -1.373  12.219  1.00 44.81  ? 202 ILE A CB  1 
ATOM   883  C  CG1 . ILE A 1 127 ? 3.407   -2.811  12.141  1.00 47.98  ? 202 ILE A CG1 1 
ATOM   884  C  CG2 . ILE A 1 127 ? 3.218   -0.542  11.143  1.00 44.48  ? 202 ILE A CG2 1 
ATOM   885  C  CD1 . ILE A 1 127 ? 1.963   -2.946  12.498  1.00 54.67  ? 202 ILE A CD1 1 
ATOM   886  N  N   . ASN A 1 128 ? 6.541   -3.282  12.997  1.00 44.76  ? 203 ASN A N   1 
ATOM   887  C  CA  . ASN A 1 128 ? 7.200   -4.072  14.035  1.00 47.56  ? 203 ASN A CA  1 
ATOM   888  C  C   . ASN A 1 128 ? 8.704   -3.830  14.118  1.00 51.41  ? 203 ASN A C   1 
ATOM   889  O  O   . ASN A 1 128 ? 9.440   -4.613  14.732  1.00 51.09  ? 203 ASN A O   1 
ATOM   890  C  CB  . ASN A 1 128 ? 6.925   -5.557  13.820  1.00 48.30  ? 203 ASN A CB  1 
ATOM   891  C  CG  . ASN A 1 128 ? 5.519   -5.947  14.242  1.00 59.84  ? 203 ASN A CG  1 
ATOM   892  O  OD1 . ASN A 1 128 ? 5.110   -5.679  15.372  1.00 62.95  ? 203 ASN A OD1 1 
ATOM   893  N  ND2 . ASN A 1 128 ? 4.770   -6.576  13.339  1.00 62.51  ? 203 ASN A ND2 1 
ATOM   894  N  N   . LYS A 1 129 ? 9.151   -2.746  13.489  1.00 48.06  ? 204 LYS A N   1 
ATOM   895  C  CA  . LYS A 1 129 ? 10.556  -2.364  13.503  1.00 47.23  ? 204 LYS A CA  1 
ATOM   896  C  C   . LYS A 1 129 ? 10.635  -0.855  13.651  1.00 49.19  ? 204 LYS A C   1 
ATOM   897  O  O   . LYS A 1 129 ? 11.222  -0.162  12.821  1.00 52.53  ? 204 LYS A O   1 
ATOM   898  C  CB  . LYS A 1 129 ? 11.249  -2.813  12.213  1.00 48.10  ? 204 LYS A CB  1 
ATOM   899  C  CG  . LYS A 1 129 ? 11.427  -4.332  12.096  1.00 48.54  ? 204 LYS A CG  1 
ATOM   900  C  CD  . LYS A 1 129 ? 12.296  -4.867  13.229  1.00 54.76  ? 204 LYS A CD  1 
ATOM   901  C  CE  . LYS A 1 129 ? 12.296  -6.389  13.288  1.00 52.11  ? 204 LYS A CE  1 
ATOM   902  N  NZ  . LYS A 1 129 ? 12.940  -6.992  12.102  1.00 58.78  ? 204 LYS A NZ  1 
ATOM   903  N  N   . LYS A 1 130 ? 10.034  -0.351  14.724  1.00 50.55  ? 205 LYS A N   1 
ATOM   904  C  CA  . LYS A 1 130 ? 10.003  1.081   14.984  1.00 50.80  ? 205 LYS A CA  1 
ATOM   905  C  C   . LYS A 1 130 ? 11.365  1.740   15.144  1.00 47.23  ? 205 LYS A C   1 
ATOM   906  O  O   . LYS A 1 130 ? 11.490  2.948   14.951  1.00 45.91  ? 205 LYS A O   1 
ATOM   907  C  CB  . LYS A 1 130 ? 9.133   1.374   16.208  1.00 56.16  ? 205 LYS A CB  1 
ATOM   908  C  CG  . LYS A 1 130 ? 7.663   1.073   15.978  1.00 64.71  ? 205 LYS A CG  1 
ATOM   909  C  CD  . LYS A 1 130 ? 6.817   1.434   17.182  1.00 70.97  ? 205 LYS A CD  1 
ATOM   910  C  CE  . LYS A 1 130 ? 5.354   1.143   16.921  1.00 74.29  ? 205 LYS A CE  1 
ATOM   911  N  NZ  . LYS A 1 130 ? 4.504   1.575   18.065  1.00 84.29  ? 205 LYS A NZ  1 
ATOM   912  N  N   . GLU A 1 131 ? 12.388  0.965   15.493  1.00 48.08  ? 206 GLU A N   1 
ATOM   913  C  CA  . GLU A 1 131 ? 13.713  1.555   15.633  1.00 51.44  ? 206 GLU A CA  1 
ATOM   914  C  C   . GLU A 1 131 ? 14.186  1.937   14.233  1.00 49.73  ? 206 GLU A C   1 
ATOM   915  O  O   . GLU A 1 131 ? 14.769  3.002   14.037  1.00 49.50  ? 206 GLU A O   1 
ATOM   916  C  CB  . GLU A 1 131 ? 14.702  0.577   16.275  1.00 54.90  ? 206 GLU A CB  1 
ATOM   917  C  CG  . GLU A 1 131 ? 15.977  1.266   16.766  1.00 71.12  ? 206 GLU A CG  1 
ATOM   918  C  CD  . GLU A 1 131 ? 16.972  0.318   17.441  1.00 77.15  ? 206 GLU A CD  1 
ATOM   919  O  OE1 . GLU A 1 131 ? 16.567  -0.436  18.354  1.00 79.04  ? 206 GLU A OE1 1 
ATOM   920  O  OE2 . GLU A 1 131 ? 18.165  0.340   17.063  1.00 78.53  ? 206 GLU A OE2 1 
ATOM   921  N  N   . LEU A 1 132 ? 13.920  1.070   13.258  1.00 45.85  ? 207 LEU A N   1 
ATOM   922  C  CA  . LEU A 1 132 ? 14.301  1.353   11.874  1.00 47.50  ? 207 LEU A CA  1 
ATOM   923  C  C   . LEU A 1 132 ? 13.394  2.442   11.307  1.00 43.39  ? 207 LEU A C   1 
ATOM   924  O  O   . LEU A 1 132 ? 13.848  3.351   10.623  1.00 43.18  ? 207 LEU A O   1 
ATOM   925  C  CB  . LEU A 1 132 ? 14.207  0.085   11.019  1.00 45.86  ? 207 LEU A CB  1 
ATOM   926  C  CG  . LEU A 1 132 ? 15.307  -0.964  11.222  1.00 48.12  ? 207 LEU A CG  1 
ATOM   927  C  CD1 . LEU A 1 132 ? 15.029  -2.197  10.383  1.00 41.55  ? 207 LEU A CD1 1 
ATOM   928  C  CD2 . LEU A 1 132 ? 16.649  -0.368  10.826  1.00 49.73  ? 207 LEU A CD2 1 
ATOM   929  N  N   . LEU A 1 133 ? 12.108  2.356   11.621  1.00 41.92  ? 208 LEU A N   1 
ATOM   930  C  CA  . LEU A 1 133 ? 11.127  3.324   11.143  1.00 42.07  ? 208 LEU A CA  1 
ATOM   931  C  C   . LEU A 1 133 ? 11.404  4.737   11.654  1.00 39.04  ? 208 LEU A C   1 
ATOM   932  O  O   . LEU A 1 133 ? 11.160  5.718   10.952  1.00 34.95  ? 208 LEU A O   1 
ATOM   933  C  CB  . LEU A 1 133 ? 9.728   2.872   11.573  1.00 43.42  ? 208 LEU A CB  1 
ATOM   934  C  CG  . LEU A 1 133 ? 8.630   2.708   10.521  1.00 44.17  ? 208 LEU A CG  1 
ATOM   935  C  CD1 . LEU A 1 133 ? 9.192   2.123   9.246   1.00 42.17  ? 208 LEU A CD1 1 
ATOM   936  C  CD2 . LEU A 1 133 ? 7.533   1.821   11.095  1.00 43.57  ? 208 LEU A CD2 1 
ATOM   937  N  N   . SER A 1 134 ? 11.921  4.832   12.880  1.00 39.16  ? 209 SER A N   1 
ATOM   938  C  CA  . SER A 1 134 ? 12.241  6.115   13.498  1.00 38.53  ? 209 SER A CA  1 
ATOM   939  C  C   . SER A 1 134 ? 13.146  6.966   12.623  1.00 37.84  ? 209 SER A C   1 
ATOM   940  O  O   . SER A 1 134 ? 13.147  8.190   12.738  1.00 41.70  ? 209 SER A O   1 
ATOM   941  C  CB  . SER A 1 134 ? 12.904  5.911   14.870  1.00 42.55  ? 209 SER A CB  1 
ATOM   942  O  OG  . SER A 1 134 ? 13.973  4.980   14.784  1.00 45.02  ? 209 SER A OG  1 
ATOM   943  N  N   . GLU A 1 135 ? 13.944  6.334   11.766  1.00 38.02  ? 210 GLU A N   1 
ATOM   944  C  CA  . GLU A 1 135 ? 14.776  7.130   10.876  1.00 41.07  ? 210 GLU A CA  1 
ATOM   945  C  C   . GLU A 1 135 ? 13.887  8.006   10.002  1.00 40.44  ? 210 GLU A C   1 
ATOM   946  O  O   . GLU A 1 135 ? 14.253  9.128   9.678   1.00 36.87  ? 210 GLU A O   1 
ATOM   947  C  CB  . GLU A 1 135 ? 15.618  6.245   9.960   1.00 44.24  ? 210 GLU A CB  1 
ATOM   948  C  CG  . GLU A 1 135 ? 16.196  7.019   8.773   1.00 45.34  ? 210 GLU A CG  1 
ATOM   949  C  CD  . GLU A 1 135 ? 17.060  6.166   7.867   1.00 47.86  ? 210 GLU A CD  1 
ATOM   950  O  OE1 . GLU A 1 135 ? 17.041  4.921   8.008   1.00 52.87  ? 210 GLU A OE1 1 
ATOM   951  O  OE2 . GLU A 1 135 ? 17.753  6.739   7.000   1.00 52.36  ? 210 GLU A OE2 1 
ATOM   952  N  N   . PHE A 1 136 ? 12.712  7.494   9.628   1.00 41.32  ? 211 PHE A N   1 
ATOM   953  C  CA  . PHE A 1 136 ? 11.812  8.230   8.735   1.00 38.17  ? 211 PHE A CA  1 
ATOM   954  C  C   . PHE A 1 136 ? 10.628  8.936   9.383   1.00 37.60  ? 211 PHE A C   1 
ATOM   955  O  O   . PHE A 1 136 ? 10.143  9.914   8.831   1.00 38.86  ? 211 PHE A O   1 
ATOM   956  C  CB  . PHE A 1 136 ? 11.268  7.283   7.653   1.00 42.50  ? 211 PHE A CB  1 
ATOM   957  C  CG  . PHE A 1 136 ? 12.339  6.594   6.856   1.00 39.02  ? 211 PHE A CG  1 
ATOM   958  C  CD1 . PHE A 1 136 ? 12.990  7.257   5.823   1.00 38.51  ? 211 PHE A CD1 1 
ATOM   959  C  CD2 . PHE A 1 136 ? 12.743  5.303   7.185   1.00 38.71  ? 211 PHE A CD2 1 
ATOM   960  C  CE1 . PHE A 1 136 ? 14.041  6.640   5.129   1.00 38.86  ? 211 PHE A CE1 1 
ATOM   961  C  CE2 . PHE A 1 136 ? 13.785  4.684   6.502   1.00 40.01  ? 211 PHE A CE2 1 
ATOM   962  C  CZ  . PHE A 1 136 ? 14.435  5.356   5.474   1.00 40.01  ? 211 PHE A CZ  1 
ATOM   963  N  N   . TYR A 1 137 ? 10.165  8.447   10.536  1.00 34.65  ? 212 TYR A N   1 
ATOM   964  C  CA  . TYR A 1 137 ? 8.988   9.032   11.204  1.00 37.99  ? 212 TYR A CA  1 
ATOM   965  C  C   . TYR A 1 137 ? 9.164   9.621   12.602  1.00 41.10  ? 212 TYR A C   1 
ATOM   966  O  O   . TYR A 1 137 ? 9.963   9.141   13.396  1.00 40.24  ? 212 TYR A O   1 
ATOM   967  C  CB  . TYR A 1 137 ? 7.885   7.978   11.341  1.00 36.95  ? 212 TYR A CB  1 
ATOM   968  C  CG  . TYR A 1 137 ? 7.310   7.450   10.038  1.00 32.43  ? 212 TYR A CG  1 
ATOM   969  C  CD1 . TYR A 1 137 ? 7.700   6.217   9.529   1.00 33.82  ? 212 TYR A CD1 1 
ATOM   970  C  CD2 . TYR A 1 137 ? 6.346   8.177   9.344   1.00 34.86  ? 212 TYR A CD2 1 
ATOM   971  C  CE1 . TYR A 1 137 ? 7.134   5.714   8.347   1.00 36.22  ? 212 TYR A CE1 1 
ATOM   972  C  CE2 . TYR A 1 137 ? 5.781   7.692   8.168   1.00 34.18  ? 212 TYR A CE2 1 
ATOM   973  C  CZ  . TYR A 1 137 ? 6.176   6.461   7.678   1.00 38.47  ? 212 TYR A CZ  1 
ATOM   974  O  OH  . TYR A 1 137 ? 5.604   5.982   6.515   1.00 36.58  ? 212 TYR A OH  1 
ATOM   975  N  N   . GLU A 1 138 ? 8.351   10.623  12.906  1.00 43.15  ? 213 GLU A N   1 
ATOM   976  C  CA  . GLU A 1 138 ? 8.340   11.243  14.224  1.00 44.02  ? 213 GLU A CA  1 
ATOM   977  C  C   . GLU A 1 138 ? 7.776   10.175  15.172  1.00 48.99  ? 213 GLU A C   1 
ATOM   978  O  O   . GLU A 1 138 ? 7.132   9.204   14.731  1.00 45.20  ? 213 GLU A O   1 
ATOM   979  C  CB  . GLU A 1 138 ? 7.423   12.475  14.231  1.00 44.33  ? 213 GLU A CB  1 
ATOM   980  C  CG  . GLU A 1 138 ? 7.737   13.514  13.143  1.00 49.61  ? 213 GLU A CG  1 
ATOM   981  C  CD  . GLU A 1 138 ? 9.006   14.318  13.403  1.00 58.88  ? 213 GLU A CD  1 
ATOM   982  O  OE1 . GLU A 1 138 ? 9.963   13.778  14.005  1.00 62.08  ? 213 GLU A OE1 1 
ATOM   983  O  OE2 . GLU A 1 138 ? 9.053   15.498  12.987  1.00 57.05  ? 213 GLU A OE2 1 
ATOM   984  N  N   . VAL A 1 139 ? 8.020   10.344  16.470  1.00 44.70  ? 214 VAL A N   1 
ATOM   985  C  CA  . VAL A 1 139 ? 7.543   9.389   17.469  1.00 41.97  ? 214 VAL A CA  1 
ATOM   986  C  C   . VAL A 1 139 ? 6.007   9.286   17.489  1.00 34.19  ? 214 VAL A C   1 
ATOM   987  O  O   . VAL A 1 139 ? 5.452   8.242   17.816  1.00 35.10  ? 214 VAL A O   1 
ATOM   988  C  CB  . VAL A 1 139 ? 8.063   9.791   18.887  1.00 45.81  ? 214 VAL A CB  1 
ATOM   989  C  CG1 . VAL A 1 139 ? 7.549   11.185  19.250  1.00 42.86  ? 214 VAL A CG1 1 
ATOM   990  C  CG2 . VAL A 1 139 ? 7.626   8.763   19.929  1.00 44.42  ? 214 VAL A CG2 1 
ATOM   991  N  N   . ASN A 1 140 ? 5.316   10.366  17.149  1.00 35.85  ? 215 ASN A N   1 
ATOM   992  C  CA  . ASN A 1 140 ? 3.851   10.311  17.151  1.00 43.59  ? 215 ASN A CA  1 
ATOM   993  C  C   . ASN A 1 140 ? 3.217   10.198  15.743  1.00 44.27  ? 215 ASN A C   1 
ATOM   994  O  O   . ASN A 1 140 ? 2.091   10.671  15.507  1.00 39.87  ? 215 ASN A O   1 
ATOM   995  C  CB  . ASN A 1 140 ? 3.278   11.521  17.893  1.00 43.28  ? 215 ASN A CB  1 
ATOM   996  C  CG  . ASN A 1 140 ? 3.870   12.829  17.419  1.00 55.80  ? 215 ASN A CG  1 
ATOM   997  O  OD1 . ASN A 1 140 ? 4.649   12.869  16.456  1.00 59.34  ? 215 ASN A OD1 1 
ATOM   998  N  ND2 . ASN A 1 140 ? 3.504   13.919  18.096  1.00 57.01  ? 215 ASN A ND2 1 
ATOM   999  N  N   . ALA A 1 141 ? 3.941   9.566   14.818  1.00 41.65  ? 216 ALA A N   1 
ATOM   1000 C  CA  . ALA A 1 141 ? 3.435   9.376   13.456  1.00 38.28  ? 216 ALA A CA  1 
ATOM   1001 C  C   . ALA A 1 141 ? 2.485   8.183   13.428  1.00 34.46  ? 216 ALA A C   1 
ATOM   1002 O  O   . ALA A 1 141 ? 2.640   7.230   14.195  1.00 32.81  ? 216 ALA A O   1 
ATOM   1003 C  CB  . ALA A 1 141 ? 4.595   9.136   12.490  1.00 38.65  ? 216 ALA A CB  1 
ATOM   1004 N  N   . LEU A 1 142 ? 1.510   8.212   12.527  1.00 35.99  ? 217 LEU A N   1 
ATOM   1005 C  CA  . LEU A 1 142 ? 0.579   7.096   12.446  1.00 34.10  ? 217 LEU A CA  1 
ATOM   1006 C  C   . LEU A 1 142 ? 1.309   5.763   12.403  1.00 30.38  ? 217 LEU A C   1 
ATOM   1007 O  O   . LEU A 1 142 ? 0.992   4.862   13.168  1.00 30.40  ? 217 LEU A O   1 
ATOM   1008 C  CB  . LEU A 1 142 ? -0.344  7.248   11.237  1.00 34.56  ? 217 LEU A CB  1 
ATOM   1009 C  CG  . LEU A 1 142 ? -1.363  6.131   10.992  1.00 38.56  ? 217 LEU A CG  1 
ATOM   1010 C  CD1 . LEU A 1 142 ? -2.574  6.714   10.266  1.00 37.47  ? 217 LEU A CD1 1 
ATOM   1011 C  CD2 . LEU A 1 142 ? -0.718  5.011   10.180  1.00 34.23  ? 217 LEU A CD2 1 
HETATM 1012 N  N   . MSE A 1 143 ? 2.309   5.638   11.533  1.00 34.67  ? 218 MSE A N   1 
HETATM 1013 C  CA  . MSE A 1 143 ? 3.054   4.381   11.400  1.00 31.89  ? 218 MSE A CA  1 
HETATM 1014 C  C   . MSE A 1 143 ? 3.877   4.029   12.645  1.00 33.45  ? 218 MSE A C   1 
HETATM 1015 O  O   . MSE A 1 143 ? 4.364   2.898   12.791  1.00 36.14  ? 218 MSE A O   1 
HETATM 1016 C  CB  . MSE A 1 143 ? 3.978   4.448   10.174  1.00 36.09  ? 218 MSE A CB  1 
HETATM 1017 C  CG  . MSE A 1 143 ? 3.256   4.372   8.827   1.00 32.46  ? 218 MSE A CG  1 
HETATM 1018 SE SE  . MSE A 1 143 ? 2.344   2.672   8.609   1.00 37.10  ? 218 MSE A SE  1 
HETATM 1019 C  CE  . MSE A 1 143 ? 3.858   1.555   8.405   1.00 28.48  ? 218 MSE A CE  1 
HETATM 1020 N  N   . MSE A 1 144 ? 4.050   5.000   13.535  1.00 36.68  ? 219 MSE A N   1 
HETATM 1021 C  CA  . MSE A 1 144 ? 4.807   4.755   14.760  1.00 41.92  ? 219 MSE A CA  1 
HETATM 1022 C  C   . MSE A 1 144 ? 3.848   4.463   15.918  1.00 42.58  ? 219 MSE A C   1 
HETATM 1023 O  O   . MSE A 1 144 ? 4.275   4.026   16.986  1.00 44.79  ? 219 MSE A O   1 
HETATM 1024 C  CB  . MSE A 1 144 ? 5.680   5.978   15.110  1.00 40.36  ? 219 MSE A CB  1 
HETATM 1025 C  CG  . MSE A 1 144 ? 6.873   6.214   14.176  1.00 34.24  ? 219 MSE A CG  1 
HETATM 1026 SE SE  . MSE A 1 144 ? 8.212   4.831   14.285  1.00 47.77  ? 219 MSE A SE  1 
HETATM 1027 C  CE  . MSE A 1 144 ? 9.211   5.498   15.801  1.00 53.04  ? 219 MSE A CE  1 
ATOM   1028 N  N   . GLU A 1 145 ? 2.555   4.687   15.697  1.00 37.88  ? 220 GLU A N   1 
ATOM   1029 C  CA  . GLU A 1 145 ? 1.553   4.504   16.746  1.00 37.06  ? 220 GLU A CA  1 
ATOM   1030 C  C   . GLU A 1 145 ? 0.595   3.334   16.565  1.00 40.21  ? 220 GLU A C   1 
ATOM   1031 O  O   . GLU A 1 145 ? 0.720   2.537   15.635  1.00 38.10  ? 220 GLU A O   1 
ATOM   1032 C  CB  . GLU A 1 145 ? 0.752   5.790   16.903  1.00 39.37  ? 220 GLU A CB  1 
ATOM   1033 C  CG  . GLU A 1 145 ? 1.607   6.983   17.254  1.00 46.87  ? 220 GLU A CG  1 
ATOM   1034 C  CD  . GLU A 1 145 ? 1.875   7.079   18.747  1.00 58.34  ? 220 GLU A CD  1 
ATOM   1035 O  OE1 . GLU A 1 145 ? 1.879   6.027   19.429  1.00 57.68  ? 220 GLU A OE1 1 
ATOM   1036 O  OE2 . GLU A 1 145 ? 2.085   8.206   19.238  1.00 58.66  ? 220 GLU A OE2 1 
ATOM   1037 N  N   . GLU A 1 146 ? -0.382  3.253   17.461  1.00 36.55  ? 221 GLU A N   1 
ATOM   1038 C  CA  . GLU A 1 146 ? -1.347  2.164   17.439  1.00 40.20  ? 221 GLU A CA  1 
ATOM   1039 C  C   . GLU A 1 146 ? -2.197  2.127   16.171  1.00 31.60  ? 221 GLU A C   1 
ATOM   1040 O  O   . GLU A 1 146 ? -2.574  1.057   15.727  1.00 31.39  ? 221 GLU A O   1 
ATOM   1041 C  CB  . GLU A 1 146 ? -2.277  2.234   18.660  1.00 40.38  ? 221 GLU A CB  1 
ATOM   1042 C  CG  . GLU A 1 146 ? -2.980  0.914   18.955  1.00 53.66  ? 221 GLU A CG  1 
ATOM   1043 C  CD  . GLU A 1 146 ? -4.104  1.057   19.970  1.00 66.20  ? 221 GLU A CD  1 
ATOM   1044 O  OE1 . GLU A 1 146 ? -3.935  1.830   20.946  1.00 68.04  ? 221 GLU A OE1 1 
ATOM   1045 O  OE2 . GLU A 1 146 ? -5.154  0.387   19.796  1.00 70.27  ? 221 GLU A OE2 1 
ATOM   1046 N  N   . GLU A 1 147 ? -2.524  3.287   15.619  1.00 32.90  ? 222 GLU A N   1 
ATOM   1047 C  CA  . GLU A 1 147 ? -3.335  3.322   14.404  1.00 36.11  ? 222 GLU A CA  1 
ATOM   1048 C  C   . GLU A 1 147 ? -2.649  2.555   13.274  1.00 34.63  ? 222 GLU A C   1 
ATOM   1049 O  O   . GLU A 1 147 ? -3.291  1.805   12.548  1.00 32.59  ? 222 GLU A O   1 
ATOM   1050 C  CB  . GLU A 1 147 ? -3.605  4.759   13.985  1.00 34.07  ? 222 GLU A CB  1 
ATOM   1051 C  CG  . GLU A 1 147 ? -4.560  5.450   14.930  1.00 41.55  ? 222 GLU A CG  1 
ATOM   1052 C  CD  . GLU A 1 147 ? -3.856  6.081   16.136  1.00 48.21  ? 222 GLU A CD  1 
ATOM   1053 O  OE1 . GLU A 1 147 ? -2.875  5.497   16.652  1.00 45.75  ? 222 GLU A OE1 1 
ATOM   1054 O  OE2 . GLU A 1 147 ? -4.302  7.163   16.566  1.00 49.12  ? 222 GLU A OE2 1 
ATOM   1055 N  N   . GLY A 1 148 ? -1.338  2.738   13.146  1.00 35.03  ? 223 GLY A N   1 
ATOM   1056 C  CA  . GLY A 1 148 ? -0.589  2.029   12.126  1.00 32.63  ? 223 GLY A CA  1 
ATOM   1057 C  C   . GLY A 1 148 ? -0.733  0.531   12.259  1.00 35.72  ? 223 GLY A C   1 
ATOM   1058 O  O   . GLY A 1 148 ? -0.888  -0.166  11.253  1.00 30.48  ? 223 GLY A O   1 
ATOM   1059 N  N   . ALA A 1 149 ? -0.701  0.016   13.490  1.00 31.93  ? 224 ALA A N   1 
ATOM   1060 C  CA  . ALA A 1 149 ? -0.819  -1.426  13.690  1.00 32.13  ? 224 ALA A CA  1 
ATOM   1061 C  C   . ALA A 1 149 ? -2.217  -1.960  13.371  1.00 25.86  ? 224 ALA A C   1 
ATOM   1062 O  O   . ALA A 1 149 ? -2.347  -3.094  12.909  1.00 32.17  ? 224 ALA A O   1 
ATOM   1063 C  CB  . ALA A 1 149 ? -0.429  -1.807  15.129  1.00 35.21  ? 224 ALA A CB  1 
ATOM   1064 N  N   . ILE A 1 150 ? -3.248  -1.157  13.632  1.00 26.48  ? 225 ILE A N   1 
ATOM   1065 C  CA  . ILE A 1 150 ? -4.628  -1.554  13.356  1.00 25.18  ? 225 ILE A CA  1 
ATOM   1066 C  C   . ILE A 1 150 ? -4.796  -1.606  11.827  1.00 26.18  ? 225 ILE A C   1 
ATOM   1067 O  O   . ILE A 1 150 ? -5.389  -2.522  11.285  1.00 23.59  ? 225 ILE A O   1 
ATOM   1068 C  CB  . ILE A 1 150 ? -5.661  -0.527  13.884  1.00 29.59  ? 225 ILE A CB  1 
ATOM   1069 C  CG1 . ILE A 1 150 ? -5.623  -0.422  15.422  1.00 36.99  ? 225 ILE A CG1 1 
ATOM   1070 C  CG2 . ILE A 1 150 ? -7.064  -0.928  13.425  1.00 29.68  ? 225 ILE A CG2 1 
ATOM   1071 C  CD1 . ILE A 1 150 ? -5.724  -1.730  16.137  1.00 31.63  ? 225 ILE A CD1 1 
ATOM   1072 N  N   . ILE A 1 151 ? -4.281  -0.591  11.149  1.00 29.13  ? 226 ILE A N   1 
ATOM   1073 C  CA  . ILE A 1 151 ? -4.381  -0.553  9.694   1.00 27.16  ? 226 ILE A CA  1 
ATOM   1074 C  C   . ILE A 1 151 ? -3.712  -1.792  9.074   1.00 21.67  ? 226 ILE A C   1 
ATOM   1075 O  O   . ILE A 1 151 ? -4.300  -2.454  8.219   1.00 25.88  ? 226 ILE A O   1 
ATOM   1076 C  CB  . ILE A 1 151 ? -3.779  0.760   9.184   1.00 25.00  ? 226 ILE A CB  1 
ATOM   1077 C  CG1 . ILE A 1 151 ? -4.756  1.892   9.524   1.00 29.08  ? 226 ILE A CG1 1 
ATOM   1078 C  CG2 . ILE A 1 151 ? -3.486  0.695   7.664   1.00 24.46  ? 226 ILE A CG2 1 
ATOM   1079 C  CD1 . ILE A 1 151 ? -4.152  3.283   9.319   1.00 30.78  ? 226 ILE A CD1 1 
ATOM   1080 N  N   . ALA A 1 152 ? -2.510  -2.140  9.524   1.00 25.07  ? 227 ALA A N   1 
ATOM   1081 C  CA  . ALA A 1 152 ? -1.828  -3.328  8.992   1.00 28.06  ? 227 ALA A CA  1 
ATOM   1082 C  C   . ALA A 1 152 ? -2.680  -4.588  9.157   1.00 28.62  ? 227 ALA A C   1 
ATOM   1083 O  O   . ALA A 1 152 ? -2.669  -5.469  8.282   1.00 22.81  ? 227 ALA A O   1 
ATOM   1084 C  CB  . ALA A 1 152 ? -0.479  -3.519  9.672   1.00 25.12  ? 227 ALA A CB  1 
ATOM   1085 N  N   . GLY A 1 153 ? -3.407  -4.683  10.280  1.00 24.41  ? 228 GLY A N   1 
ATOM   1086 C  CA  . GLY A 1 153 ? -4.267  -5.842  10.492  1.00 25.83  ? 228 GLY A CA  1 
ATOM   1087 C  C   . GLY A 1 153 ? -5.488  -5.772  9.577   1.00 22.29  ? 228 GLY A C   1 
ATOM   1088 O  O   . GLY A 1 153 ? -5.922  -6.772  8.998   1.00 19.67  ? 228 GLY A O   1 
ATOM   1089 N  N   . LEU A 1 154 ? -6.053  -4.585  9.434   1.00 18.58  ? 229 LEU A N   1 
ATOM   1090 C  CA  . LEU A 1 154 ? -7.211  -4.434  8.559   1.00 22.04  ? 229 LEU A CA  1 
ATOM   1091 C  C   . LEU A 1 154 ? -6.875  -4.717  7.082   1.00 24.94  ? 229 LEU A C   1 
ATOM   1092 O  O   . LEU A 1 154 ? -7.754  -5.100  6.311   1.00 25.72  ? 229 LEU A O   1 
ATOM   1093 C  CB  . LEU A 1 154 ? -7.770  -3.028  8.691   1.00 19.74  ? 229 LEU A CB  1 
ATOM   1094 C  CG  . LEU A 1 154 ? -8.415  -2.648  10.026  1.00 25.33  ? 229 LEU A CG  1 
ATOM   1095 C  CD1 . LEU A 1 154 ? -8.729  -1.178  9.977   1.00 23.82  ? 229 LEU A CD1 1 
ATOM   1096 C  CD2 . LEU A 1 154 ? -9.693  -3.492  10.291  1.00 17.69  ? 229 LEU A CD2 1 
ATOM   1097 N  N   . LEU A 1 155 ? -5.611  -4.529  6.695   1.00 24.19  ? 230 LEU A N   1 
ATOM   1098 C  CA  . LEU A 1 155 ? -5.178  -4.794  5.314   1.00 23.20  ? 230 LEU A CA  1 
ATOM   1099 C  C   . LEU A 1 155 ? -5.240  -6.278  4.931   1.00 28.52  ? 230 LEU A C   1 
ATOM   1100 O  O   . LEU A 1 155 ? -5.250  -6.625  3.738   1.00 25.10  ? 230 LEU A O   1 
ATOM   1101 C  CB  . LEU A 1 155 ? -3.762  -4.281  5.115   1.00 22.13  ? 230 LEU A CB  1 
ATOM   1102 C  CG  . LEU A 1 155 ? -3.596  -2.766  5.083   1.00 19.54  ? 230 LEU A CG  1 
ATOM   1103 C  CD1 . LEU A 1 155 ? -2.119  -2.418  4.947   1.00 20.41  ? 230 LEU A CD1 1 
ATOM   1104 C  CD2 . LEU A 1 155 ? -4.403  -2.199  3.948   1.00 24.22  ? 230 LEU A CD2 1 
ATOM   1105 N  N   . VAL A 1 156 ? -5.303  -7.167  5.927   1.00 21.70  ? 231 VAL A N   1 
ATOM   1106 C  CA  . VAL A 1 156 ? -5.344  -8.585  5.620   1.00 18.13  ? 231 VAL A CA  1 
ATOM   1107 C  C   . VAL A 1 156 ? -6.589  -8.898  4.802   1.00 18.91  ? 231 VAL A C   1 
ATOM   1108 O  O   . VAL A 1 156 ? -6.582  -9.778  3.951   1.00 19.84  ? 231 VAL A O   1 
ATOM   1109 C  CB  . VAL A 1 156 ? -5.304  -9.442  6.921   1.00 24.17  ? 231 VAL A CB  1 
ATOM   1110 C  CG1 . VAL A 1 156 ? -5.599  -10.882 6.616   1.00 22.97  ? 231 VAL A CG1 1 
ATOM   1111 C  CG2 . VAL A 1 156 ? -3.923  -9.350  7.559   1.00 24.62  ? 231 VAL A CG2 1 
ATOM   1112 N  N   . GLY A 1 157 ? -7.672  -8.181  5.062   1.00 22.91  ? 232 GLY A N   1 
ATOM   1113 C  CA  . GLY A 1 157 ? -8.876  -8.433  4.296   1.00 19.92  ? 232 GLY A CA  1 
ATOM   1114 C  C   . GLY A 1 157 ? -8.711  -8.147  2.794   1.00 23.00  ? 232 GLY A C   1 
ATOM   1115 O  O   . GLY A 1 157 ? -9.469  -8.682  1.977   1.00 21.15  ? 232 GLY A O   1 
ATOM   1116 N  N   . LEU A 1 158 ? -7.763  -7.279  2.433   1.00 21.60  ? 233 LEU A N   1 
ATOM   1117 C  CA  . LEU A 1 158 ? -7.525  -6.965  1.025   1.00 25.82  ? 233 LEU A CA  1 
ATOM   1118 C  C   . LEU A 1 158 ? -6.880  -8.127  0.279   1.00 27.34  ? 233 LEU A C   1 
ATOM   1119 O  O   . LEU A 1 158 ? -6.787  -8.094  -0.940  1.00 26.80  ? 233 LEU A O   1 
ATOM   1120 C  CB  . LEU A 1 158 ? -6.635  -5.718  0.871   1.00 20.58  ? 233 LEU A CB  1 
ATOM   1121 C  CG  . LEU A 1 158 ? -7.288  -4.425  1.391   1.00 21.81  ? 233 LEU A CG  1 
ATOM   1122 C  CD1 . LEU A 1 158 ? -6.401  -3.235  1.060   1.00 22.71  ? 233 LEU A CD1 1 
ATOM   1123 C  CD2 . LEU A 1 158 ? -8.673  -4.262  0.784   1.00 23.25  ? 233 LEU A CD2 1 
ATOM   1124 N  N   . ASN A 1 159 ? -6.424  -9.152  1.003   1.00 23.95  ? 234 ASN A N   1 
ATOM   1125 C  CA  . ASN A 1 159 ? -5.832  -10.299 0.332   1.00 25.33  ? 234 ASN A CA  1 
ATOM   1126 C  C   . ASN A 1 159 ? -6.834  -10.999 -0.581  1.00 22.91  ? 234 ASN A C   1 
ATOM   1127 O  O   . ASN A 1 159 ? -6.447  -11.826 -1.409  1.00 29.44  ? 234 ASN A O   1 
ATOM   1128 C  CB  . ASN A 1 159 ? -5.283  -11.304 1.342   1.00 23.91  ? 234 ASN A CB  1 
ATOM   1129 C  CG  . ASN A 1 159 ? -4.048  -10.791 2.041   1.00 30.74  ? 234 ASN A CG  1 
ATOM   1130 O  OD1 . ASN A 1 159 ? -3.450  -9.796  1.622   1.00 31.73  ? 234 ASN A OD1 1 
ATOM   1131 N  ND2 . ASN A 1 159 ? -3.647  -11.471 3.099   1.00 28.27  ? 234 ASN A ND2 1 
ATOM   1132 N  N   . VAL A 1 160 ? -8.115  -10.679 -0.433  1.00 23.14  ? 235 VAL A N   1 
ATOM   1133 C  CA  . VAL A 1 160 ? -9.130  -11.291 -1.272  1.00 23.42  ? 235 VAL A CA  1 
ATOM   1134 C  C   . VAL A 1 160 ? -9.241  -10.544 -2.608  1.00 27.09  ? 235 VAL A C   1 
ATOM   1135 O  O   . VAL A 1 160 ? -9.864  -11.033 -3.549  1.00 25.13  ? 235 VAL A O   1 
ATOM   1136 C  CB  . VAL A 1 160 ? -10.509 -11.259 -0.616  1.00 27.42  ? 235 VAL A CB  1 
ATOM   1137 C  CG1 . VAL A 1 160 ? -11.087 -9.835  -0.644  1.00 25.63  ? 235 VAL A CG1 1 
ATOM   1138 C  CG2 . VAL A 1 160 ? -11.445 -12.238 -1.350  1.00 24.84  ? 235 VAL A CG2 1 
ATOM   1139 N  N   . ILE A 1 161 ? -8.633  -9.366  -2.693  1.00 25.76  ? 236 ILE A N   1 
ATOM   1140 C  CA  . ILE A 1 161 ? -8.717  -8.554  -3.912  1.00 28.41  ? 236 ILE A CA  1 
ATOM   1141 C  C   . ILE A 1 161 ? -7.913  -9.109  -5.084  1.00 26.22  ? 236 ILE A C   1 
ATOM   1142 O  O   . ILE A 1 161 ? -6.739  -9.431  -4.930  1.00 26.27  ? 236 ILE A O   1 
ATOM   1143 C  CB  . ILE A 1 161 ? -8.205  -7.123  -3.672  1.00 25.71  ? 236 ILE A CB  1 
ATOM   1144 C  CG1 . ILE A 1 161 ? -9.033  -6.443  -2.558  1.00 25.53  ? 236 ILE A CG1 1 
ATOM   1145 C  CG2 . ILE A 1 161 ? -8.276  -6.312  -4.969  1.00 25.22  ? 236 ILE A CG2 1 
ATOM   1146 C  CD1 . ILE A 1 161 ? -10.510 -6.268  -2.862  1.00 19.73  ? 236 ILE A CD1 1 
ATOM   1147 N  N   . ASP A 1 162 ? -8.564  -9.209  -6.242  1.00 24.90  ? 237 ASP A N   1 
ATOM   1148 C  CA  . ASP A 1 162 ? -7.920  -9.649  -7.483  1.00 26.10  ? 237 ASP A CA  1 
ATOM   1149 C  C   . ASP A 1 162 ? -7.797  -8.374  -8.345  1.00 20.38  ? 237 ASP A C   1 
ATOM   1150 O  O   . ASP A 1 162 ? -8.785  -7.857  -8.848  1.00 21.79  ? 237 ASP A O   1 
ATOM   1151 C  CB  . ASP A 1 162 ? -8.779  -10.691 -8.191  1.00 30.83  ? 237 ASP A CB  1 
ATOM   1152 C  CG  . ASP A 1 162 ? -8.269  -11.009 -9.594  1.00 42.17  ? 237 ASP A CG  1 
ATOM   1153 O  OD1 . ASP A 1 162 ? -7.033  -11.007 -9.795  1.00 43.82  ? 237 ASP A OD1 1 
ATOM   1154 O  OD2 . ASP A 1 162 ? -9.105  -11.263 -10.494 1.00 48.91  ? 237 ASP A OD2 1 
ATOM   1155 N  N   . ALA A 1 163 ? -6.576  -7.873  -8.460  1.00 20.84  ? 238 ALA A N   1 
ATOM   1156 C  CA  . ALA A 1 163 ? -6.287  -6.643  -9.209  1.00 24.59  ? 238 ALA A CA  1 
ATOM   1157 C  C   . ALA A 1 163 ? -5.159  -6.903  -10.219 1.00 24.91  ? 238 ALA A C   1 
ATOM   1158 O  O   . ALA A 1 163 ? -4.253  -7.692  -9.961  1.00 25.64  ? 238 ALA A O   1 
ATOM   1159 C  CB  . ALA A 1 163 ? -5.848  -5.510  -8.212  1.00 21.35  ? 238 ALA A CB  1 
ATOM   1160 N  N   . ASN A 1 164 ? -5.210  -6.233  -11.365 1.00 25.95  ? 239 ASN A N   1 
ATOM   1161 C  CA  . ASN A 1 164 ? -4.140  -6.402  -12.357 1.00 25.75  ? 239 ASN A CA  1 
ATOM   1162 C  C   . ASN A 1 164 ? -3.996  -5.041  -13.007 1.00 24.26  ? 239 ASN A C   1 
ATOM   1163 O  O   . ASN A 1 164 ? -4.946  -4.538  -13.610 1.00 25.57  ? 239 ASN A O   1 
ATOM   1164 C  CB  . ASN A 1 164 ? -4.505  -7.480  -13.407 1.00 24.36  ? 239 ASN A CB  1 
ATOM   1165 C  CG  . ASN A 1 164 ? -3.371  -7.712  -14.427 1.00 30.35  ? 239 ASN A CG  1 
ATOM   1166 O  OD1 . ASN A 1 164 ? -2.434  -6.914  -14.521 1.00 29.13  ? 239 ASN A OD1 1 
ATOM   1167 N  ND2 . ASN A 1 164 ? -3.466  -8.805  -15.197 1.00 31.73  ? 239 ASN A ND2 1 
ATOM   1168 N  N   . PHE A 1 165 ? -2.837  -4.409  -12.827 1.00 27.64  ? 240 PHE A N   1 
ATOM   1169 C  CA  . PHE A 1 165 ? -2.609  -3.072  -13.403 1.00 30.42  ? 240 PHE A CA  1 
ATOM   1170 C  C   . PHE A 1 165 ? -1.871  -3.139  -14.744 1.00 34.72  ? 240 PHE A C   1 
ATOM   1171 O  O   . PHE A 1 165 ? -1.502  -2.113  -15.322 1.00 35.98  ? 240 PHE A O   1 
ATOM   1172 C  CB  . PHE A 1 165 ? -1.828  -2.203  -12.409 1.00 29.99  ? 240 PHE A CB  1 
ATOM   1173 C  CG  . PHE A 1 165 ? -2.549  -2.025  -11.090 1.00 28.27  ? 240 PHE A CG  1 
ATOM   1174 C  CD1 . PHE A 1 165 ? -2.091  -2.659  -9.944  1.00 30.82  ? 240 PHE A CD1 1 
ATOM   1175 C  CD2 . PHE A 1 165 ? -3.750  -1.323  -11.034 1.00 25.54  ? 240 PHE A CD2 1 
ATOM   1176 C  CE1 . PHE A 1 165 ? -2.823  -2.604  -8.752  1.00 29.76  ? 240 PHE A CE1 1 
ATOM   1177 C  CE2 . PHE A 1 165 ? -4.493  -1.261  -9.848  1.00 31.06  ? 240 PHE A CE2 1 
ATOM   1178 C  CZ  . PHE A 1 165 ? -4.027  -1.908  -8.701  1.00 21.07  ? 240 PHE A CZ  1 
ATOM   1179 N  N   . CYS A 1 166 ? -1.676  -4.355  -15.232 1.00 34.27  ? 241 CYS A N   1 
ATOM   1180 C  CA  . CYS A 1 166 ? -0.977  -4.557  -16.492 1.00 40.20  ? 241 CYS A CA  1 
ATOM   1181 C  C   . CYS A 1 166 ? -1.884  -5.297  -17.485 1.00 37.44  ? 241 CYS A C   1 
ATOM   1182 O  O   . CYS A 1 166 ? -3.117  -5.200  -17.389 1.00 32.80  ? 241 CYS A O   1 
ATOM   1183 C  CB  . CYS A 1 166 ? 0.324   -5.297  -16.192 1.00 41.50  ? 241 CYS A CB  1 
ATOM   1184 S  SG  . CYS A 1 166 ? 1.307   -4.399  -14.905 1.00 60.02  ? 241 CYS A SG  1 
HETATM 1185 N  N   . MSE A 1 167 ? -1.303  -6.018  -18.438 1.00 34.31  ? 242 MSE A N   1 
HETATM 1186 C  CA  . MSE A 1 167 ? -2.123  -6.724  -19.422 1.00 33.69  ? 242 MSE A CA  1 
HETATM 1187 C  C   . MSE A 1 167 ? -2.883  -7.877  -18.802 1.00 30.32  ? 242 MSE A C   1 
HETATM 1188 O  O   . MSE A 1 167 ? -2.313  -8.668  -18.026 1.00 32.64  ? 242 MSE A O   1 
HETATM 1189 C  CB  . MSE A 1 167 ? -1.270  -7.277  -20.572 1.00 33.34  ? 242 MSE A CB  1 
HETATM 1190 C  CG  . MSE A 1 167 ? -0.553  -6.240  -21.415 1.00 43.42  ? 242 MSE A CG  1 
HETATM 1191 SE SE  . MSE A 1 167 ? 0.197   -7.084  -23.029 1.00 52.72  ? 242 MSE A SE  1 
HETATM 1192 C  CE  . MSE A 1 167 ? 1.721   -7.915  -22.221 1.00 38.72  ? 242 MSE A CE  1 
ATOM   1193 N  N   . LYS A 1 168 ? -4.164  -7.982  -19.140 1.00 26.72  ? 243 LYS A N   1 
ATOM   1194 C  CA  . LYS A 1 168 ? -4.970  -9.081  -18.613 1.00 30.72  ? 243 LYS A CA  1 
ATOM   1195 C  C   . LYS A 1 168 ? -5.033  -10.179 -19.657 1.00 31.23  ? 243 LYS A C   1 
ATOM   1196 O  O   . LYS A 1 168 ? -5.374  -9.918  -20.802 1.00 27.77  ? 243 LYS A O   1 
ATOM   1197 C  CB  . LYS A 1 168 ? -6.405  -8.630  -18.294 1.00 30.28  ? 243 LYS A CB  1 
ATOM   1198 C  CG  . LYS A 1 168 ? -6.526  -7.495  -17.296 1.00 34.78  ? 243 LYS A CG  1 
ATOM   1199 C  CD  . LYS A 1 168 ? -7.997  -7.222  -17.003 1.00 33.06  ? 243 LYS A CD  1 
ATOM   1200 C  CE  . LYS A 1 168 ? -8.196  -5.982  -16.167 1.00 37.67  ? 243 LYS A CE  1 
ATOM   1201 N  NZ  . LYS A 1 168 ? -7.915  -4.736  -16.928 1.00 35.71  ? 243 LYS A NZ  1 
ATOM   1202 N  N   . GLY A 1 169 ? -4.728  -11.410 -19.258 1.00 28.67  ? 244 GLY A N   1 
ATOM   1203 C  CA  . GLY A 1 169 ? -4.775  -12.517 -20.188 1.00 30.90  ? 244 GLY A CA  1 
ATOM   1204 C  C   . GLY A 1 169 ? -6.154  -12.709 -20.776 1.00 34.12  ? 244 GLY A C   1 
ATOM   1205 O  O   . GLY A 1 169 ? -6.295  -13.113 -21.936 1.00 35.44  ? 244 GLY A O   1 
ATOM   1206 N  N   . GLU A 1 170 ? -7.189  -12.417 -20.000 1.00 30.10  ? 245 GLU A N   1 
ATOM   1207 C  CA  . GLU A 1 170 ? -8.540  -12.582 -20.520 1.00 32.94  ? 245 GLU A CA  1 
ATOM   1208 C  C   . GLU A 1 170 ? -8.863  -11.642 -21.700 1.00 28.88  ? 245 GLU A C   1 
ATOM   1209 O  O   . GLU A 1 170 ? -9.784  -11.909 -22.468 1.00 31.01  ? 245 GLU A O   1 
ATOM   1210 C  CB  . GLU A 1 170 ? -9.569  -12.382 -19.398 1.00 28.88  ? 245 GLU A CB  1 
ATOM   1211 C  CG  . GLU A 1 170 ? -9.719  -10.952 -18.949 1.00 35.81  ? 245 GLU A CG  1 
ATOM   1212 C  CD  . GLU A 1 170 ? -10.720 -10.800 -17.816 1.00 47.74  ? 245 GLU A CD  1 
ATOM   1213 O  OE1 . GLU A 1 170 ? -11.024 -9.650  -17.421 1.00 47.52  ? 245 GLU A OE1 1 
ATOM   1214 O  OE2 . GLU A 1 170 ? -11.200 -11.844 -17.321 1.00 51.78  ? 245 GLU A OE2 1 
ATOM   1215 N  N   . ASP A 1 171 ? -8.126  -10.540 -21.850 1.00 28.29  ? 246 ASP A N   1 
ATOM   1216 C  CA  . ASP A 1 171 ? -8.391  -9.624  -22.968 1.00 24.78  ? 246 ASP A CA  1 
ATOM   1217 C  C   . ASP A 1 171 ? -7.698  -10.077 -24.256 1.00 24.20  ? 246 ASP A C   1 
ATOM   1218 O  O   . ASP A 1 171 ? -8.001  -9.589  -25.337 1.00 24.17  ? 246 ASP A O   1 
ATOM   1219 C  CB  . ASP A 1 171 ? -7.901  -8.207  -22.648 1.00 24.68  ? 246 ASP A CB  1 
ATOM   1220 C  CG  . ASP A 1 171 ? -8.868  -7.429  -21.777 1.00 32.20  ? 246 ASP A CG  1 
ATOM   1221 O  OD1 . ASP A 1 171 ? -10.103 -7.599  -21.918 1.00 34.05  ? 246 ASP A OD1 1 
ATOM   1222 O  OD2 . ASP A 1 171 ? -8.386  -6.624  -20.955 1.00 34.93  ? 246 ASP A OD2 1 
ATOM   1223 N  N   . LEU A 1 172 ? -6.761  -11.006 -24.130 1.00 22.23  ? 247 LEU A N   1 
ATOM   1224 C  CA  . LEU A 1 172 ? -5.989  -11.472 -25.288 1.00 26.99  ? 247 LEU A CA  1 
ATOM   1225 C  C   . LEU A 1 172 ? -6.423  -12.846 -25.800 1.00 32.29  ? 247 LEU A C   1 
ATOM   1226 O  O   . LEU A 1 172 ? -6.236  -13.170 -26.981 1.00 31.92  ? 247 LEU A O   1 
ATOM   1227 C  CB  . LEU A 1 172 ? -4.486  -11.491 -24.919 1.00 26.52  ? 247 LEU A CB  1 
ATOM   1228 C  CG  . LEU A 1 172 ? -3.909  -10.120 -24.504 1.00 27.07  ? 247 LEU A CG  1 
ATOM   1229 C  CD1 . LEU A 1 172 ? -2.516  -10.242 -23.938 1.00 28.03  ? 247 LEU A CD1 1 
ATOM   1230 C  CD2 . LEU A 1 172 ? -3.912  -9.207  -25.708 1.00 27.18  ? 247 LEU A CD2 1 
ATOM   1231 N  N   . ASP A 1 173 ? -7.050  -13.639 -24.937 1.00 29.44  ? 248 ASP A N   1 
ATOM   1232 C  CA  . ASP A 1 173 ? -7.452  -14.986 -25.325 1.00 35.39  ? 248 ASP A CA  1 
ATOM   1233 C  C   . ASP A 1 173 ? -8.538  -15.125 -26.351 1.00 36.29  ? 248 ASP A C   1 
ATOM   1234 O  O   . ASP A 1 173 ? -9.464  -14.329 -26.409 1.00 38.30  ? 248 ASP A O   1 
ATOM   1235 C  CB  . ASP A 1 173 ? -7.856  -15.809 -24.106 1.00 33.82  ? 248 ASP A CB  1 
ATOM   1236 C  CG  . ASP A 1 173 ? -6.675  -16.287 -23.319 1.00 36.54  ? 248 ASP A CG  1 
ATOM   1237 O  OD1 . ASP A 1 173 ? -5.611  -16.554 -23.927 1.00 44.49  ? 248 ASP A OD1 1 
ATOM   1238 O  OD2 . ASP A 1 173 ? -6.806  -16.413 -22.090 1.00 42.41  ? 248 ASP A OD2 1 
ATOM   1239 N  N   . SER A 1 174 ? -8.404  -16.177 -27.149 1.00 43.22  ? 249 SER A N   1 
ATOM   1240 C  CA  . SER A 1 174 ? -9.351  -16.565 -28.200 1.00 43.62  ? 249 SER A CA  1 
ATOM   1241 C  C   . SER A 1 174 ? -9.087  -18.057 -28.379 1.00 50.60  ? 249 SER A C   1 
ATOM   1242 O  O   . SER A 1 174 ? -7.936  -18.486 -28.349 1.00 48.14  ? 249 SER A O   1 
ATOM   1243 C  CB  . SER A 1 174 ? -9.045  -15.867 -29.534 1.00 42.50  ? 249 SER A CB  1 
ATOM   1244 O  OG  . SER A 1 174 ? -9.702  -14.631 -29.679 1.00 43.56  ? 249 SER A OG  1 
ATOM   1245 N  N   . GLN A 1 175 ? -10.133 -18.853 -28.549 1.00 59.40  ? 250 GLN A N   1 
ATOM   1246 C  CA  . GLN A 1 175 ? -9.934  -20.284 -28.772 1.00 69.43  ? 250 GLN A CA  1 
ATOM   1247 C  C   . GLN A 1 175 ? -9.677  -20.491 -30.276 1.00 74.72  ? 250 GLN A C   1 
ATOM   1248 O  O   . GLN A 1 175 ? -10.493 -20.076 -31.098 1.00 78.74  ? 250 GLN A O   1 
ATOM   1249 C  CB  . GLN A 1 175 ? -11.174 -21.064 -28.323 1.00 68.94  ? 250 GLN A CB  1 
ATOM   1250 C  CG  . GLN A 1 175 ? -11.508 -20.911 -26.839 1.00 71.34  ? 250 GLN A CG  1 
ATOM   1251 C  CD  . GLN A 1 175 ? -10.431 -21.478 -25.917 1.00 74.02  ? 250 GLN A CD  1 
ATOM   1252 O  OE1 . GLN A 1 175 ? -10.574 -21.458 -24.694 1.00 72.57  ? 250 GLN A OE1 1 
ATOM   1253 N  NE2 . GLN A 1 175 ? -9.352  -21.986 -26.502 1.00 76.77  ? 250 GLN A NE2 1 
ATOM   1254 N  N   . VAL A 1 176 ? -8.550  -21.115 -30.628 1.00 78.53  ? 251 VAL A N   1 
ATOM   1255 C  CA  . VAL A 1 176 ? -8.172  -21.345 -32.035 1.00 80.74  ? 251 VAL A CA  1 
ATOM   1256 C  C   . VAL A 1 176 ? -9.303  -21.915 -32.893 1.00 82.88  ? 251 VAL A C   1 
ATOM   1257 O  O   . VAL A 1 176 ? -9.629  -21.288 -33.924 1.00 83.06  ? 251 VAL A O   1 
ATOM   1258 C  CB  . VAL A 1 176 ? -6.953  -22.315 -32.174 1.00 80.39  ? 251 VAL A CB  1 
ATOM   1259 C  CG1 . VAL A 1 176 ? -6.487  -22.359 -33.627 1.00 78.97  ? 251 VAL A CG1 1 
ATOM   1260 C  CG2 . VAL A 1 176 ? -5.812  -21.880 -31.272 1.00 77.15  ? 251 VAL A CG2 1 
HETATM 1261 O  O   . HOH B 2 .   ? -11.718 -9.086  -5.973  1.00 29.44  ? 1   HOH A O   1 
HETATM 1262 O  O   . HOH B 2 .   ? -0.409  -10.153 7.180   1.00 28.62  ? 2   HOH A O   1 
HETATM 1263 O  O   . HOH B 2 .   ? -11.948 -5.671  -22.310 1.00 28.09  ? 3   HOH A O   1 
HETATM 1264 O  O   . HOH B 2 .   ? -3.069  -7.351  2.211   1.00 23.36  ? 4   HOH A O   1 
HETATM 1265 O  O   . HOH B 2 .   ? -10.335 8.767   -7.496  1.00 26.64  ? 5   HOH A O   1 
HETATM 1266 O  O   . HOH B 2 .   ? -9.980  -6.527  7.037   1.00 22.39  ? 6   HOH A O   1 
HETATM 1267 O  O   . HOH B 2 .   ? 2.686   7.440   9.331   1.00 34.64  ? 7   HOH A O   1 
HETATM 1268 O  O   . HOH B 2 .   ? -11.887 -9.889  3.090   1.00 23.61  ? 8   HOH A O   1 
HETATM 1269 O  O   . HOH B 2 .   ? -4.574  -9.226  -6.481  1.00 37.19  ? 9   HOH A O   1 
HETATM 1270 O  O   . HOH B 2 .   ? 14.726  4.428   2.352   1.00 42.27  ? 10  HOH A O   1 
HETATM 1271 O  O   . HOH B 2 .   ? -2.517  -6.582  -0.363  1.00 31.04  ? 11  HOH A O   1 
HETATM 1272 O  O   . HOH B 2 .   ? -2.250  9.717   -4.054  1.00 30.33  ? 12  HOH A O   1 
HETATM 1273 O  O   . HOH B 2 .   ? -5.652  -6.139  -20.749 1.00 31.52  ? 13  HOH A O   1 
HETATM 1274 O  O   . HOH B 2 .   ? -0.581  -9.946  2.901   1.00 29.81  ? 14  HOH A O   1 
HETATM 1275 O  O   . HOH B 2 .   ? -4.264  -7.644  -2.283  1.00 29.06  ? 15  HOH A O   1 
HETATM 1276 O  O   . HOH B 2 .   ? -11.446 -7.031  -15.238 1.00 43.75  ? 16  HOH A O   1 
HETATM 1277 O  O   . HOH B 2 .   ? 16.547  2.758   9.217   1.00 48.91  ? 17  HOH A O   1 
HETATM 1278 O  O   . HOH B 2 .   ? -1.333  15.320  19.934  1.00 48.34  ? 18  HOH A O   1 
HETATM 1279 O  O   . HOH B 2 .   ? -13.358 -7.679  -7.549  1.00 29.93  ? 19  HOH A O   1 
HETATM 1280 O  O   . HOH B 2 .   ? -2.466  1.423   -12.139 1.00 84.51  ? 20  HOH A O   1 
HETATM 1281 O  O   . HOH B 2 .   ? -3.798  16.859  18.324  1.00 51.79  ? 21  HOH A O   1 
HETATM 1282 O  O   . HOH B 2 .   ? 11.250  -2.627  -0.169  1.00 52.27  ? 22  HOH A O   1 
HETATM 1283 O  O   . HOH B 2 .   ? -12.049 -11.413 -13.671 1.00 49.68  ? 23  HOH A O   1 
HETATM 1284 O  O   . HOH B 2 .   ? -1.235  6.127   -3.620  1.00 25.82  ? 24  HOH A O   1 
HETATM 1285 O  O   . HOH B 2 .   ? -12.110 7.224   -5.983  1.00 29.22  ? 25  HOH A O   1 
HETATM 1286 O  O   . HOH B 2 .   ? -19.792 -3.012  -6.790  1.00 35.41  ? 26  HOH A O   1 
HETATM 1287 O  O   . HOH B 2 .   ? -7.117  -12.328 -17.024 1.00 41.09  ? 27  HOH A O   1 
HETATM 1288 O  O   . HOH B 2 .   ? -11.378 -12.192 -10.045 1.00 42.62  ? 28  HOH A O   1 
HETATM 1289 O  O   . HOH B 2 .   ? -5.324  -3.798  -16.220 1.00 35.40  ? 29  HOH A O   1 
HETATM 1290 O  O   . HOH B 2 .   ? 17.734  -1.502  19.960  1.00 49.76  ? 30  HOH A O   1 
HETATM 1291 O  O   . HOH B 2 .   ? -20.355 -7.023  -0.910  1.00 41.84  ? 31  HOH A O   1 
HETATM 1292 O  O   . HOH B 2 .   ? 13.011  5.535   -17.486 1.00 67.04  ? 32  HOH A O   1 
HETATM 1293 O  O   . HOH B 2 .   ? -0.764  12.572  5.310   1.00 36.88  ? 33  HOH A O   1 
HETATM 1294 O  O   . HOH B 2 .   ? -1.511  -13.351 0.479   1.00 45.01  ? 34  HOH A O   1 
HETATM 1295 O  O   . HOH B 2 .   ? 7.602   10.654  -15.896 1.00 58.21  ? 35  HOH A O   1 
HETATM 1296 O  O   . HOH B 2 .   ? 4.751   -9.667  8.245   1.00 37.63  ? 36  HOH A O   1 
HETATM 1297 O  O   . HOH B 2 .   ? -11.214 -13.518 -32.353 1.00 42.42  ? 37  HOH A O   1 
HETATM 1298 O  O   . HOH B 2 .   ? -5.174  -11.056 -12.125 1.00 38.43  ? 38  HOH A O   1 
HETATM 1299 O  O   . HOH B 2 .   ? 12.034  4.337   -10.751 1.00 46.28  ? 39  HOH A O   1 
HETATM 1300 O  O   . HOH B 2 .   ? -17.168 2.564   3.246   1.00 55.19  ? 40  HOH A O   1 
HETATM 1301 O  O   . HOH B 2 .   ? 0.252   -12.586 3.195   1.00 54.25  ? 41  HOH A O   1 
HETATM 1302 O  O   . HOH B 2 .   ? -8.889  -4.771  -19.502 1.00 40.45  ? 42  HOH A O   1 
HETATM 1303 O  O   . HOH B 2 .   ? 11.539  9.619   3.786   1.00 40.49  ? 43  HOH A O   1 
HETATM 1304 O  O   . HOH B 2 .   ? -14.722 5.713   2.057   1.00 49.92  ? 44  HOH A O   1 
HETATM 1305 O  O   . HOH B 2 .   ? -5.115  -0.761  -15.095 1.00 33.03  ? 45  HOH A O   1 
HETATM 1306 O  O   . HOH B 2 .   ? -18.126 -1.172  -7.468  1.00 42.14  ? 46  HOH A O   1 
HETATM 1307 O  O   . HOH B 2 .   ? -3.235  3.526   -10.734 1.00 51.65  ? 47  HOH A O   1 
HETATM 1308 O  O   . HOH B 2 .   ? -12.535 2.306   -1.084  1.00 25.46  ? 48  HOH A O   1 
HETATM 1309 O  O   . HOH B 2 .   ? -7.452  10.422  2.291   1.00 52.99  ? 49  HOH A O   1 
HETATM 1310 O  O   . HOH B 2 .   ? 4.578   14.110  4.352   1.00 46.66  ? 50  HOH A O   1 
HETATM 1311 O  O   . HOH B 2 .   ? 5.618   13.608  1.926   1.00 52.31  ? 51  HOH A O   1 
HETATM 1312 O  O   . HOH B 2 .   ? 14.106  7.344   -4.689  1.00 48.25  ? 52  HOH A O   1 
HETATM 1313 O  O   . HOH B 2 .   ? 16.550  6.864   2.696   1.00 46.06  ? 53  HOH A O   1 
HETATM 1314 O  O   . HOH B 2 .   ? 11.258  10.662  6.137   1.00 44.22  ? 54  HOH A O   1 
HETATM 1315 O  O   . HOH B 2 .   ? 14.873  4.716   -5.309  1.00 59.67  ? 55  HOH A O   1 
HETATM 1316 O  O   . HOH B 2 .   ? -6.036  -10.547 -15.056 1.00 31.05  ? 56  HOH A O   1 
HETATM 1317 O  O   . HOH B 2 .   ? -5.531  -20.530 -28.958 1.00 43.34  ? 57  HOH A O   1 
HETATM 1318 O  O   . HOH B 2 .   ? -2.088  6.478   -6.048  1.00 40.62  ? 58  HOH A O   1 
HETATM 1319 O  O   . HOH B 2 .   ? -1.175  -7.602  9.398   1.00 39.91  ? 59  HOH A O   1 
HETATM 1320 O  O   . HOH B 2 .   ? -21.283 -2.158  -4.727  1.00 54.21  ? 60  HOH A O   1 
HETATM 1321 O  O   . HOH B 2 .   ? -12.681 -18.396 -27.641 1.00 58.96  ? 61  HOH A O   1 
HETATM 1322 O  O   . HOH B 2 .   ? -11.769 -2.484  -16.244 1.00 40.98  ? 62  HOH A O   1 
HETATM 1323 O  O   . HOH B 2 .   ? -12.393 6.968   3.599   1.00 41.90  ? 63  HOH A O   1 
HETATM 1324 O  O   . HOH B 2 .   ? -4.805  -13.894 3.919   0.50 24.24  ? 64  HOH A O   1 
HETATM 1325 O  O   . HOH B 2 .   ? -2.768  -14.194 5.700   1.00 54.52  ? 65  HOH A O   1 
HETATM 1326 O  O   . HOH B 2 .   ? -16.504 5.235   -0.236  1.00 39.42  ? 66  HOH A O   1 
HETATM 1327 O  O   . HOH B 2 .   ? 11.223  8.307   15.734  1.00 45.38  ? 67  HOH A O   1 
HETATM 1328 O  O   . HOH B 2 .   ? 13.551  10.885  2.640   1.00 48.49  ? 68  HOH A O   1 
# 
